data_1YP4
#
_entry.id   1YP4
#
_cell.length_a   79.857
_cell.length_b   137.964
_cell.length_c   90.832
_cell.angle_alpha   90.00
_cell.angle_beta   112.91
_cell.angle_gamma   90.00
#
_symmetry.space_group_name_H-M   'P 1 21 1'
#
loop_
_entity.id
_entity.type
_entity.pdbx_description
1 polymer 'Glucose-1-phosphate adenylyltransferase small subunit'
2 non-polymer 'SULFATE ION'
3 non-polymer "ADENOSINE-5'-DIPHOSPHATE"
4 non-polymer "ADENOSINE-5'-DIPHOSPHATE-GLUCOSE"
5 water water
#
_entity_poly.entity_id   1
_entity_poly.type   'polypeptide(L)'
_entity_poly.pdbx_seq_one_letter_code
;MAVSDSQNSQTCLDPDASRSVLGIILGGGAGTRLYPLTKKRAKPAVPLGANYRLIDIPVSNCLNSNISKIYVLTQFNSAS
LNRHLSRAYASNMGGYKNEGFVEVLAAQQSPENPDWFQGTADAVRQYLWLFEEHTVLEYLILAGDHLYRMDYEKFIQAHR
ETDADITVAALPMDEKRATAFGLMKIDEEGRIIEFAEKPQGEQLQAMKVDTTILGLDDKRAKEMPFIASMGIYVISKDVM
LNLLRDKFPGANDFGSEVIPGATSLGMRVQAYLYDGYWEDIGTIEAFYNANLGITKKPVPDFSFYDRSAPIYTQPRYLPP
SKMLDADVTDSVIGEGCVIKNCKIHHSVVGLRSCISEGAIIEDSLLMGADYYETDADRKLLAAKGSVPIGIGKNCHIKRA
IIDKNARIGDNVKIINKDNVQEAARETDGYFIKSGIVTVIKDALIPSGIII
;
_entity_poly.pdbx_strand_id   A,B,C,D
#
# COMPACT_ATOMS: atom_id res chain seq x y z
N THR A 11 -26.00 5.49 13.93
CA THR A 11 -25.33 4.41 14.73
C THR A 11 -24.32 3.63 13.89
N CYS A 12 -24.46 2.31 13.86
CA CYS A 12 -23.55 1.45 13.12
C CYS A 12 -24.25 0.49 12.15
N LEU A 13 -23.61 0.22 11.01
CA LEU A 13 -24.15 -0.67 10.00
C LEU A 13 -23.62 -2.09 10.21
N ASP A 14 -24.49 -3.07 10.00
CA ASP A 14 -24.08 -4.45 10.17
C ASP A 14 -24.90 -5.36 9.28
N PRO A 15 -24.26 -5.99 8.27
CA PRO A 15 -22.84 -5.89 7.93
C PRO A 15 -22.42 -4.48 7.51
N ASP A 16 -21.15 -4.14 7.72
CA ASP A 16 -20.67 -2.81 7.35
C ASP A 16 -20.65 -2.56 5.84
N ALA A 17 -20.80 -1.29 5.48
CA ALA A 17 -20.82 -0.81 4.11
C ALA A 17 -19.66 -1.27 3.25
N SER A 18 -18.52 -1.50 3.89
CA SER A 18 -17.33 -1.93 3.19
C SER A 18 -17.53 -3.26 2.46
N ARG A 19 -18.21 -4.19 3.12
CA ARG A 19 -18.46 -5.52 2.57
C ARG A 19 -19.86 -5.70 1.97
N SER A 20 -20.83 -4.91 2.40
CA SER A 20 -22.21 -5.07 1.93
C SER A 20 -22.78 -4.02 1.00
N VAL A 21 -21.98 -3.04 0.60
CA VAL A 21 -22.47 -2.00 -0.28
C VAL A 21 -21.59 -1.84 -1.52
N LEU A 22 -22.21 -1.54 -2.64
CA LEU A 22 -21.48 -1.32 -3.88
C LEU A 22 -21.83 0.07 -4.38
N GLY A 23 -20.83 0.94 -4.49
CA GLY A 23 -21.10 2.28 -4.95
C GLY A 23 -21.01 2.28 -6.45
N ILE A 24 -22.01 2.88 -7.11
CA ILE A 24 -22.04 2.95 -8.56
C ILE A 24 -22.25 4.41 -8.94
N ILE A 25 -21.22 5.03 -9.48
CA ILE A 25 -21.29 6.43 -9.85
C ILE A 25 -21.66 6.62 -11.32
N LEU A 26 -22.62 7.51 -11.56
CA LEU A 26 -23.05 7.81 -12.92
C LEU A 26 -22.24 9.01 -13.35
N GLY A 27 -21.00 8.72 -13.74
CA GLY A 27 -20.05 9.75 -14.17
C GLY A 27 -20.41 10.72 -15.28
N GLY A 28 -21.27 10.30 -16.20
CA GLY A 28 -21.64 11.18 -17.26
C GLY A 28 -21.86 10.47 -18.58
N GLY A 29 -22.56 11.15 -19.48
CA GLY A 29 -22.81 10.62 -20.80
C GLY A 29 -21.82 11.25 -21.76
N ALA A 30 -22.32 11.81 -22.86
CA ALA A 30 -21.47 12.43 -23.87
C ALA A 30 -20.92 13.77 -23.39
N GLY A 31 -21.36 14.19 -22.21
CA GLY A 31 -20.91 15.43 -21.62
C GLY A 31 -21.38 16.65 -22.38
N THR A 32 -22.58 16.54 -22.94
CA THR A 32 -23.15 17.63 -23.73
C THR A 32 -23.43 18.90 -22.95
N ARG A 33 -23.67 18.76 -21.64
CA ARG A 33 -23.99 19.88 -20.78
C ARG A 33 -22.80 20.72 -20.27
N LEU A 34 -21.62 20.12 -20.15
CA LEU A 34 -20.47 20.87 -19.66
C LEU A 34 -19.47 21.15 -20.79
N TYR A 35 -19.94 21.05 -22.02
CA TYR A 35 -19.09 21.30 -23.17
C TYR A 35 -18.68 22.78 -23.14
N PRO A 36 -17.43 23.08 -23.51
CA PRO A 36 -16.35 22.19 -23.96
C PRO A 36 -15.38 21.67 -22.88
N LEU A 37 -15.78 21.73 -21.61
CA LEU A 37 -14.91 21.24 -20.55
C LEU A 37 -14.78 19.74 -20.74
N THR A 38 -15.69 19.20 -21.53
CA THR A 38 -15.73 17.78 -21.80
C THR A 38 -15.25 17.38 -23.19
N LYS A 39 -14.75 18.33 -23.97
CA LYS A 39 -14.25 18.03 -25.30
C LYS A 39 -13.15 16.99 -25.20
N LYS A 40 -13.45 15.75 -25.59
CA LYS A 40 -12.48 14.64 -25.53
C LYS A 40 -12.00 14.37 -24.10
N ARG A 41 -12.87 14.67 -23.15
CA ARG A 41 -12.54 14.46 -21.76
C ARG A 41 -13.81 13.95 -21.06
N ALA A 42 -13.76 12.72 -20.58
CA ALA A 42 -14.90 12.13 -19.88
C ALA A 42 -15.27 13.11 -18.74
N LYS A 43 -16.56 13.29 -18.51
CA LYS A 43 -17.03 14.23 -17.49
C LYS A 43 -16.40 14.11 -16.10
N PRO A 44 -16.18 12.86 -15.63
CA PRO A 44 -15.57 12.67 -14.30
C PRO A 44 -14.15 13.26 -14.18
N ALA A 45 -13.48 13.48 -15.31
CA ALA A 45 -12.13 14.02 -15.27
C ALA A 45 -12.06 15.54 -15.28
N VAL A 46 -13.19 16.20 -15.49
CA VAL A 46 -13.16 17.66 -15.52
C VAL A 46 -12.56 18.26 -14.25
N PRO A 47 -11.56 19.14 -14.41
CA PRO A 47 -10.83 19.83 -13.34
C PRO A 47 -11.76 20.69 -12.47
N LEU A 48 -11.56 20.63 -11.16
CA LEU A 48 -12.40 21.36 -10.21
C LEU A 48 -11.63 21.98 -9.04
N GLY A 49 -12.08 23.15 -8.59
CA GLY A 49 -11.49 23.81 -7.44
C GLY A 49 -9.98 23.85 -7.35
N ALA A 50 -9.34 24.12 -8.48
CA ALA A 50 -7.88 24.23 -8.56
C ALA A 50 -7.06 22.96 -8.46
N ASN A 51 -7.34 22.11 -7.47
CA ASN A 51 -6.55 20.90 -7.29
C ASN A 51 -7.29 19.57 -7.44
N TYR A 52 -8.56 19.59 -7.81
CA TYR A 52 -9.30 18.33 -7.93
C TYR A 52 -9.94 18.10 -9.30
N ARG A 53 -10.76 17.05 -9.34
CA ARG A 53 -11.50 16.67 -10.54
C ARG A 53 -12.90 16.31 -10.03
N LEU A 54 -13.92 16.46 -10.86
CA LEU A 54 -15.30 16.15 -10.44
C LEU A 54 -15.45 14.85 -9.71
N ILE A 55 -14.89 13.80 -10.31
CA ILE A 55 -14.97 12.45 -9.78
C ILE A 55 -14.51 12.36 -8.33
N ASP A 56 -13.66 13.28 -7.90
CA ASP A 56 -13.18 13.21 -6.52
C ASP A 56 -14.31 13.39 -5.54
N ILE A 57 -15.34 14.14 -5.92
CA ILE A 57 -16.45 14.36 -5.01
C ILE A 57 -17.17 13.07 -4.60
N PRO A 58 -17.81 12.36 -5.54
CA PRO A 58 -18.48 11.13 -5.11
C PRO A 58 -17.57 10.02 -4.60
N VAL A 59 -16.37 9.89 -5.14
CA VAL A 59 -15.45 8.85 -4.66
C VAL A 59 -14.99 9.13 -3.22
N SER A 60 -14.85 10.41 -2.87
CA SER A 60 -14.44 10.78 -1.52
C SER A 60 -15.59 10.52 -0.55
N ASN A 61 -16.78 10.95 -0.93
CA ASN A 61 -17.94 10.72 -0.07
C ASN A 61 -18.07 9.22 0.23
N CYS A 62 -17.86 8.36 -0.75
CA CYS A 62 -17.93 6.92 -0.53
C CYS A 62 -16.86 6.46 0.44
N LEU A 63 -15.63 6.91 0.17
CA LEU A 63 -14.49 6.55 1.00
C LEU A 63 -14.64 6.99 2.45
N ASN A 64 -15.14 8.19 2.64
CA ASN A 64 -15.33 8.71 3.98
C ASN A 64 -16.56 8.05 4.61
N SER A 65 -17.34 7.34 3.80
CA SER A 65 -18.54 6.65 4.25
C SER A 65 -18.29 5.16 4.39
N ASN A 66 -17.03 4.77 4.40
CA ASN A 66 -16.66 3.36 4.55
C ASN A 66 -17.10 2.49 3.37
N ILE A 67 -17.30 3.10 2.21
CA ILE A 67 -17.68 2.37 1.01
C ILE A 67 -16.42 2.30 0.13
N SER A 68 -15.84 1.11 0.03
CA SER A 68 -14.60 0.91 -0.73
C SER A 68 -14.71 0.29 -2.13
N LYS A 69 -15.84 -0.35 -2.44
CA LYS A 69 -16.00 -0.94 -3.77
C LYS A 69 -16.75 0.07 -4.60
N ILE A 70 -16.07 0.67 -5.57
CA ILE A 70 -16.68 1.71 -6.38
C ILE A 70 -16.50 1.51 -7.89
N TYR A 71 -17.59 1.69 -8.63
CA TYR A 71 -17.56 1.60 -10.09
C TYR A 71 -17.96 2.97 -10.60
N VAL A 72 -17.26 3.43 -11.61
CA VAL A 72 -17.55 4.71 -12.22
C VAL A 72 -18.00 4.46 -13.65
N LEU A 73 -19.28 4.69 -13.91
CA LEU A 73 -19.86 4.52 -15.24
C LEU A 73 -19.75 5.81 -16.01
N THR A 74 -19.28 5.71 -17.24
CA THR A 74 -19.12 6.85 -18.12
C THR A 74 -19.24 6.40 -19.58
N GLN A 75 -20.11 7.06 -20.34
CA GLN A 75 -20.34 6.71 -21.74
C GLN A 75 -19.04 6.57 -22.52
N PHE A 76 -18.12 7.52 -22.37
CA PHE A 76 -16.83 7.37 -23.05
C PHE A 76 -15.73 7.38 -21.99
N ASN A 77 -14.54 6.90 -22.35
CA ASN A 77 -13.44 6.83 -21.42
C ASN A 77 -12.49 8.01 -21.61
N SER A 78 -11.45 8.07 -20.78
CA SER A 78 -10.46 9.14 -20.84
C SER A 78 -9.15 8.72 -20.18
N ALA A 79 -8.02 9.03 -20.82
CA ALA A 79 -6.72 8.68 -20.27
C ALA A 79 -6.47 9.38 -18.93
N SER A 80 -6.81 10.66 -18.82
CA SER A 80 -6.59 11.35 -17.55
C SER A 80 -7.44 10.80 -16.40
N LEU A 81 -8.65 10.34 -16.71
CA LEU A 81 -9.52 9.76 -15.69
C LEU A 81 -8.86 8.49 -15.16
N ASN A 82 -8.40 7.63 -16.06
CA ASN A 82 -7.76 6.42 -15.62
C ASN A 82 -6.48 6.66 -14.82
N ARG A 83 -5.67 7.64 -15.23
CA ARG A 83 -4.45 7.88 -14.50
C ARG A 83 -4.81 8.41 -13.12
N HIS A 84 -5.77 9.34 -13.09
CA HIS A 84 -6.18 9.95 -11.83
C HIS A 84 -6.69 8.93 -10.83
N LEU A 85 -7.61 8.07 -11.26
CA LEU A 85 -8.17 7.06 -10.38
C LEU A 85 -7.09 6.07 -10.00
N SER A 86 -6.26 5.72 -10.98
CA SER A 86 -5.18 4.78 -10.75
C SER A 86 -4.26 5.29 -9.65
N ARG A 87 -3.70 6.48 -9.87
CA ARG A 87 -2.76 7.07 -8.91
C ARG A 87 -3.35 7.59 -7.60
N ALA A 88 -4.58 8.11 -7.63
CA ALA A 88 -5.18 8.66 -6.42
C ALA A 88 -5.85 7.66 -5.51
N TYR A 89 -6.32 6.55 -6.06
CA TYR A 89 -6.99 5.55 -5.25
C TYR A 89 -6.56 4.12 -5.60
N ALA A 90 -7.54 3.27 -5.90
CA ALA A 90 -7.33 1.87 -6.25
C ALA A 90 -5.87 1.53 -6.57
N GLY A 100 -10.63 -2.86 -1.35
CA GLY A 100 -11.63 -2.35 -2.27
C GLY A 100 -11.10 -1.99 -3.66
N PHE A 101 -11.78 -1.06 -4.34
CA PHE A 101 -11.37 -0.63 -5.68
C PHE A 101 -12.21 0.51 -6.23
N VAL A 102 -11.65 1.21 -7.22
CA VAL A 102 -12.33 2.29 -7.94
C VAL A 102 -12.06 2.02 -9.43
N GLU A 103 -13.10 1.58 -10.15
CA GLU A 103 -12.97 1.21 -11.56
C GLU A 103 -13.94 1.84 -12.53
N VAL A 104 -13.40 2.20 -13.70
CA VAL A 104 -14.20 2.79 -14.77
C VAL A 104 -14.87 1.73 -15.62
N LEU A 105 -16.18 1.85 -15.80
CA LEU A 105 -16.94 0.94 -16.65
C LEU A 105 -17.46 1.84 -17.74
N ALA A 106 -16.76 1.82 -18.86
CA ALA A 106 -17.09 2.64 -20.01
C ALA A 106 -18.02 1.94 -20.99
N ALA A 107 -18.87 2.74 -21.63
CA ALA A 107 -19.81 2.24 -22.60
C ALA A 107 -19.10 2.18 -23.94
N GLN A 108 -18.18 3.12 -24.14
CA GLN A 108 -17.41 3.22 -25.37
C GLN A 108 -15.94 3.44 -25.02
N GLN A 109 -15.06 2.54 -25.46
CA GLN A 109 -13.63 2.67 -25.17
C GLN A 109 -12.89 3.56 -26.17
N SER A 110 -13.19 4.85 -26.10
CA SER A 110 -12.56 5.85 -26.95
C SER A 110 -12.70 7.20 -26.23
N PRO A 111 -11.70 8.07 -26.37
CA PRO A 111 -11.74 9.39 -25.70
C PRO A 111 -12.63 10.39 -26.43
N GLU A 112 -13.14 10.02 -27.59
CA GLU A 112 -13.98 10.89 -28.39
C GLU A 112 -15.38 10.99 -27.82
N ASN A 113 -15.97 12.18 -27.93
CA ASN A 113 -17.32 12.41 -27.45
C ASN A 113 -18.30 11.62 -28.31
N PRO A 114 -19.04 10.68 -27.70
CA PRO A 114 -20.01 9.88 -28.47
C PRO A 114 -21.08 10.79 -29.06
N ASP A 115 -21.49 10.55 -30.31
CA ASP A 115 -22.55 11.34 -30.91
C ASP A 115 -23.87 10.62 -30.73
N TRP A 116 -23.83 9.43 -30.12
CA TRP A 116 -25.03 8.65 -29.89
C TRP A 116 -25.47 8.71 -28.42
N PHE A 117 -26.78 8.60 -28.18
CA PHE A 117 -27.34 8.68 -26.84
C PHE A 117 -27.45 7.39 -26.05
N GLN A 118 -27.14 7.49 -24.75
CA GLN A 118 -27.25 6.38 -23.80
C GLN A 118 -27.75 6.98 -22.48
N GLY A 119 -28.89 6.47 -22.01
CA GLY A 119 -29.45 6.97 -20.76
C GLY A 119 -28.84 6.25 -19.57
N THR A 120 -29.05 6.78 -18.38
CA THR A 120 -28.50 6.16 -17.17
C THR A 120 -29.02 4.76 -16.90
N ALA A 121 -30.27 4.50 -17.22
CA ALA A 121 -30.82 3.15 -17.01
C ALA A 121 -30.09 2.20 -17.93
N ASP A 122 -29.85 2.63 -19.18
CA ASP A 122 -29.13 1.81 -20.16
C ASP A 122 -27.72 1.52 -19.64
N ALA A 123 -27.04 2.57 -19.18
CA ALA A 123 -25.69 2.46 -18.64
C ALA A 123 -25.61 1.39 -17.56
N VAL A 124 -26.47 1.49 -16.57
CA VAL A 124 -26.47 0.51 -15.49
C VAL A 124 -26.89 -0.88 -16.00
N ARG A 125 -27.87 -0.92 -16.91
CA ARG A 125 -28.35 -2.19 -17.45
C ARG A 125 -27.23 -3.00 -18.08
N GLN A 126 -26.45 -2.36 -18.94
CA GLN A 126 -25.34 -3.03 -19.62
C GLN A 126 -24.37 -3.74 -18.69
N TYR A 127 -24.12 -3.18 -17.51
CA TYR A 127 -23.18 -3.82 -16.59
C TYR A 127 -23.81 -4.55 -15.41
N LEU A 128 -25.14 -4.68 -15.39
CA LEU A 128 -25.81 -5.38 -14.28
C LEU A 128 -25.15 -6.73 -14.04
N TRP A 129 -24.84 -7.44 -15.12
CA TRP A 129 -24.21 -8.74 -15.01
C TRP A 129 -22.93 -8.66 -14.17
N LEU A 130 -22.23 -7.53 -14.23
CA LEU A 130 -20.99 -7.37 -13.46
C LEU A 130 -21.26 -7.04 -11.99
N PHE A 131 -22.19 -6.13 -11.73
CA PHE A 131 -22.51 -5.77 -10.33
C PHE A 131 -23.10 -6.99 -9.64
N GLU A 132 -23.73 -7.87 -10.41
CA GLU A 132 -24.34 -9.09 -9.86
C GLU A 132 -23.32 -10.05 -9.27
N GLU A 133 -22.06 -9.95 -9.71
CA GLU A 133 -20.99 -10.83 -9.25
C GLU A 133 -20.50 -10.49 -7.83
N HIS A 134 -20.86 -9.29 -7.36
CA HIS A 134 -20.46 -8.83 -6.04
C HIS A 134 -21.49 -9.20 -4.98
N THR A 135 -21.04 -9.85 -3.92
CA THR A 135 -21.95 -10.23 -2.83
C THR A 135 -22.22 -9.06 -1.90
N VAL A 136 -23.20 -8.24 -2.25
CA VAL A 136 -23.57 -7.08 -1.46
C VAL A 136 -25.07 -7.06 -1.16
N LEU A 137 -25.50 -6.14 -0.30
CA LEU A 137 -26.91 -6.04 0.05
C LEU A 137 -27.55 -4.96 -0.78
N GLU A 138 -26.81 -3.88 -1.00
CA GLU A 138 -27.33 -2.76 -1.77
C GLU A 138 -26.30 -2.13 -2.71
N TYR A 139 -26.83 -1.33 -3.62
CA TYR A 139 -26.05 -0.58 -4.58
C TYR A 139 -26.35 0.86 -4.18
N LEU A 140 -25.31 1.66 -4.05
CA LEU A 140 -25.46 3.06 -3.73
C LEU A 140 -25.28 3.80 -5.05
N ILE A 141 -26.35 4.35 -5.61
CA ILE A 141 -26.29 5.06 -6.88
C ILE A 141 -26.07 6.57 -6.75
N LEU A 142 -24.94 7.07 -7.27
CA LEU A 142 -24.62 8.48 -7.18
C LEU A 142 -24.45 9.22 -8.50
N ALA A 143 -24.96 10.44 -8.58
CA ALA A 143 -24.78 11.23 -9.79
C ALA A 143 -23.36 11.80 -9.66
N GLY A 144 -22.68 12.03 -10.78
CA GLY A 144 -21.34 12.56 -10.69
C GLY A 144 -21.23 14.01 -11.11
N ASP A 145 -22.29 14.80 -10.93
CA ASP A 145 -22.30 16.21 -11.31
C ASP A 145 -22.67 17.22 -10.21
N HIS A 146 -22.57 16.82 -8.95
CA HIS A 146 -22.96 17.70 -7.86
C HIS A 146 -21.83 17.98 -6.87
N LEU A 147 -21.84 19.17 -6.28
CA LEU A 147 -20.82 19.54 -5.29
C LEU A 147 -21.43 19.41 -3.91
N TYR A 148 -20.92 18.50 -3.09
CA TYR A 148 -21.48 18.30 -1.76
C TYR A 148 -20.74 17.26 -0.95
N ARG A 149 -21.00 17.24 0.36
CA ARG A 149 -20.39 16.27 1.28
C ARG A 149 -21.55 15.54 1.92
N MET A 150 -21.40 14.24 2.12
CA MET A 150 -22.45 13.45 2.75
C MET A 150 -21.93 12.13 3.25
N ASP A 151 -22.33 11.79 4.46
CA ASP A 151 -21.96 10.53 5.06
C ASP A 151 -23.15 9.64 4.67
N TYR A 152 -22.89 8.72 3.76
CA TYR A 152 -23.94 7.84 3.27
C TYR A 152 -24.35 6.75 4.25
N GLU A 153 -23.65 6.65 5.37
CA GLU A 153 -23.93 5.60 6.36
C GLU A 153 -25.34 5.62 6.97
N LYS A 154 -25.76 6.77 7.46
CA LYS A 154 -27.09 6.90 8.06
C LYS A 154 -28.15 6.67 6.99
N PHE A 155 -27.83 7.12 5.78
CA PHE A 155 -28.68 7.00 4.61
C PHE A 155 -28.97 5.52 4.38
N ILE A 156 -27.91 4.73 4.33
CA ILE A 156 -28.03 3.31 4.12
C ILE A 156 -28.61 2.58 5.32
N GLN A 157 -28.39 3.11 6.52
CA GLN A 157 -28.94 2.49 7.71
C GLN A 157 -30.47 2.64 7.69
N ALA A 158 -30.93 3.87 7.41
CA ALA A 158 -32.35 4.15 7.33
C ALA A 158 -32.98 3.17 6.34
N HIS A 159 -32.33 3.03 5.19
CA HIS A 159 -32.82 2.15 4.15
C HIS A 159 -33.07 0.75 4.71
N ARG A 160 -32.15 0.29 5.56
CA ARG A 160 -32.28 -1.03 6.16
C ARG A 160 -33.36 -1.11 7.24
N GLU A 161 -33.47 -0.06 8.05
CA GLU A 161 -34.46 -0.03 9.13
C GLU A 161 -35.90 0.09 8.64
N THR A 162 -36.13 0.88 7.59
CA THR A 162 -37.46 1.04 7.02
C THR A 162 -37.82 -0.15 6.11
N ASP A 163 -36.86 -1.04 5.87
CA ASP A 163 -37.07 -2.22 5.03
C ASP A 163 -37.44 -1.80 3.60
N ALA A 164 -36.85 -0.69 3.16
CA ALA A 164 -37.13 -0.18 1.84
C ALA A 164 -36.43 -0.96 0.72
N ASP A 165 -36.99 -0.88 -0.49
CA ASP A 165 -36.40 -1.52 -1.66
C ASP A 165 -35.55 -0.45 -2.32
N ILE A 166 -35.98 0.80 -2.16
CA ILE A 166 -35.29 1.96 -2.69
C ILE A 166 -35.44 3.15 -1.72
N THR A 167 -34.32 3.82 -1.42
CA THR A 167 -34.36 4.99 -0.55
C THR A 167 -33.86 6.16 -1.39
N VAL A 168 -34.62 7.25 -1.39
CA VAL A 168 -34.28 8.41 -2.19
C VAL A 168 -33.91 9.64 -1.37
N ALA A 169 -32.69 10.13 -1.52
CA ALA A 169 -32.24 11.33 -0.80
C ALA A 169 -33.11 12.49 -1.28
N ALA A 170 -33.79 13.17 -0.35
CA ALA A 170 -34.68 14.28 -0.67
C ALA A 170 -34.15 15.64 -0.25
N LEU A 171 -34.19 16.59 -1.17
CA LEU A 171 -33.72 17.95 -0.92
C LEU A 171 -34.90 18.90 -0.86
N PRO A 172 -35.08 19.59 0.29
CA PRO A 172 -36.21 20.53 0.39
C PRO A 172 -35.91 21.86 -0.28
N MET A 173 -36.93 22.48 -0.84
CA MET A 173 -36.75 23.76 -1.51
C MET A 173 -38.06 24.52 -1.61
N ASP A 174 -37.98 25.78 -2.03
CA ASP A 174 -39.16 26.62 -2.18
C ASP A 174 -39.76 26.54 -3.58
N GLU A 175 -40.93 27.14 -3.75
CA GLU A 175 -41.65 27.14 -5.01
C GLU A 175 -40.85 27.62 -6.24
N LYS A 176 -39.94 28.58 -6.05
CA LYS A 176 -39.17 29.09 -7.20
C LYS A 176 -38.09 28.13 -7.70
N ARG A 177 -37.44 27.42 -6.79
CA ARG A 177 -36.39 26.48 -7.18
C ARG A 177 -36.94 25.12 -7.64
N ALA A 178 -38.09 24.72 -7.10
CA ALA A 178 -38.68 23.42 -7.40
C ALA A 178 -39.04 23.09 -8.85
N THR A 179 -39.50 24.08 -9.62
CA THR A 179 -39.87 23.82 -11.01
C THR A 179 -38.73 23.27 -11.87
N ALA A 180 -37.55 23.10 -11.28
CA ALA A 180 -36.40 22.62 -12.02
C ALA A 180 -35.97 21.22 -11.62
N PHE A 181 -36.76 20.57 -10.78
CA PHE A 181 -36.42 19.22 -10.30
C PHE A 181 -37.57 18.22 -10.40
N GLY A 182 -37.27 16.96 -10.13
CA GLY A 182 -38.27 15.92 -10.11
C GLY A 182 -38.69 15.84 -8.66
N LEU A 183 -39.88 16.34 -8.35
CA LEU A 183 -40.39 16.37 -6.99
C LEU A 183 -41.01 15.05 -6.60
N MET A 184 -41.21 14.89 -5.30
CA MET A 184 -41.81 13.67 -4.79
C MET A 184 -42.86 14.05 -3.77
N LYS A 185 -43.87 13.19 -3.62
CA LYS A 185 -44.94 13.41 -2.67
C LYS A 185 -44.84 12.24 -1.72
N ILE A 186 -44.84 12.52 -0.42
CA ILE A 186 -44.73 11.48 0.59
C ILE A 186 -45.98 11.40 1.46
N ASP A 187 -46.20 10.24 2.05
CA ASP A 187 -47.32 10.10 2.96
C ASP A 187 -46.72 10.55 4.31
N GLU A 188 -47.38 10.26 5.43
CA GLU A 188 -46.83 10.69 6.73
C GLU A 188 -45.71 9.82 7.28
N GLU A 189 -45.42 8.70 6.62
CA GLU A 189 -44.36 7.80 7.05
C GLU A 189 -43.09 8.01 6.25
N GLY A 190 -43.10 9.05 5.41
CA GLY A 190 -41.95 9.36 4.58
C GLY A 190 -41.86 8.46 3.37
N ARG A 191 -42.89 7.64 3.15
CA ARG A 191 -42.93 6.76 2.01
C ARG A 191 -43.25 7.59 0.78
N ILE A 192 -42.54 7.36 -0.32
CA ILE A 192 -42.79 8.14 -1.52
C ILE A 192 -43.95 7.51 -2.27
N ILE A 193 -44.90 8.35 -2.68
CA ILE A 193 -46.09 7.88 -3.36
C ILE A 193 -46.30 8.50 -4.72
N GLU A 194 -45.45 9.46 -5.10
CA GLU A 194 -45.63 10.10 -6.39
C GLU A 194 -44.45 10.98 -6.80
N PHE A 195 -44.26 11.13 -8.10
CA PHE A 195 -43.18 11.96 -8.64
C PHE A 195 -43.77 12.92 -9.66
N ALA A 196 -43.02 13.98 -9.95
CA ALA A 196 -43.43 14.97 -10.93
C ALA A 196 -42.16 15.59 -11.49
N GLU A 197 -41.92 15.38 -12.77
CA GLU A 197 -40.73 15.93 -13.40
C GLU A 197 -40.88 17.38 -13.79
N LYS A 198 -40.14 18.24 -13.10
CA LYS A 198 -40.16 19.67 -13.38
C LYS A 198 -41.56 20.24 -13.53
N PRO A 199 -42.42 20.00 -12.56
CA PRO A 199 -43.81 20.50 -12.59
C PRO A 199 -43.98 22.01 -12.44
N GLN A 200 -45.09 22.50 -12.98
CA GLN A 200 -45.44 23.91 -12.92
C GLN A 200 -46.93 24.07 -12.68
N GLY A 201 -47.36 25.31 -12.52
CA GLY A 201 -48.77 25.60 -12.31
C GLY A 201 -49.47 24.62 -11.40
N GLU A 202 -50.65 24.18 -11.81
CA GLU A 202 -51.43 23.26 -10.98
C GLU A 202 -50.73 21.96 -10.60
N GLN A 203 -49.81 21.47 -11.41
CA GLN A 203 -49.15 20.25 -11.01
C GLN A 203 -48.05 20.50 -9.98
N LEU A 204 -47.46 21.70 -10.01
CA LEU A 204 -46.42 22.03 -9.03
C LEU A 204 -47.12 21.98 -7.65
N GLN A 205 -48.21 22.74 -7.54
CA GLN A 205 -49.00 22.81 -6.31
C GLN A 205 -49.39 21.44 -5.75
N ALA A 206 -49.90 20.57 -6.61
CA ALA A 206 -50.31 19.25 -6.16
C ALA A 206 -49.14 18.44 -5.60
N MET A 207 -47.96 19.05 -5.56
CA MET A 207 -46.79 18.37 -5.02
C MET A 207 -46.37 18.90 -3.65
N LYS A 208 -47.18 19.77 -3.07
CA LYS A 208 -46.90 20.33 -1.75
C LYS A 208 -46.79 19.22 -0.72
N VAL A 209 -45.85 19.38 0.20
CA VAL A 209 -45.65 18.41 1.24
C VAL A 209 -45.32 19.09 2.57
N ASP A 210 -45.66 18.41 3.67
CA ASP A 210 -45.36 18.89 5.02
C ASP A 210 -43.94 18.35 5.26
N THR A 211 -42.95 19.24 5.17
CA THR A 211 -41.56 18.82 5.33
C THR A 211 -41.14 18.44 6.74
N THR A 212 -42.01 18.67 7.73
CA THR A 212 -41.72 18.33 9.11
C THR A 212 -41.58 16.82 9.23
N ILE A 213 -42.30 16.11 8.36
CA ILE A 213 -42.29 14.65 8.34
C ILE A 213 -40.90 14.04 8.11
N LEU A 214 -39.98 14.82 7.51
CA LEU A 214 -38.64 14.32 7.27
C LEU A 214 -37.60 14.85 8.25
N GLY A 215 -38.03 15.70 9.17
CA GLY A 215 -37.12 16.26 10.16
C GLY A 215 -36.82 17.74 10.06
N LEU A 216 -37.41 18.40 9.08
CA LEU A 216 -37.21 19.84 8.89
C LEU A 216 -38.10 20.61 9.89
N ASP A 217 -37.60 21.71 10.42
CA ASP A 217 -38.40 22.47 11.38
C ASP A 217 -39.53 23.27 10.73
N ASP A 218 -40.36 23.86 11.58
CA ASP A 218 -41.52 24.62 11.15
C ASP A 218 -41.31 25.76 10.16
N LYS A 219 -40.49 26.76 10.53
CA LYS A 219 -40.25 27.90 9.66
C LYS A 219 -39.75 27.49 8.27
N ARG A 220 -38.73 26.63 8.25
CA ARG A 220 -38.17 26.18 6.99
C ARG A 220 -39.10 25.21 6.26
N ALA A 221 -39.90 24.45 7.00
CA ALA A 221 -40.84 23.52 6.40
C ALA A 221 -41.86 24.27 5.54
N LYS A 222 -42.38 25.38 6.07
CA LYS A 222 -43.36 26.15 5.33
C LYS A 222 -42.69 26.99 4.25
N GLU A 223 -41.40 27.27 4.42
CA GLU A 223 -40.68 28.05 3.43
C GLU A 223 -40.30 27.15 2.27
N MET A 224 -40.02 25.89 2.60
CA MET A 224 -39.65 24.88 1.62
C MET A 224 -40.60 23.71 1.74
N PRO A 225 -41.78 23.79 1.07
CA PRO A 225 -42.81 22.75 1.09
C PRO A 225 -42.74 21.76 -0.09
N PHE A 226 -41.55 21.64 -0.68
CA PHE A 226 -41.34 20.72 -1.80
C PHE A 226 -40.09 19.90 -1.56
N ILE A 227 -40.19 18.60 -1.84
CA ILE A 227 -39.03 17.70 -1.72
C ILE A 227 -38.60 17.20 -3.11
N ALA A 228 -37.30 17.33 -3.37
CA ALA A 228 -36.71 16.95 -4.64
C ALA A 228 -35.72 15.80 -4.53
N SER A 229 -35.69 14.95 -5.55
CA SER A 229 -34.73 13.86 -5.60
C SER A 229 -33.45 14.50 -6.12
N MET A 230 -32.32 14.07 -5.58
CA MET A 230 -31.04 14.64 -5.97
C MET A 230 -30.05 13.65 -6.59
N GLY A 231 -30.57 12.67 -7.33
CA GLY A 231 -29.72 11.68 -7.97
C GLY A 231 -28.91 10.84 -7.02
N ILE A 232 -29.45 10.59 -5.83
CA ILE A 232 -28.77 9.79 -4.83
C ILE A 232 -29.78 8.74 -4.37
N TYR A 233 -29.44 7.46 -4.51
CA TYR A 233 -30.37 6.41 -4.12
C TYR A 233 -29.66 5.18 -3.55
N VAL A 234 -30.38 4.41 -2.74
CA VAL A 234 -29.85 3.18 -2.20
C VAL A 234 -30.86 2.16 -2.73
N ILE A 235 -30.38 1.12 -3.42
CA ILE A 235 -31.29 0.13 -3.97
C ILE A 235 -30.86 -1.30 -3.63
N SER A 236 -31.77 -2.04 -3.01
CA SER A 236 -31.46 -3.43 -2.65
C SER A 236 -31.05 -4.17 -3.94
N LYS A 237 -30.09 -5.09 -3.79
CA LYS A 237 -29.57 -5.82 -4.94
C LYS A 237 -30.61 -6.41 -5.90
N ASP A 238 -31.45 -7.30 -5.40
CA ASP A 238 -32.48 -7.96 -6.21
C ASP A 238 -33.44 -6.97 -6.87
N VAL A 239 -33.82 -5.92 -6.15
CA VAL A 239 -34.72 -4.93 -6.69
C VAL A 239 -34.12 -4.34 -7.97
N MET A 240 -32.82 -4.07 -7.92
CA MET A 240 -32.14 -3.50 -9.07
C MET A 240 -32.27 -4.39 -10.29
N LEU A 241 -31.94 -5.67 -10.11
CA LEU A 241 -32.00 -6.65 -11.19
C LEU A 241 -33.41 -6.78 -11.76
N ASN A 242 -34.38 -6.88 -10.86
CA ASN A 242 -35.77 -7.02 -11.28
C ASN A 242 -36.23 -5.81 -12.09
N LEU A 243 -36.03 -4.62 -11.55
CA LEU A 243 -36.44 -3.41 -12.23
C LEU A 243 -35.83 -3.23 -13.63
N LEU A 244 -34.56 -3.56 -13.76
CA LEU A 244 -33.87 -3.36 -15.03
C LEU A 244 -34.03 -4.42 -16.08
N ARG A 245 -34.10 -5.68 -15.66
CA ARG A 245 -34.23 -6.76 -16.60
C ARG A 245 -35.67 -7.17 -16.85
N ASP A 246 -36.46 -7.20 -15.78
CA ASP A 246 -37.86 -7.62 -15.87
C ASP A 246 -38.92 -6.52 -15.91
N LYS A 247 -39.07 -5.76 -14.84
CA LYS A 247 -40.07 -4.72 -14.80
C LYS A 247 -40.01 -3.64 -15.88
N PHE A 248 -38.84 -3.05 -16.10
CA PHE A 248 -38.75 -1.99 -17.11
C PHE A 248 -37.51 -2.14 -17.99
N PRO A 249 -37.50 -3.17 -18.84
CA PRO A 249 -36.38 -3.46 -19.75
C PRO A 249 -36.12 -2.41 -20.82
N GLY A 250 -37.07 -1.50 -21.03
CA GLY A 250 -36.91 -0.48 -22.05
C GLY A 250 -36.68 0.90 -21.49
N ALA A 251 -36.66 1.00 -20.17
CA ALA A 251 -36.46 2.30 -19.54
C ALA A 251 -35.06 2.80 -19.89
N ASN A 252 -34.96 4.07 -20.28
CA ASN A 252 -33.67 4.67 -20.62
C ASN A 252 -33.12 5.47 -19.43
N ASP A 253 -34.01 6.18 -18.73
CA ASP A 253 -33.66 7.03 -17.60
C ASP A 253 -33.91 6.39 -16.24
N PHE A 254 -32.86 6.32 -15.43
CA PHE A 254 -32.94 5.71 -14.11
C PHE A 254 -33.75 6.49 -13.09
N GLY A 255 -33.45 7.77 -12.98
CA GLY A 255 -34.14 8.60 -12.03
C GLY A 255 -35.55 9.02 -12.42
N SER A 256 -35.76 9.37 -13.68
CA SER A 256 -37.07 9.82 -14.12
C SER A 256 -38.01 8.73 -14.64
N GLU A 257 -37.48 7.53 -14.90
CA GLU A 257 -38.33 6.45 -15.39
C GLU A 257 -38.38 5.21 -14.50
N VAL A 258 -37.22 4.72 -14.08
CA VAL A 258 -37.18 3.54 -13.25
C VAL A 258 -37.63 3.72 -11.80
N ILE A 259 -37.29 4.85 -11.18
CA ILE A 259 -37.68 5.09 -9.79
C ILE A 259 -39.19 5.28 -9.69
N PRO A 260 -39.74 6.19 -10.51
CA PRO A 260 -41.20 6.42 -10.48
C PRO A 260 -41.93 5.14 -10.89
N GLY A 261 -41.32 4.40 -11.80
CA GLY A 261 -41.92 3.15 -12.26
C GLY A 261 -42.03 2.18 -11.10
N ALA A 262 -40.99 2.12 -10.27
CA ALA A 262 -40.96 1.23 -9.12
C ALA A 262 -42.06 1.63 -8.15
N THR A 263 -42.16 2.93 -7.88
CA THR A 263 -43.19 3.44 -6.97
C THR A 263 -44.56 3.01 -7.49
N SER A 264 -44.74 3.15 -8.80
CA SER A 264 -45.97 2.80 -9.48
C SER A 264 -46.34 1.33 -9.27
N LEU A 265 -45.32 0.48 -9.10
CA LEU A 265 -45.53 -0.95 -8.91
C LEU A 265 -45.85 -1.32 -7.47
N GLY A 266 -45.93 -0.31 -6.60
CA GLY A 266 -46.22 -0.57 -5.20
C GLY A 266 -44.99 -1.01 -4.43
N MET A 267 -43.81 -0.72 -4.97
CA MET A 267 -42.58 -1.09 -4.27
C MET A 267 -42.34 -0.11 -3.12
N ARG A 268 -41.52 -0.51 -2.17
CA ARG A 268 -41.26 0.33 -1.02
C ARG A 268 -40.17 1.37 -1.28
N VAL A 269 -40.59 2.59 -1.62
CA VAL A 269 -39.66 3.67 -1.92
C VAL A 269 -39.79 4.79 -0.89
N GLN A 270 -38.79 4.90 -0.01
CA GLN A 270 -38.77 5.88 1.07
C GLN A 270 -37.95 7.14 0.82
N ALA A 271 -38.38 8.23 1.44
CA ALA A 271 -37.64 9.47 1.32
C ALA A 271 -36.69 9.53 2.51
N TYR A 272 -35.59 10.26 2.36
CA TYR A 272 -34.61 10.43 3.41
C TYR A 272 -34.13 11.86 3.27
N LEU A 273 -34.44 12.72 4.25
CA LEU A 273 -34.07 14.12 4.18
C LEU A 273 -32.57 14.38 4.06
N TYR A 274 -32.19 15.24 3.14
CA TYR A 274 -30.80 15.59 3.00
C TYR A 274 -30.70 17.03 3.47
N ASP A 275 -29.78 17.28 4.40
CA ASP A 275 -29.64 18.63 4.93
C ASP A 275 -28.20 19.11 4.79
N GLY A 276 -28.02 20.19 4.04
CA GLY A 276 -26.68 20.71 3.85
C GLY A 276 -26.47 21.37 2.51
N TYR A 277 -25.25 21.84 2.27
CA TYR A 277 -24.93 22.48 1.01
C TYR A 277 -25.02 21.46 -0.12
N TRP A 278 -25.58 21.88 -1.24
CA TRP A 278 -25.71 21.02 -2.42
C TRP A 278 -25.92 21.86 -3.67
N GLU A 279 -25.02 21.67 -4.62
CA GLU A 279 -25.09 22.39 -5.88
C GLU A 279 -24.87 21.48 -7.09
N ASP A 280 -25.76 21.58 -8.07
CA ASP A 280 -25.61 20.81 -9.30
C ASP A 280 -24.70 21.68 -10.14
N ILE A 281 -23.53 21.16 -10.48
CA ILE A 281 -22.57 21.93 -11.27
C ILE A 281 -22.30 21.34 -12.65
N GLY A 282 -23.36 20.76 -13.24
CA GLY A 282 -23.25 20.14 -14.55
C GLY A 282 -23.40 21.03 -15.76
N THR A 283 -23.58 22.34 -15.54
CA THR A 283 -23.70 23.30 -16.64
C THR A 283 -22.65 24.39 -16.41
N ILE A 284 -22.09 24.91 -17.49
CA ILE A 284 -21.03 25.91 -17.39
C ILE A 284 -21.22 26.99 -16.33
N GLU A 285 -22.34 27.70 -16.40
CA GLU A 285 -22.62 28.77 -15.47
C GLU A 285 -22.64 28.31 -14.00
N ALA A 286 -23.32 27.21 -13.72
CA ALA A 286 -23.37 26.69 -12.37
C ALA A 286 -21.96 26.22 -11.99
N PHE A 287 -21.24 25.66 -12.96
CA PHE A 287 -19.90 25.19 -12.67
C PHE A 287 -19.00 26.38 -12.35
N TYR A 288 -19.13 27.43 -13.15
CA TYR A 288 -18.35 28.64 -12.98
C TYR A 288 -18.60 29.24 -11.58
N ASN A 289 -19.86 29.42 -11.24
CA ASN A 289 -20.21 29.99 -9.93
C ASN A 289 -19.72 29.21 -8.73
N ALA A 290 -19.99 27.91 -8.70
CA ALA A 290 -19.56 27.09 -7.59
C ALA A 290 -18.06 27.18 -7.43
N ASN A 291 -17.32 27.09 -8.53
CA ASN A 291 -15.87 27.17 -8.44
C ASN A 291 -15.40 28.50 -7.85
N LEU A 292 -16.05 29.61 -8.21
CA LEU A 292 -15.66 30.89 -7.66
C LEU A 292 -16.26 31.08 -6.27
N GLY A 293 -17.19 30.21 -5.91
CA GLY A 293 -17.79 30.32 -4.60
C GLY A 293 -16.83 30.00 -3.45
N ILE A 294 -15.69 29.38 -3.76
CA ILE A 294 -14.76 29.04 -2.70
C ILE A 294 -14.01 30.28 -2.22
N THR A 295 -14.19 31.39 -2.94
CA THR A 295 -13.53 32.63 -2.56
C THR A 295 -14.50 33.54 -1.81
N LYS A 296 -15.74 33.08 -1.68
CA LYS A 296 -16.80 33.83 -1.00
C LYS A 296 -16.39 34.30 0.40
N LYS A 297 -16.88 35.49 0.78
CA LYS A 297 -16.60 36.09 2.09
C LYS A 297 -17.90 36.17 2.89
N PRO A 298 -17.81 35.97 4.22
CA PRO A 298 -16.60 35.68 4.98
C PRO A 298 -16.11 34.25 4.82
N VAL A 299 -17.05 33.33 4.57
CA VAL A 299 -16.71 31.93 4.41
C VAL A 299 -17.44 31.29 3.25
N PRO A 300 -16.82 30.28 2.60
CA PRO A 300 -17.40 29.55 1.46
C PRO A 300 -18.54 28.67 1.92
N ASP A 301 -19.50 28.41 1.05
CA ASP A 301 -20.63 27.54 1.41
C ASP A 301 -20.14 26.10 1.44
N PHE A 302 -19.16 25.80 0.59
CA PHE A 302 -18.59 24.46 0.55
C PHE A 302 -17.08 24.49 0.63
N SER A 303 -16.55 23.69 1.53
CA SER A 303 -15.12 23.58 1.71
C SER A 303 -14.70 22.20 1.23
N PHE A 304 -13.60 22.12 0.50
CA PHE A 304 -13.12 20.83 0.02
C PHE A 304 -12.42 20.13 1.16
N TYR A 305 -11.76 20.90 2.01
CA TYR A 305 -11.03 20.33 3.14
C TYR A 305 -11.98 20.16 4.31
N ASP A 306 -11.73 19.13 5.10
CA ASP A 306 -12.55 18.87 6.27
C ASP A 306 -11.68 18.00 7.15
N ARG A 307 -11.64 18.29 8.45
CA ARG A 307 -10.81 17.52 9.36
C ARG A 307 -11.07 16.02 9.28
N SER A 308 -12.34 15.59 9.29
CA SER A 308 -12.63 14.16 9.24
C SER A 308 -13.03 13.59 7.87
N ALA A 309 -13.75 14.36 7.07
CA ALA A 309 -14.19 13.86 5.76
C ALA A 309 -13.74 14.75 4.60
N PRO A 310 -12.43 14.89 4.39
CA PRO A 310 -11.90 15.72 3.31
C PRO A 310 -12.11 15.15 1.90
N ILE A 311 -12.03 16.03 0.90
CA ILE A 311 -12.13 15.60 -0.47
C ILE A 311 -10.72 15.20 -0.88
N TYR A 312 -10.58 13.96 -1.36
CA TYR A 312 -9.28 13.46 -1.76
C TYR A 312 -8.92 13.81 -3.18
N THR A 313 -7.72 13.43 -3.60
CA THR A 313 -7.27 13.68 -4.96
C THR A 313 -5.89 13.07 -5.05
N GLN A 314 -5.20 13.29 -6.16
CA GLN A 314 -3.88 12.71 -6.33
C GLN A 314 -2.75 13.48 -5.66
N PRO A 315 -1.86 12.77 -4.96
CA PRO A 315 -0.73 13.42 -4.30
C PRO A 315 0.21 13.71 -5.45
N ARG A 316 0.52 14.98 -5.69
CA ARG A 316 1.39 15.33 -6.80
C ARG A 316 2.79 15.74 -6.41
N TYR A 317 3.02 16.01 -5.13
CA TYR A 317 4.33 16.42 -4.66
C TYR A 317 4.79 17.64 -5.46
N LEU A 318 3.87 18.57 -5.67
CA LEU A 318 4.18 19.79 -6.39
C LEU A 318 4.77 20.77 -5.38
N PRO A 319 5.74 21.58 -5.79
CA PRO A 319 6.38 22.54 -4.89
C PRO A 319 5.45 23.70 -4.54
N PRO A 320 5.72 24.37 -3.41
CA PRO A 320 4.87 25.49 -3.02
C PRO A 320 4.90 26.52 -4.14
N SER A 321 3.81 27.25 -4.29
CA SER A 321 3.72 28.26 -5.33
C SER A 321 4.67 29.44 -5.09
N LYS A 322 5.25 29.90 -6.20
CA LYS A 322 6.20 31.00 -6.18
C LYS A 322 5.49 32.25 -6.66
N MET A 323 5.67 33.36 -5.96
CA MET A 323 5.06 34.61 -6.38
C MET A 323 6.14 35.68 -6.35
N LEU A 324 6.51 36.17 -7.52
CA LEU A 324 7.56 37.18 -7.67
C LEU A 324 7.12 38.55 -7.15
N ASP A 325 5.98 39.03 -7.64
CA ASP A 325 5.42 40.32 -7.23
C ASP A 325 3.94 40.34 -7.59
N ALA A 326 3.14 39.59 -6.83
CA ALA A 326 1.71 39.48 -7.08
C ALA A 326 0.82 40.22 -6.09
N ASP A 327 -0.26 40.77 -6.61
CA ASP A 327 -1.25 41.49 -5.81
C ASP A 327 -2.49 40.59 -5.88
N VAL A 328 -2.70 39.79 -4.83
CA VAL A 328 -3.82 38.86 -4.81
C VAL A 328 -5.00 39.28 -3.95
N THR A 329 -6.12 39.54 -4.61
CA THR A 329 -7.37 39.93 -3.97
C THR A 329 -8.47 38.88 -4.09
N ASP A 330 -9.01 38.48 -2.95
CA ASP A 330 -10.07 37.48 -2.85
C ASP A 330 -9.93 36.32 -3.84
N SER A 331 -8.85 35.56 -3.72
CA SER A 331 -8.62 34.44 -4.63
C SER A 331 -8.01 33.26 -3.91
N VAL A 332 -7.95 32.14 -4.60
CA VAL A 332 -7.31 30.95 -4.05
C VAL A 332 -6.22 30.52 -5.05
N ILE A 333 -5.08 30.13 -4.51
CA ILE A 333 -3.96 29.73 -5.32
C ILE A 333 -3.71 28.24 -5.16
N GLY A 334 -3.74 27.54 -6.29
CA GLY A 334 -3.49 26.11 -6.28
C GLY A 334 -2.04 25.79 -5.98
N GLU A 335 -1.65 24.55 -6.24
CA GLU A 335 -0.28 24.13 -5.95
C GLU A 335 0.69 24.28 -7.12
N GLY A 336 1.97 24.34 -6.79
CA GLY A 336 3.01 24.47 -7.79
C GLY A 336 2.81 25.56 -8.83
N CYS A 337 2.25 26.69 -8.43
CA CYS A 337 2.04 27.79 -9.36
C CYS A 337 3.32 28.62 -9.48
N VAL A 338 3.44 29.35 -10.56
CA VAL A 338 4.60 30.19 -10.82
C VAL A 338 4.02 31.51 -11.31
N ILE A 339 3.85 32.44 -10.38
CA ILE A 339 3.28 33.74 -10.65
C ILE A 339 4.30 34.86 -10.62
N LYS A 340 4.36 35.64 -11.70
CA LYS A 340 5.30 36.75 -11.77
C LYS A 340 4.60 37.98 -11.22
N ASN A 341 4.98 39.18 -11.66
CA ASN A 341 4.33 40.38 -11.17
C ASN A 341 3.04 40.56 -11.94
N CYS A 342 1.92 40.53 -11.21
CA CYS A 342 0.60 40.64 -11.82
C CYS A 342 -0.50 40.89 -10.80
N LYS A 343 -1.71 41.14 -11.30
CA LYS A 343 -2.89 41.38 -10.48
C LYS A 343 -3.82 40.19 -10.60
N ILE A 344 -4.24 39.63 -9.47
CA ILE A 344 -5.15 38.49 -9.47
C ILE A 344 -6.30 38.79 -8.52
N HIS A 345 -7.46 39.08 -9.08
CA HIS A 345 -8.64 39.40 -8.28
C HIS A 345 -9.84 38.45 -8.44
N HIS A 346 -10.40 38.01 -7.31
CA HIS A 346 -11.58 37.15 -7.29
C HIS A 346 -11.50 36.04 -8.34
N SER A 347 -10.43 35.26 -8.28
CA SER A 347 -10.21 34.20 -9.24
C SER A 347 -9.73 32.91 -8.57
N VAL A 348 -9.74 31.81 -9.30
CA VAL A 348 -9.26 30.55 -8.75
C VAL A 348 -8.10 30.14 -9.65
N VAL A 349 -6.93 29.91 -9.07
CA VAL A 349 -5.75 29.57 -9.87
C VAL A 349 -5.35 28.11 -9.73
N GLY A 350 -5.66 27.31 -10.74
CA GLY A 350 -5.35 25.89 -10.74
C GLY A 350 -3.89 25.52 -10.62
N LEU A 351 -3.63 24.26 -10.28
CA LEU A 351 -2.28 23.77 -10.11
C LEU A 351 -1.37 24.03 -11.33
N ARG A 352 -0.07 24.18 -11.07
CA ARG A 352 0.94 24.43 -12.10
C ARG A 352 0.77 25.69 -12.96
N SER A 353 -0.20 26.53 -12.64
CA SER A 353 -0.41 27.75 -13.42
C SER A 353 0.84 28.64 -13.57
N CYS A 354 0.95 29.31 -14.71
CA CYS A 354 2.06 30.22 -14.97
C CYS A 354 1.48 31.55 -15.45
N ILE A 355 1.60 32.58 -14.62
CA ILE A 355 1.08 33.91 -14.96
C ILE A 355 2.27 34.82 -15.26
N SER A 356 2.25 35.47 -16.41
CA SER A 356 3.36 36.33 -16.79
C SER A 356 3.24 37.78 -16.39
N GLU A 357 4.40 38.43 -16.34
CA GLU A 357 4.53 39.83 -15.98
C GLU A 357 3.42 40.70 -16.59
N GLY A 358 2.79 41.52 -15.76
CA GLY A 358 1.74 42.39 -16.25
C GLY A 358 0.37 41.80 -16.49
N ALA A 359 0.17 40.54 -16.13
CA ALA A 359 -1.14 39.93 -16.34
C ALA A 359 -2.14 40.42 -15.31
N ILE A 360 -3.38 40.57 -15.75
CA ILE A 360 -4.47 40.99 -14.90
C ILE A 360 -5.56 39.93 -15.04
N ILE A 361 -5.83 39.22 -13.94
CA ILE A 361 -6.84 38.15 -13.93
C ILE A 361 -7.97 38.50 -12.97
N GLU A 362 -9.20 38.53 -13.49
CA GLU A 362 -10.34 38.86 -12.65
C GLU A 362 -11.55 37.97 -12.91
N ASP A 363 -12.22 37.57 -11.84
CA ASP A 363 -13.42 36.75 -11.95
C ASP A 363 -13.25 35.54 -12.86
N SER A 364 -12.04 34.99 -12.89
CA SER A 364 -11.78 33.87 -13.76
C SER A 364 -11.36 32.60 -13.03
N LEU A 365 -11.55 31.48 -13.72
CA LEU A 365 -11.17 30.18 -13.20
C LEU A 365 -10.09 29.64 -14.12
N LEU A 366 -8.86 29.58 -13.61
CA LEU A 366 -7.73 29.07 -14.39
C LEU A 366 -7.50 27.61 -14.03
N MET A 367 -7.65 26.74 -15.01
CA MET A 367 -7.49 25.30 -14.79
C MET A 367 -6.04 24.93 -14.48
N GLY A 368 -5.10 25.70 -14.98
CA GLY A 368 -3.70 25.39 -14.72
C GLY A 368 -3.10 24.52 -15.82
N ALA A 369 -2.22 23.62 -15.44
CA ALA A 369 -1.61 22.78 -16.46
C ALA A 369 -1.29 21.40 -15.93
N ASP A 370 -1.08 20.47 -16.85
CA ASP A 370 -0.79 19.09 -16.49
C ASP A 370 0.69 18.82 -16.31
N TYR A 371 1.52 19.80 -16.63
CA TYR A 371 2.95 19.59 -16.50
C TYR A 371 3.71 20.92 -16.63
N TYR A 372 5.00 20.89 -16.41
CA TYR A 372 5.81 22.09 -16.54
C TYR A 372 6.70 22.02 -17.78
N GLU A 373 6.73 23.10 -18.57
CA GLU A 373 7.57 23.13 -19.75
C GLU A 373 9.00 23.44 -19.28
N THR A 374 9.94 22.55 -19.60
CA THR A 374 11.34 22.72 -19.19
C THR A 374 11.96 23.91 -19.90
N ASP A 375 13.08 24.41 -19.40
CA ASP A 375 13.72 25.54 -20.04
C ASP A 375 14.11 25.13 -21.47
N ALA A 376 14.37 23.83 -21.64
CA ALA A 376 14.72 23.26 -22.95
C ALA A 376 13.55 23.48 -23.91
N ASP A 377 12.36 23.10 -23.47
CA ASP A 377 11.16 23.27 -24.27
C ASP A 377 10.92 24.74 -24.54
N ARG A 378 11.26 25.58 -23.55
CA ARG A 378 11.07 27.01 -23.73
C ARG A 378 12.05 27.55 -24.75
N LYS A 379 13.14 26.83 -24.99
CA LYS A 379 14.11 27.27 -25.99
C LYS A 379 13.54 27.03 -27.38
N LEU A 380 13.11 25.80 -27.65
CA LEU A 380 12.51 25.47 -28.94
C LEU A 380 11.42 26.50 -29.19
N LEU A 381 10.60 26.73 -28.16
CA LEU A 381 9.52 27.68 -28.23
C LEU A 381 10.06 29.04 -28.65
N ALA A 382 11.16 29.45 -28.03
CA ALA A 382 11.77 30.75 -28.34
C ALA A 382 12.37 30.76 -29.75
N ALA A 383 12.90 29.60 -30.16
CA ALA A 383 13.52 29.45 -31.48
C ALA A 383 12.55 29.82 -32.60
N LYS A 384 11.30 29.38 -32.49
CA LYS A 384 10.28 29.67 -33.50
C LYS A 384 9.38 30.84 -33.13
N GLY A 385 9.58 31.40 -31.93
CA GLY A 385 8.74 32.51 -31.49
C GLY A 385 7.35 32.01 -31.13
N SER A 386 7.29 30.73 -30.75
CA SER A 386 6.04 30.08 -30.39
C SER A 386 5.54 30.51 -29.00
N VAL A 387 4.25 30.29 -28.74
CA VAL A 387 3.65 30.66 -27.45
C VAL A 387 3.79 29.56 -26.41
N PRO A 388 4.28 29.92 -25.20
CA PRO A 388 4.45 28.97 -24.10
C PRO A 388 3.14 28.75 -23.32
N ILE A 389 3.02 27.62 -22.63
CA ILE A 389 1.82 27.36 -21.83
C ILE A 389 1.76 28.38 -20.69
N GLY A 390 0.59 28.96 -20.48
CA GLY A 390 0.44 29.94 -19.42
C GLY A 390 -0.26 31.20 -19.89
N ILE A 391 -0.35 32.20 -19.01
CA ILE A 391 -0.99 33.48 -19.35
C ILE A 391 0.12 34.43 -19.79
N GLY A 392 -0.01 34.96 -21.00
CA GLY A 392 1.00 35.86 -21.53
C GLY A 392 1.16 37.17 -20.77
N LYS A 393 2.19 37.93 -21.13
CA LYS A 393 2.46 39.22 -20.50
C LYS A 393 1.39 40.24 -20.87
N ASN A 394 1.00 41.07 -19.90
CA ASN A 394 -0.01 42.09 -20.12
C ASN A 394 -1.37 41.60 -20.60
N CYS A 395 -1.67 40.33 -20.38
CA CYS A 395 -2.98 39.83 -20.78
C CYS A 395 -4.02 40.33 -19.80
N HIS A 396 -5.30 40.17 -20.17
CA HIS A 396 -6.38 40.57 -19.31
C HIS A 396 -7.46 39.51 -19.46
N ILE A 397 -7.68 38.74 -18.40
CA ILE A 397 -8.66 37.65 -18.37
C ILE A 397 -9.81 38.01 -17.42
N LYS A 398 -11.03 38.05 -17.96
CA LYS A 398 -12.19 38.39 -17.14
C LYS A 398 -13.39 37.47 -17.41
N ARG A 399 -14.08 37.07 -16.34
CA ARG A 399 -15.25 36.20 -16.40
C ARG A 399 -14.99 35.11 -17.43
N ALA A 400 -13.94 34.34 -17.17
CA ALA A 400 -13.57 33.27 -18.08
C ALA A 400 -13.08 32.02 -17.38
N ILE A 401 -13.12 30.91 -18.11
CA ILE A 401 -12.64 29.63 -17.62
C ILE A 401 -11.50 29.29 -18.58
N ILE A 402 -10.32 29.03 -18.05
CA ILE A 402 -9.18 28.70 -18.90
C ILE A 402 -8.72 27.28 -18.66
N ASP A 403 -9.17 26.36 -19.52
CA ASP A 403 -8.80 24.96 -19.39
C ASP A 403 -7.30 24.70 -19.49
N LYS A 404 -6.92 23.52 -19.03
CA LYS A 404 -5.55 23.03 -18.98
C LYS A 404 -4.62 23.31 -20.16
N ASN A 405 -3.35 23.54 -19.82
CA ASN A 405 -2.29 23.78 -20.79
C ASN A 405 -2.57 24.82 -21.88
N ALA A 406 -3.43 25.79 -21.59
CA ALA A 406 -3.73 26.82 -22.58
C ALA A 406 -2.49 27.64 -22.87
N ARG A 407 -2.24 27.92 -24.15
CA ARG A 407 -1.10 28.71 -24.56
C ARG A 407 -1.64 30.06 -25.00
N ILE A 408 -1.79 30.94 -24.02
CA ILE A 408 -2.30 32.29 -24.25
C ILE A 408 -1.11 33.23 -24.43
N GLY A 409 -1.13 34.00 -25.52
CA GLY A 409 -0.04 34.89 -25.82
C GLY A 409 -0.12 36.28 -25.23
N ASP A 410 0.98 37.00 -25.40
CA ASP A 410 1.12 38.36 -24.91
C ASP A 410 0.00 39.27 -25.42
N ASN A 411 -0.37 40.24 -24.60
CA ASN A 411 -1.40 41.24 -24.91
C ASN A 411 -2.77 40.69 -25.24
N VAL A 412 -3.01 39.42 -24.97
CA VAL A 412 -4.34 38.87 -25.24
C VAL A 412 -5.31 39.53 -24.29
N LYS A 413 -6.53 39.79 -24.77
CA LYS A 413 -7.56 40.43 -23.96
C LYS A 413 -8.86 39.64 -24.07
N ILE A 414 -9.24 38.95 -23.00
CA ILE A 414 -10.48 38.20 -22.97
C ILE A 414 -11.38 38.91 -21.99
N ILE A 415 -12.18 39.86 -22.49
CA ILE A 415 -13.07 40.62 -21.63
C ILE A 415 -14.50 40.67 -22.16
N ASN A 416 -14.69 40.22 -23.40
CA ASN A 416 -16.01 40.19 -24.02
C ASN A 416 -16.73 41.53 -23.89
N LYS A 417 -16.42 42.46 -24.78
CA LYS A 417 -17.02 43.80 -24.74
C LYS A 417 -18.50 43.86 -25.10
N ASP A 418 -18.88 43.26 -26.23
CA ASP A 418 -20.27 43.26 -26.68
C ASP A 418 -21.18 42.40 -25.80
N ASN A 419 -20.64 41.95 -24.68
CA ASN A 419 -21.37 41.12 -23.74
C ASN A 419 -22.14 39.97 -24.41
N VAL A 420 -21.55 39.41 -25.46
CA VAL A 420 -22.16 38.29 -26.17
C VAL A 420 -22.45 37.22 -25.13
N GLN A 421 -23.64 36.61 -25.18
CA GLN A 421 -23.98 35.59 -24.19
C GLN A 421 -23.63 34.16 -24.62
N GLU A 422 -24.22 33.68 -25.70
CA GLU A 422 -23.92 32.33 -26.18
C GLU A 422 -23.14 32.42 -27.47
N ALA A 423 -22.16 31.53 -27.63
CA ALA A 423 -21.33 31.52 -28.84
C ALA A 423 -20.40 30.32 -28.88
N ALA A 424 -20.20 29.77 -30.08
CA ALA A 424 -19.33 28.61 -30.27
C ALA A 424 -18.24 28.92 -31.30
N ARG A 425 -16.99 28.76 -30.91
CA ARG A 425 -15.88 29.04 -31.82
C ARG A 425 -14.75 28.03 -31.63
N GLU A 426 -15.10 26.75 -31.55
CA GLU A 426 -14.11 25.70 -31.36
C GLU A 426 -12.89 25.99 -32.21
N THR A 427 -13.13 26.26 -33.49
CA THR A 427 -12.08 26.55 -34.45
C THR A 427 -11.11 27.59 -33.91
N ASP A 428 -11.67 28.64 -33.28
CA ASP A 428 -10.87 29.71 -32.70
C ASP A 428 -10.28 29.29 -31.36
N GLY A 429 -10.84 28.23 -30.80
CA GLY A 429 -10.32 27.73 -29.54
C GLY A 429 -11.13 28.14 -28.33
N TYR A 430 -12.39 28.52 -28.51
CA TYR A 430 -13.18 28.92 -27.36
C TYR A 430 -14.68 28.80 -27.53
N PHE A 431 -15.39 29.03 -26.44
CA PHE A 431 -16.86 28.99 -26.41
C PHE A 431 -17.33 30.10 -25.49
N ILE A 432 -18.62 30.40 -25.54
CA ILE A 432 -19.18 31.40 -24.66
C ILE A 432 -20.56 30.94 -24.27
N LYS A 433 -20.77 30.74 -22.98
CA LYS A 433 -22.07 30.32 -22.48
C LYS A 433 -22.39 31.19 -21.27
N SER A 434 -23.48 31.95 -21.37
CA SER A 434 -23.90 32.84 -20.29
C SER A 434 -22.87 33.90 -19.98
N GLY A 435 -22.29 34.46 -21.03
CA GLY A 435 -21.29 35.50 -20.89
C GLY A 435 -19.92 34.99 -20.50
N ILE A 436 -19.84 33.70 -20.22
CA ILE A 436 -18.58 33.12 -19.81
C ILE A 436 -17.77 32.56 -20.97
N VAL A 437 -16.54 33.03 -21.09
CA VAL A 437 -15.62 32.59 -22.14
C VAL A 437 -14.80 31.42 -21.64
N THR A 438 -14.83 30.32 -22.37
CA THR A 438 -14.08 29.13 -21.98
C THR A 438 -13.02 28.80 -23.02
N VAL A 439 -11.76 28.96 -22.64
CA VAL A 439 -10.65 28.64 -23.53
C VAL A 439 -10.42 27.13 -23.53
N ILE A 440 -10.71 26.48 -24.65
CA ILE A 440 -10.55 25.04 -24.81
C ILE A 440 -9.16 24.56 -24.38
N LYS A 441 -9.08 23.30 -23.93
CA LYS A 441 -7.82 22.72 -23.46
C LYS A 441 -6.74 22.62 -24.56
N ASP A 442 -5.51 22.99 -24.21
CA ASP A 442 -4.40 22.96 -25.15
C ASP A 442 -4.57 23.98 -26.25
N ALA A 443 -5.54 24.88 -26.07
CA ALA A 443 -5.81 25.92 -27.04
C ALA A 443 -4.66 26.92 -27.17
N LEU A 444 -4.47 27.42 -28.38
CA LEU A 444 -3.44 28.40 -28.67
C LEU A 444 -4.12 29.72 -29.05
N ILE A 445 -4.01 30.72 -28.18
CA ILE A 445 -4.60 32.02 -28.41
C ILE A 445 -3.46 32.99 -28.72
N PRO A 446 -3.26 33.32 -30.01
CA PRO A 446 -2.23 34.22 -30.54
C PRO A 446 -2.09 35.56 -29.82
N SER A 447 -0.92 36.17 -29.92
CA SER A 447 -0.65 37.45 -29.29
C SER A 447 -1.60 38.53 -29.81
N GLY A 448 -1.94 39.50 -28.96
CA GLY A 448 -2.81 40.59 -29.35
C GLY A 448 -4.27 40.28 -29.61
N ILE A 449 -4.63 39.00 -29.67
CA ILE A 449 -6.02 38.63 -29.92
C ILE A 449 -6.92 39.20 -28.84
N ILE A 450 -8.03 39.79 -29.28
CA ILE A 450 -8.99 40.35 -28.36
C ILE A 450 -10.30 39.59 -28.54
N ILE A 451 -10.82 39.08 -27.44
CA ILE A 451 -12.05 38.30 -27.47
C ILE A 451 -13.16 39.03 -26.70
N CYS B 12 24.45 2.21 -14.44
CA CYS B 12 23.66 1.06 -13.91
C CYS B 12 24.42 0.22 -12.89
N LEU B 13 23.68 -0.57 -12.13
CA LEU B 13 24.27 -1.41 -11.09
C LEU B 13 23.75 -2.83 -11.25
N ASP B 14 24.52 -3.80 -10.74
CA ASP B 14 24.12 -5.19 -10.80
C ASP B 14 24.92 -6.01 -9.79
N PRO B 15 24.24 -6.56 -8.77
CA PRO B 15 22.79 -6.48 -8.53
C PRO B 15 22.27 -5.04 -8.38
N ASP B 16 20.98 -4.85 -8.60
CA ASP B 16 20.39 -3.53 -8.48
C ASP B 16 20.43 -3.07 -7.01
N ALA B 17 20.41 -1.76 -6.82
CA ALA B 17 20.48 -1.16 -5.50
C ALA B 17 19.34 -1.60 -4.59
N SER B 18 18.18 -1.81 -5.18
CA SER B 18 17.00 -2.20 -4.45
C SER B 18 17.22 -3.36 -3.50
N ARG B 19 17.90 -4.40 -3.96
CA ARG B 19 18.11 -5.56 -3.12
C ARG B 19 19.51 -5.71 -2.55
N SER B 20 20.45 -4.90 -3.04
CA SER B 20 21.84 -4.98 -2.58
C SER B 20 22.34 -3.82 -1.70
N VAL B 21 21.61 -2.72 -1.65
CA VAL B 21 22.03 -1.58 -0.84
C VAL B 21 21.05 -1.21 0.26
N LEU B 22 21.57 -1.12 1.48
CA LEU B 22 20.76 -0.74 2.65
C LEU B 22 21.01 0.71 3.03
N GLY B 23 19.94 1.47 3.22
CA GLY B 23 20.08 2.86 3.60
C GLY B 23 20.01 3.08 5.10
N ILE B 24 20.99 3.81 5.64
CA ILE B 24 21.05 4.11 7.07
C ILE B 24 21.23 5.62 7.22
N ILE B 25 20.17 6.29 7.65
CA ILE B 25 20.19 7.74 7.82
C ILE B 25 20.48 8.17 9.27
N LEU B 26 21.46 9.06 9.43
CA LEU B 26 21.85 9.57 10.73
C LEU B 26 21.04 10.84 10.99
N GLY B 27 19.92 10.72 11.70
CA GLY B 27 19.10 11.89 11.94
C GLY B 27 19.26 12.54 13.30
N GLY B 28 18.48 12.07 14.27
CA GLY B 28 18.52 12.61 15.61
C GLY B 28 19.93 12.74 16.14
N GLY B 29 20.56 13.87 15.81
CA GLY B 29 21.91 14.11 16.27
C GLY B 29 22.00 14.22 17.78
N ALA B 30 20.93 14.74 18.39
CA ALA B 30 20.87 14.91 19.83
C ALA B 30 21.79 16.07 20.25
N GLY B 31 21.80 17.13 19.45
CA GLY B 31 22.64 18.27 19.75
C GLY B 31 21.86 19.56 19.95
N THR B 32 22.59 20.66 20.01
CA THR B 32 21.98 21.96 20.21
C THR B 32 22.12 22.90 19.01
N ARG B 33 22.88 22.47 18.00
CA ARG B 33 23.10 23.31 16.83
C ARG B 33 21.85 23.93 16.22
N LEU B 34 20.75 23.17 16.17
CA LEU B 34 19.51 23.72 15.62
C LEU B 34 18.52 24.20 16.67
N TYR B 35 18.90 24.09 17.95
CA TYR B 35 18.06 24.57 19.04
C TYR B 35 17.67 26.01 18.69
N PRO B 36 16.41 26.41 18.95
CA PRO B 36 15.29 25.67 19.55
C PRO B 36 14.38 24.87 18.63
N LEU B 37 14.73 24.75 17.35
CA LEU B 37 13.90 23.98 16.43
C LEU B 37 13.79 22.52 16.85
N THR B 38 14.78 22.05 17.59
CA THR B 38 14.82 20.67 18.07
C THR B 38 14.40 20.55 19.55
N LYS B 39 13.78 21.59 20.07
CA LYS B 39 13.37 21.57 21.48
C LYS B 39 12.16 20.69 21.78
N LYS B 40 11.15 20.75 20.93
CA LYS B 40 9.95 19.96 21.17
C LYS B 40 9.76 18.82 20.17
N ARG B 41 10.82 18.45 19.46
CA ARG B 41 10.71 17.39 18.46
C ARG B 41 12.05 16.78 18.09
N ALA B 42 11.96 15.63 17.43
CA ALA B 42 13.13 14.91 16.94
C ALA B 42 13.66 15.71 15.75
N LYS B 43 14.98 15.76 15.62
CA LYS B 43 15.60 16.52 14.56
C LYS B 43 15.10 16.18 13.15
N PRO B 44 14.91 14.88 12.85
CA PRO B 44 14.43 14.52 11.51
C PRO B 44 13.08 15.15 11.20
N ALA B 45 12.32 15.50 12.23
CA ALA B 45 11.01 16.10 12.02
C ALA B 45 11.02 17.60 11.76
N VAL B 46 12.16 18.26 11.93
CA VAL B 46 12.21 19.70 11.72
C VAL B 46 11.64 20.11 10.35
N PRO B 47 10.63 21.01 10.35
CA PRO B 47 9.94 21.53 9.17
C PRO B 47 10.90 22.16 8.15
N LEU B 48 10.61 21.94 6.88
CA LEU B 48 11.49 22.41 5.83
C LEU B 48 10.73 22.89 4.59
N GLY B 49 11.27 23.92 3.95
CA GLY B 49 10.70 24.46 2.74
C GLY B 49 9.19 24.61 2.56
N ALA B 50 8.51 25.01 3.63
CA ALA B 50 7.07 25.23 3.62
C ALA B 50 6.19 24.00 3.66
N ASN B 51 6.64 22.90 3.04
CA ASN B 51 5.84 21.67 2.99
C ASN B 51 6.53 20.37 3.34
N TYR B 52 7.79 20.41 3.74
CA TYR B 52 8.52 19.18 4.02
C TYR B 52 9.11 19.13 5.43
N ARG B 53 9.96 18.14 5.66
CA ARG B 53 10.66 18.00 6.94
C ARG B 53 12.04 17.51 6.56
N LEU B 54 13.03 17.79 7.40
CA LEU B 54 14.39 17.38 7.10
C LEU B 54 14.49 15.95 6.55
N ILE B 55 13.92 15.01 7.27
CA ILE B 55 14.00 13.62 6.90
C ILE B 55 13.55 13.27 5.47
N ASP B 56 12.75 14.14 4.86
CA ASP B 56 12.27 13.91 3.49
C ASP B 56 13.37 14.04 2.45
N ILE B 57 14.43 14.77 2.77
CA ILE B 57 15.52 14.93 1.82
C ILE B 57 16.25 13.59 1.57
N PRO B 58 16.81 12.97 2.62
CA PRO B 58 17.50 11.71 2.39
C PRO B 58 16.58 10.53 2.04
N VAL B 59 15.38 10.48 2.62
CA VAL B 59 14.48 9.37 2.29
C VAL B 59 14.11 9.43 0.80
N SER B 60 13.74 10.61 0.32
CA SER B 60 13.40 10.81 -1.09
C SER B 60 14.56 10.51 -2.04
N ASN B 61 15.76 11.03 -1.74
CA ASN B 61 16.90 10.78 -2.60
C ASN B 61 17.16 9.27 -2.70
N CYS B 62 16.93 8.56 -1.60
CA CYS B 62 17.12 7.11 -1.58
C CYS B 62 16.11 6.47 -2.55
N LEU B 63 14.83 6.66 -2.26
CA LEU B 63 13.76 6.12 -3.09
C LEU B 63 13.98 6.45 -4.56
N ASN B 64 14.31 7.70 -4.86
CA ASN B 64 14.55 8.11 -6.24
C ASN B 64 15.84 7.52 -6.79
N SER B 65 16.57 6.80 -5.94
CA SER B 65 17.82 6.15 -6.33
C SER B 65 17.64 4.64 -6.28
N ASN B 66 16.38 4.20 -6.28
CA ASN B 66 16.06 2.78 -6.22
C ASN B 66 16.53 2.06 -4.96
N ILE B 67 16.68 2.82 -3.88
CA ILE B 67 17.05 2.24 -2.60
C ILE B 67 15.75 2.26 -1.81
N SER B 68 15.30 1.09 -1.39
CA SER B 68 14.05 1.00 -0.67
C SER B 68 14.14 0.39 0.71
N LYS B 69 15.34 0.05 1.15
CA LYS B 69 15.53 -0.50 2.48
C LYS B 69 16.18 0.63 3.26
N ILE B 70 15.39 1.30 4.08
CA ILE B 70 15.88 2.45 4.83
C ILE B 70 15.65 2.43 6.32
N TYR B 71 16.69 2.78 7.07
CA TYR B 71 16.61 2.87 8.53
C TYR B 71 16.95 4.32 8.88
N VAL B 72 16.25 4.86 9.86
CA VAL B 72 16.47 6.24 10.30
C VAL B 72 16.91 6.19 11.75
N LEU B 73 18.21 6.42 11.98
CA LEU B 73 18.77 6.39 13.32
C LEU B 73 18.56 7.73 14.01
N THR B 74 17.76 7.73 15.06
CA THR B 74 17.50 8.96 15.79
C THR B 74 17.56 8.75 17.29
N GLN B 75 17.72 9.85 18.03
CA GLN B 75 17.84 9.83 19.47
C GLN B 75 16.65 9.22 20.20
N PHE B 76 15.44 9.69 19.91
CA PHE B 76 14.27 9.14 20.59
C PHE B 76 13.03 8.97 19.73
N ASN B 77 12.16 8.05 20.14
CA ASN B 77 10.92 7.81 19.42
C ASN B 77 10.05 9.07 19.48
N SER B 78 9.32 9.31 18.40
CA SER B 78 8.43 10.46 18.28
C SER B 78 7.20 10.01 17.50
N ALA B 79 6.05 10.03 18.15
CA ALA B 79 4.80 9.62 17.50
C ALA B 79 4.62 10.47 16.25
N SER B 80 5.03 11.73 16.34
CA SER B 80 4.93 12.67 15.24
C SER B 80 5.74 12.20 14.03
N LEU B 81 7.01 11.87 14.27
CA LEU B 81 7.94 11.43 13.23
C LEU B 81 7.44 10.15 12.56
N ASN B 82 7.08 9.15 13.35
CA ASN B 82 6.58 7.88 12.82
C ASN B 82 5.33 8.10 11.96
N ARG B 83 4.43 8.94 12.46
CA ARG B 83 3.19 9.24 11.76
C ARG B 83 3.49 9.84 10.38
N HIS B 84 4.52 10.70 10.31
CA HIS B 84 4.91 11.33 9.05
C HIS B 84 5.51 10.27 8.11
N LEU B 85 6.45 9.50 8.64
CA LEU B 85 7.11 8.46 7.87
C LEU B 85 6.15 7.37 7.43
N SER B 86 5.28 6.95 8.33
CA SER B 86 4.30 5.90 8.05
C SER B 86 3.34 6.34 6.95
N ARG B 87 2.77 7.53 7.11
CA ARG B 87 1.82 8.06 6.16
C ARG B 87 2.42 8.47 4.81
N ALA B 88 3.68 8.91 4.81
CA ALA B 88 4.31 9.32 3.57
C ALA B 88 5.03 8.19 2.83
N TYR B 89 5.68 7.30 3.58
CA TYR B 89 6.45 6.23 2.96
C TYR B 89 6.02 4.79 3.25
N ALA B 90 5.92 4.43 4.52
CA ALA B 90 5.55 3.08 4.93
C ALA B 90 4.42 2.48 4.10
N SER B 91 3.38 3.27 3.86
CA SER B 91 2.23 2.82 3.09
C SER B 91 2.61 2.11 1.78
N ASN B 92 3.51 2.71 1.02
CA ASN B 92 3.97 2.14 -0.25
C ASN B 92 5.46 1.85 -0.26
N MET B 93 5.88 0.87 0.54
CA MET B 93 7.28 0.49 0.64
C MET B 93 8.14 1.66 1.12
N ASN B 98 9.71 -5.91 -3.74
CA ASN B 98 8.49 -6.31 -3.04
C ASN B 98 8.66 -6.38 -1.52
N GLU B 99 9.69 -5.70 -1.00
CA GLU B 99 9.94 -5.71 0.44
C GLU B 99 10.80 -4.55 0.92
N GLY B 100 10.31 -3.34 0.72
CA GLY B 100 11.04 -2.17 1.16
C GLY B 100 10.55 -1.74 2.53
N PHE B 101 11.02 -0.58 3.00
CA PHE B 101 10.60 -0.07 4.29
C PHE B 101 11.40 1.15 4.73
N VAL B 102 10.82 1.91 5.66
CA VAL B 102 11.44 3.08 6.25
C VAL B 102 11.17 2.91 7.73
N GLU B 103 12.20 2.51 8.48
CA GLU B 103 12.04 2.29 9.91
C GLU B 103 12.93 3.15 10.80
N VAL B 104 12.33 3.74 11.83
CA VAL B 104 13.02 4.58 12.79
C VAL B 104 13.68 3.72 13.86
N LEU B 105 14.96 3.97 14.12
CA LEU B 105 15.69 3.20 15.14
C LEU B 105 16.19 4.17 16.20
N ALA B 106 15.45 4.25 17.30
CA ALA B 106 15.77 5.13 18.39
C ALA B 106 16.92 4.63 19.24
N ALA B 107 17.80 5.56 19.61
CA ALA B 107 18.95 5.24 20.43
C ALA B 107 18.58 5.08 21.91
N GLN B 108 17.69 5.96 22.39
CA GLN B 108 17.24 5.99 23.79
C GLN B 108 15.78 5.54 23.95
N GLN B 109 15.44 5.12 25.17
CA GLN B 109 14.07 4.72 25.50
C GLN B 109 13.25 5.91 25.96
N SER B 110 13.81 7.10 25.84
CA SER B 110 13.10 8.31 26.24
C SER B 110 13.92 9.53 25.88
N PRO B 111 13.33 10.72 26.04
CA PRO B 111 14.06 11.95 25.71
C PRO B 111 14.76 12.50 26.96
N GLU B 112 14.76 11.72 28.04
CA GLU B 112 15.31 12.09 29.34
C GLU B 112 16.83 12.03 29.62
N ASN B 113 17.67 12.16 28.61
CA ASN B 113 19.12 12.13 28.82
C ASN B 113 19.83 13.40 28.34
N PHE B 117 27.47 12.74 24.42
CA PHE B 117 26.57 11.61 24.60
C PHE B 117 26.90 10.49 23.61
N GLN B 118 26.13 10.41 22.53
CA GLN B 118 26.34 9.39 21.51
C GLN B 118 26.77 9.98 20.17
N GLY B 119 27.69 9.31 19.51
CA GLY B 119 28.16 9.76 18.22
C GLY B 119 27.69 8.83 17.10
N THR B 120 27.85 9.29 15.87
CA THR B 120 27.47 8.57 14.68
C THR B 120 27.94 7.11 14.63
N ALA B 121 29.22 6.88 14.93
CA ALA B 121 29.76 5.51 14.91
C ALA B 121 29.16 4.69 16.04
N ASP B 122 28.75 5.38 17.09
CA ASP B 122 28.13 4.69 18.24
C ASP B 122 26.71 4.29 17.86
N ALA B 123 26.02 5.20 17.19
CA ALA B 123 24.65 4.96 16.75
C ALA B 123 24.54 3.77 15.80
N VAL B 124 25.55 3.58 14.97
CA VAL B 124 25.55 2.47 14.01
C VAL B 124 25.92 1.14 14.68
N ARG B 125 26.94 1.18 15.54
CA ARG B 125 27.38 -0.03 16.23
C ARG B 125 26.25 -0.61 17.08
N GLN B 126 25.43 0.27 17.63
CA GLN B 126 24.33 -0.16 18.50
C GLN B 126 23.34 -1.07 17.77
N TYR B 127 23.15 -0.83 16.49
CA TYR B 127 22.22 -1.62 15.69
C TYR B 127 22.89 -2.52 14.64
N LEU B 128 24.15 -2.84 14.87
CA LEU B 128 24.92 -3.68 13.96
C LEU B 128 24.29 -5.07 13.82
N TRP B 129 23.68 -5.55 14.91
CA TRP B 129 23.04 -6.86 14.92
C TRP B 129 21.85 -6.91 13.95
N LEU B 130 21.24 -5.75 13.70
CA LEU B 130 20.09 -5.69 12.79
C LEU B 130 20.54 -5.49 11.34
N PHE B 131 21.47 -4.57 11.15
CA PHE B 131 22.01 -4.26 9.83
C PHE B 131 22.65 -5.46 9.15
N GLU B 132 23.41 -6.23 9.90
CA GLU B 132 24.12 -7.39 9.36
C GLU B 132 23.21 -8.55 8.97
N GLU B 133 21.94 -8.45 9.35
CA GLU B 133 20.98 -9.49 9.03
C GLU B 133 20.46 -9.30 7.61
N HIS B 134 20.82 -8.18 6.99
CA HIS B 134 20.36 -7.89 5.63
C HIS B 134 21.33 -8.37 4.56
N THR B 135 20.82 -9.14 3.62
CA THR B 135 21.65 -9.65 2.52
C THR B 135 21.90 -8.50 1.57
N VAL B 136 22.92 -7.71 1.88
CA VAL B 136 23.26 -6.56 1.04
C VAL B 136 24.77 -6.52 0.86
N LEU B 137 25.22 -5.82 -0.17
CA LEU B 137 26.64 -5.70 -0.44
C LEU B 137 27.19 -4.42 0.20
N GLU B 138 26.33 -3.41 0.35
CA GLU B 138 26.81 -2.15 0.93
C GLU B 138 25.81 -1.36 1.79
N TYR B 139 26.36 -0.52 2.66
CA TYR B 139 25.56 0.34 3.52
C TYR B 139 25.72 1.76 3.01
N LEU B 140 24.59 2.45 2.84
CA LEU B 140 24.59 3.83 2.38
C LEU B 140 24.38 4.66 3.66
N ILE B 141 25.40 5.39 4.07
CA ILE B 141 25.31 6.19 5.28
C ILE B 141 25.11 7.65 4.97
N LEU B 142 23.93 8.17 5.27
CA LEU B 142 23.61 9.57 5.02
C LEU B 142 23.36 10.38 6.29
N ALA B 143 23.56 11.68 6.20
CA ALA B 143 23.32 12.58 7.30
C ALA B 143 21.86 13.01 7.15
N GLY B 144 21.22 13.42 8.25
CA GLY B 144 19.84 13.83 8.18
C GLY B 144 19.62 15.32 8.26
N ASP B 145 20.54 16.09 7.70
CA ASP B 145 20.43 17.54 7.73
C ASP B 145 21.24 18.25 6.65
N HIS B 146 21.09 17.78 5.41
CA HIS B 146 21.76 18.35 4.25
C HIS B 146 20.71 18.64 3.20
N LEU B 147 20.84 19.76 2.50
CA LEU B 147 19.89 20.12 1.46
C LEU B 147 20.58 19.83 0.13
N TYR B 148 20.11 18.80 -0.57
CA TYR B 148 20.68 18.42 -1.85
C TYR B 148 19.95 17.27 -2.54
N ARG B 149 20.16 17.16 -3.85
CA ARG B 149 19.58 16.10 -4.67
C ARG B 149 20.75 15.30 -5.23
N MET B 150 20.73 14.00 -4.99
CA MET B 150 21.81 13.15 -5.48
C MET B 150 21.30 11.78 -5.89
N ASP B 151 21.84 11.28 -7.00
CA ASP B 151 21.49 9.96 -7.46
C ASP B 151 22.55 9.05 -6.85
N TYR B 152 22.18 8.33 -5.80
CA TYR B 152 23.13 7.47 -5.10
C TYR B 152 23.63 6.26 -5.87
N GLU B 153 23.02 5.95 -7.01
CA GLU B 153 23.44 4.79 -7.77
C GLU B 153 24.81 4.99 -8.39
N LYS B 154 25.09 6.22 -8.83
CA LYS B 154 26.38 6.54 -9.42
C LYS B 154 27.44 6.61 -8.33
N PHE B 155 27.01 6.95 -7.13
CA PHE B 155 27.90 7.03 -5.97
C PHE B 155 28.32 5.57 -5.66
N ILE B 156 27.33 4.69 -5.62
CA ILE B 156 27.54 3.28 -5.35
C ILE B 156 28.24 2.62 -6.53
N GLN B 157 27.94 3.06 -7.74
CA GLN B 157 28.60 2.49 -8.93
C GLN B 157 30.10 2.71 -8.80
N ALA B 158 30.49 3.91 -8.38
CA ALA B 158 31.89 4.28 -8.22
C ALA B 158 32.54 3.45 -7.12
N HIS B 159 31.76 3.09 -6.11
CA HIS B 159 32.27 2.29 -5.01
C HIS B 159 32.58 0.87 -5.48
N ARG B 160 31.76 0.35 -6.37
CA ARG B 160 31.97 -1.01 -6.84
C ARG B 160 33.06 -1.13 -7.91
N GLU B 161 33.17 -0.13 -8.78
CA GLU B 161 34.15 -0.16 -9.84
C GLU B 161 35.59 0.07 -9.37
N THR B 162 35.75 0.81 -8.29
CA THR B 162 37.08 1.09 -7.76
C THR B 162 37.43 0.03 -6.72
N ASP B 163 36.50 -0.90 -6.50
CA ASP B 163 36.69 -1.96 -5.51
C ASP B 163 37.03 -1.33 -4.16
N ALA B 164 36.35 -0.24 -3.83
CA ALA B 164 36.58 0.48 -2.59
C ALA B 164 36.07 -0.22 -1.32
N ASP B 165 36.70 0.08 -0.18
CA ASP B 165 36.25 -0.48 1.10
C ASP B 165 35.26 0.56 1.66
N ILE B 166 35.60 1.82 1.47
CA ILE B 166 34.78 2.95 1.89
C ILE B 166 34.85 4.01 0.79
N THR B 167 33.71 4.56 0.41
CA THR B 167 33.68 5.60 -0.59
C THR B 167 33.05 6.82 0.07
N VAL B 168 33.77 7.93 0.06
CA VAL B 168 33.34 9.18 0.66
C VAL B 168 32.97 10.18 -0.41
N ALA B 169 31.78 10.76 -0.32
CA ALA B 169 31.34 11.76 -1.28
C ALA B 169 32.07 13.08 -0.97
N ALA B 170 32.61 13.73 -2.00
CA ALA B 170 33.35 14.96 -1.79
C ALA B 170 33.05 16.05 -2.82
N LEU B 171 33.50 17.27 -2.51
CA LEU B 171 33.30 18.41 -3.40
C LEU B 171 34.28 19.56 -3.13
N PRO B 172 34.31 20.57 -4.02
CA PRO B 172 35.21 21.72 -3.87
C PRO B 172 34.78 22.55 -2.67
N MET B 173 35.73 23.03 -1.87
CA MET B 173 35.37 23.84 -0.71
C MET B 173 36.24 25.10 -0.58
N ASP B 174 35.60 26.22 -0.22
CA ASP B 174 36.28 27.50 -0.05
C ASP B 174 37.06 27.50 1.28
N GLU B 175 37.95 28.46 1.46
CA GLU B 175 38.76 28.50 2.67
C GLU B 175 38.04 28.92 3.95
N LYS B 176 36.98 29.71 3.84
CA LYS B 176 36.25 30.14 5.02
C LYS B 176 35.58 28.96 5.74
N ARG B 177 34.91 28.10 4.98
CA ARG B 177 34.24 26.95 5.56
C ARG B 177 35.13 25.72 5.79
N ALA B 178 36.21 25.63 5.02
CA ALA B 178 37.13 24.49 5.11
C ALA B 178 37.38 23.95 6.52
N THR B 179 37.33 24.83 7.52
CA THR B 179 37.56 24.42 8.90
C THR B 179 36.45 23.53 9.45
N ALA B 180 35.21 23.85 9.11
CA ALA B 180 34.08 23.07 9.58
C ALA B 180 33.95 21.68 8.96
N PHE B 181 34.85 21.31 8.05
CA PHE B 181 34.78 20.00 7.39
C PHE B 181 36.02 19.13 7.49
N GLY B 182 35.83 17.86 7.13
CA GLY B 182 36.92 16.91 7.09
C GLY B 182 37.46 17.10 5.68
N LEU B 183 38.77 17.31 5.55
CA LEU B 183 39.35 17.53 4.24
C LEU B 183 40.19 16.35 3.77
N MET B 184 40.39 16.26 2.47
CA MET B 184 41.15 15.14 1.93
C MET B 184 42.02 15.49 0.74
N LYS B 185 42.86 14.53 0.38
CA LYS B 185 43.74 14.65 -0.77
C LYS B 185 43.62 13.31 -1.50
N ILE B 186 43.43 13.38 -2.82
CA ILE B 186 43.26 12.17 -3.63
C ILE B 186 44.28 12.00 -4.74
N ASP B 187 44.51 10.76 -5.15
CA ASP B 187 45.41 10.48 -6.25
C ASP B 187 44.59 10.65 -7.54
N GLU B 188 45.19 10.41 -8.70
CA GLU B 188 44.48 10.59 -9.96
C GLU B 188 43.27 9.65 -10.14
N GLU B 189 43.21 8.59 -9.34
CA GLU B 189 42.12 7.64 -9.43
C GLU B 189 41.00 8.02 -8.48
N GLY B 190 41.24 9.07 -7.69
CA GLY B 190 40.25 9.54 -6.73
C GLY B 190 40.41 8.85 -5.39
N ARG B 191 41.38 7.94 -5.29
CA ARG B 191 41.59 7.27 -4.03
C ARG B 191 42.04 8.32 -3.01
N ILE B 192 41.68 8.12 -1.74
CA ILE B 192 42.05 9.07 -0.70
C ILE B 192 43.41 8.74 -0.12
N ILE B 193 44.33 9.69 -0.24
CA ILE B 193 45.70 9.53 0.24
C ILE B 193 45.95 10.23 1.58
N GLU B 194 45.25 11.35 1.79
CA GLU B 194 45.39 12.13 3.02
C GLU B 194 44.02 12.60 3.51
N PHE B 195 43.74 12.37 4.79
CA PHE B 195 42.48 12.80 5.38
C PHE B 195 42.72 13.56 6.69
N ALA B 196 41.88 14.56 6.94
CA ALA B 196 41.98 15.39 8.14
C ALA B 196 40.61 15.90 8.55
N GLU B 197 40.20 15.59 9.78
CA GLU B 197 38.89 16.05 10.25
C GLU B 197 38.95 17.46 10.84
N LYS B 198 38.23 18.38 10.21
CA LYS B 198 38.14 19.77 10.65
C LYS B 198 39.47 20.41 11.08
N PRO B 199 40.54 20.20 10.30
CA PRO B 199 41.83 20.80 10.67
C PRO B 199 41.81 22.33 10.72
N GLN B 200 42.91 22.90 11.19
CA GLN B 200 43.07 24.35 11.29
C GLN B 200 44.55 24.71 11.38
N GLY B 201 44.85 26.00 11.32
CA GLY B 201 46.23 26.44 11.41
C GLY B 201 47.07 25.92 10.26
N GLU B 202 48.30 25.49 10.56
CA GLU B 202 49.21 24.96 9.54
C GLU B 202 48.58 23.76 8.83
N GLN B 203 47.90 22.92 9.60
CA GLN B 203 47.26 21.72 9.09
C GLN B 203 46.20 22.03 8.03
N LEU B 204 45.43 23.11 8.24
CA LEU B 204 44.40 23.52 7.29
C LEU B 204 45.00 23.98 5.96
N GLN B 205 46.05 24.79 6.04
CA GLN B 205 46.71 25.32 4.86
C GLN B 205 47.46 24.22 4.09
N ALA B 206 47.91 23.20 4.80
CA ALA B 206 48.64 22.11 4.18
C ALA B 206 47.70 21.21 3.37
N MET B 207 46.39 21.36 3.61
CA MET B 207 45.42 20.57 2.89
C MET B 207 45.03 21.23 1.57
N LYS B 208 45.34 22.51 1.42
CA LYS B 208 45.03 23.20 0.17
C LYS B 208 45.62 22.36 -0.96
N VAL B 209 44.83 22.13 -2.01
CA VAL B 209 45.29 21.30 -3.11
C VAL B 209 44.80 21.88 -4.44
N ASP B 210 45.27 21.28 -5.53
CA ASP B 210 44.89 21.74 -6.87
C ASP B 210 43.55 21.16 -7.29
N THR B 211 42.50 21.96 -7.18
CA THR B 211 41.16 21.51 -7.56
C THR B 211 40.91 21.72 -9.04
N THR B 212 41.92 21.41 -9.85
CA THR B 212 41.82 21.52 -11.29
C THR B 212 41.47 20.11 -11.76
N ILE B 213 41.95 19.13 -11.01
CA ILE B 213 41.70 17.73 -11.31
C ILE B 213 40.22 17.40 -11.08
N LEU B 214 39.53 18.29 -10.38
CA LEU B 214 38.12 18.12 -10.11
C LEU B 214 37.30 18.67 -11.27
N GLY B 215 37.96 19.44 -12.11
CA GLY B 215 37.28 20.02 -13.25
C GLY B 215 37.22 21.54 -13.17
N LEU B 216 37.47 22.08 -11.98
CA LEU B 216 37.43 23.53 -11.81
C LEU B 216 38.41 24.19 -12.76
N ASP B 217 37.91 25.15 -13.54
CA ASP B 217 38.71 25.88 -14.51
C ASP B 217 40.12 26.14 -13.99
N ASP B 218 40.27 27.25 -13.27
CA ASP B 218 41.55 27.63 -12.70
C ASP B 218 41.30 28.89 -11.89
N LYS B 219 40.35 29.69 -12.37
CA LYS B 219 39.97 30.93 -11.72
C LYS B 219 39.28 30.61 -10.40
N ARG B 220 38.32 29.69 -10.46
CA ARG B 220 37.57 29.29 -9.27
C ARG B 220 38.21 28.10 -8.55
N ALA B 221 39.34 27.63 -9.06
CA ALA B 221 40.05 26.50 -8.46
C ALA B 221 40.97 26.98 -7.35
N LYS B 222 41.48 28.20 -7.48
CA LYS B 222 42.36 28.75 -6.47
C LYS B 222 41.44 29.44 -5.47
N GLU B 223 40.17 29.52 -5.84
CA GLU B 223 39.15 30.14 -5.00
C GLU B 223 38.53 29.08 -4.09
N MET B 224 38.74 27.82 -4.44
CA MET B 224 38.25 26.69 -3.67
C MET B 224 39.28 25.58 -3.83
N PRO B 225 40.43 25.69 -3.15
CA PRO B 225 41.51 24.72 -3.20
C PRO B 225 41.35 23.64 -2.14
N PHE B 226 40.12 23.21 -1.91
CA PHE B 226 39.83 22.18 -0.91
C PHE B 226 38.87 21.11 -1.40
N ILE B 227 39.08 19.88 -0.92
CA ILE B 227 38.20 18.77 -1.26
C ILE B 227 37.63 18.30 0.09
N ALA B 228 36.42 18.76 0.36
CA ALA B 228 35.74 18.47 1.62
C ALA B 228 34.81 17.26 1.58
N SER B 229 34.83 16.47 2.64
CA SER B 229 33.96 15.32 2.75
C SER B 229 32.54 15.83 2.93
N MET B 230 31.58 15.18 2.30
CA MET B 230 30.18 15.58 2.39
C MET B 230 29.51 14.86 3.55
N GLY B 231 30.27 14.06 4.27
CA GLY B 231 29.72 13.33 5.40
C GLY B 231 28.81 12.18 5.04
N ILE B 232 28.83 11.72 3.78
CA ILE B 232 28.01 10.57 3.41
C ILE B 232 28.94 9.50 2.85
N TYR B 233 28.62 8.23 3.10
CA TYR B 233 29.49 7.16 2.67
C TYR B 233 28.83 5.86 2.26
N VAL B 234 29.56 5.09 1.46
CA VAL B 234 29.14 3.77 1.02
C VAL B 234 30.20 2.87 1.61
N ILE B 235 29.81 1.97 2.50
CA ILE B 235 30.74 1.06 3.12
C ILE B 235 30.33 -0.39 2.79
N SER B 236 31.28 -1.19 2.31
CA SER B 236 30.96 -2.58 2.01
C SER B 236 30.53 -3.25 3.31
N LYS B 237 29.54 -4.13 3.23
CA LYS B 237 29.02 -4.79 4.42
C LYS B 237 30.04 -5.26 5.46
N ASP B 238 30.89 -6.20 5.07
CA ASP B 238 31.88 -6.74 6.00
C ASP B 238 32.88 -5.71 6.52
N VAL B 239 33.20 -4.69 5.72
CA VAL B 239 34.13 -3.66 6.15
C VAL B 239 33.56 -2.91 7.33
N MET B 240 32.29 -2.58 7.23
CA MET B 240 31.58 -1.87 8.29
C MET B 240 31.61 -2.65 9.58
N LEU B 241 31.24 -3.92 9.51
CA LEU B 241 31.24 -4.76 10.70
C LEU B 241 32.67 -4.81 11.23
N ASN B 242 33.63 -4.98 10.33
CA ASN B 242 35.03 -5.04 10.74
C ASN B 242 35.48 -3.78 11.47
N LEU B 243 35.27 -2.63 10.86
CA LEU B 243 35.70 -1.37 11.45
C LEU B 243 35.09 -1.05 12.81
N LEU B 244 33.78 -1.19 12.91
CA LEU B 244 33.07 -0.87 14.14
C LEU B 244 33.16 -1.86 15.28
N ARG B 245 33.33 -3.15 14.98
CA ARG B 245 33.41 -4.16 16.02
C ARG B 245 34.84 -4.54 16.40
N ASP B 246 35.68 -4.78 15.41
CA ASP B 246 37.06 -5.21 15.64
C ASP B 246 38.12 -4.11 15.67
N LYS B 247 38.32 -3.44 14.53
CA LYS B 247 39.34 -2.40 14.43
C LYS B 247 39.17 -1.23 15.38
N PHE B 248 38.02 -0.57 15.36
CA PHE B 248 37.82 0.57 16.23
C PHE B 248 36.60 0.49 17.13
N PRO B 249 36.51 -0.57 17.94
CA PRO B 249 35.38 -0.78 18.85
C PRO B 249 35.15 0.41 19.77
N GLY B 250 36.15 1.28 19.85
CA GLY B 250 36.04 2.45 20.71
C GLY B 250 35.72 3.76 20.01
N ALA B 251 35.64 3.76 18.68
CA ALA B 251 35.34 4.99 17.93
C ALA B 251 33.93 5.53 18.23
N ASN B 252 33.76 6.84 18.17
CA ASN B 252 32.47 7.46 18.42
C ASN B 252 31.91 8.13 17.17
N ASP B 253 32.79 8.76 16.39
CA ASP B 253 32.40 9.46 15.18
C ASP B 253 33.08 8.85 13.96
N PHE B 254 32.41 8.97 12.81
CA PHE B 254 32.95 8.43 11.57
C PHE B 254 34.09 9.29 11.05
N GLY B 255 33.76 10.53 10.70
CA GLY B 255 34.74 11.44 10.16
C GLY B 255 35.96 11.67 11.03
N SER B 256 35.74 11.83 12.33
CA SER B 256 36.82 12.09 13.26
C SER B 256 37.64 10.86 13.64
N GLU B 257 37.05 9.68 13.55
CA GLU B 257 37.79 8.50 13.95
C GLU B 257 37.77 7.29 13.01
N VAL B 258 36.61 6.92 12.49
CA VAL B 258 36.54 5.75 11.62
C VAL B 258 37.19 5.97 10.26
N ILE B 259 36.91 7.09 9.63
CA ILE B 259 37.48 7.39 8.32
C ILE B 259 38.99 7.52 8.37
N PRO B 260 39.51 8.34 9.29
CA PRO B 260 40.97 8.48 9.36
C PRO B 260 41.61 7.15 9.69
N GLY B 261 40.99 6.43 10.61
CA GLY B 261 41.52 5.14 11.01
C GLY B 261 41.59 4.15 9.86
N ALA B 262 40.55 4.14 9.03
CA ALA B 262 40.48 3.24 7.89
C ALA B 262 41.64 3.48 6.94
N THR B 263 41.92 4.74 6.65
CA THR B 263 43.01 5.09 5.76
C THR B 263 44.33 4.62 6.36
N SER B 264 44.62 5.04 7.59
CA SER B 264 45.86 4.68 8.27
C SER B 264 46.12 3.17 8.22
N LEU B 265 45.06 2.37 8.14
CA LEU B 265 45.19 0.91 8.09
C LEU B 265 45.48 0.45 6.67
N GLY B 266 45.46 1.39 5.74
CA GLY B 266 45.72 1.07 4.35
C GLY B 266 44.54 0.51 3.59
N MET B 267 43.34 0.71 4.13
CA MET B 267 42.13 0.22 3.49
C MET B 267 41.82 1.07 2.27
N ARG B 268 41.19 0.49 1.27
CA ARG B 268 40.86 1.23 0.06
C ARG B 268 39.81 2.30 0.35
N VAL B 269 40.22 3.55 0.52
CA VAL B 269 39.29 4.65 0.78
C VAL B 269 39.21 5.54 -0.45
N GLN B 270 38.09 5.41 -1.16
CA GLN B 270 37.85 6.15 -2.39
C GLN B 270 37.01 7.39 -2.19
N ALA B 271 37.27 8.42 -2.98
CA ALA B 271 36.50 9.64 -2.94
C ALA B 271 35.65 9.68 -4.20
N TYR B 272 34.47 10.29 -4.11
CA TYR B 272 33.55 10.39 -5.23
C TYR B 272 33.14 11.86 -5.31
N LEU B 273 33.48 12.49 -6.42
CA LEU B 273 33.19 13.90 -6.62
C LEU B 273 31.76 14.25 -7.04
N TYR B 274 31.11 15.06 -6.22
CA TYR B 274 29.75 15.50 -6.49
C TYR B 274 29.84 16.88 -7.14
N ASP B 275 28.89 17.19 -8.02
CA ASP B 275 28.93 18.47 -8.72
C ASP B 275 27.71 19.33 -8.54
N GLY B 276 26.63 18.77 -8.02
CA GLY B 276 25.44 19.57 -7.84
C GLY B 276 25.51 20.51 -6.66
N TYR B 277 24.34 21.03 -6.28
CA TYR B 277 24.22 21.94 -5.15
C TYR B 277 24.27 21.07 -3.88
N TRP B 278 24.73 21.66 -2.78
CA TRP B 278 24.82 20.94 -1.52
C TRP B 278 25.06 21.88 -0.35
N GLU B 279 24.13 21.87 0.60
CA GLU B 279 24.27 22.71 1.78
C GLU B 279 23.98 21.94 3.05
N ASP B 280 24.85 22.12 4.05
CA ASP B 280 24.64 21.47 5.33
C ASP B 280 23.77 22.51 6.06
N ILE B 281 22.62 22.08 6.56
CA ILE B 281 21.73 23.01 7.25
C ILE B 281 21.56 22.64 8.72
N GLY B 282 22.64 22.13 9.30
CA GLY B 282 22.63 21.75 10.71
C GLY B 282 22.68 22.90 11.69
N THR B 283 22.93 24.12 11.22
CA THR B 283 22.98 25.29 12.10
C THR B 283 21.86 26.26 11.74
N ILE B 284 21.41 27.05 12.71
CA ILE B 284 20.32 27.99 12.50
C ILE B 284 20.54 28.90 11.31
N GLU B 285 21.69 29.55 11.26
CA GLU B 285 21.98 30.48 10.15
C GLU B 285 21.93 29.76 8.81
N ALA B 286 22.62 28.64 8.72
CA ALA B 286 22.66 27.86 7.50
C ALA B 286 21.25 27.48 7.09
N PHE B 287 20.48 26.98 8.07
CA PHE B 287 19.10 26.58 7.85
C PHE B 287 18.33 27.75 7.26
N TYR B 288 18.36 28.87 7.98
CA TYR B 288 17.68 30.07 7.55
C TYR B 288 18.02 30.45 6.11
N ASN B 289 19.30 30.65 5.82
CA ASN B 289 19.72 31.03 4.46
C ASN B 289 19.29 30.01 3.41
N ALA B 290 19.48 28.73 3.73
CA ALA B 290 19.11 27.69 2.77
C ALA B 290 17.63 27.82 2.44
N ASN B 291 16.79 27.94 3.48
CA ASN B 291 15.35 28.08 3.29
C ASN B 291 14.95 29.27 2.44
N LEU B 292 15.47 30.45 2.75
CA LEU B 292 15.12 31.62 1.95
C LEU B 292 15.77 31.52 0.57
N GLY B 293 16.69 30.56 0.44
CA GLY B 293 17.38 30.36 -0.83
C GLY B 293 16.50 29.87 -1.95
N ILE B 294 15.31 29.36 -1.63
CA ILE B 294 14.39 28.87 -2.65
C ILE B 294 13.55 29.99 -3.28
N THR B 295 13.75 31.23 -2.83
CA THR B 295 13.00 32.37 -3.37
C THR B 295 13.80 33.17 -4.40
N LYS B 296 15.10 32.93 -4.44
CA LYS B 296 15.97 33.65 -5.37
C LYS B 296 15.66 33.39 -6.84
N LYS B 297 15.79 34.42 -7.66
CA LYS B 297 15.53 34.31 -9.09
C LYS B 297 16.81 34.56 -9.89
N PRO B 298 16.82 34.20 -11.17
CA PRO B 298 15.73 33.58 -11.93
C PRO B 298 15.39 32.18 -11.42
N VAL B 299 16.43 31.46 -10.99
CA VAL B 299 16.26 30.10 -10.50
C VAL B 299 17.05 29.84 -9.22
N PRO B 300 16.39 29.25 -8.20
CA PRO B 300 17.03 28.94 -6.93
C PRO B 300 18.03 27.81 -7.10
N ASP B 301 19.08 27.81 -6.29
CA ASP B 301 20.10 26.78 -6.37
C ASP B 301 19.54 25.39 -6.09
N PHE B 302 18.40 25.34 -5.40
CA PHE B 302 17.78 24.07 -5.09
C PHE B 302 16.26 24.13 -5.15
N SER B 303 15.67 23.19 -5.87
CA SER B 303 14.23 23.12 -5.95
C SER B 303 13.83 21.75 -5.41
N PHE B 304 12.79 21.72 -4.59
CA PHE B 304 12.33 20.44 -4.04
C PHE B 304 11.69 19.61 -5.13
N TYR B 305 11.02 20.27 -6.06
CA TYR B 305 10.37 19.57 -7.16
C TYR B 305 11.33 19.31 -8.31
N ASP B 306 11.20 18.12 -8.87
CA ASP B 306 12.01 17.69 -9.98
C ASP B 306 11.16 16.68 -10.73
N ARG B 307 10.96 16.91 -12.02
CA ARG B 307 10.17 16.03 -12.86
C ARG B 307 10.58 14.56 -12.62
N SER B 308 11.88 14.33 -12.58
CA SER B 308 12.47 13.01 -12.40
C SER B 308 12.70 12.62 -10.93
N ALA B 309 13.41 13.45 -10.17
CA ALA B 309 13.69 13.13 -8.77
C ALA B 309 13.13 14.17 -7.78
N PRO B 310 11.79 14.18 -7.61
CA PRO B 310 11.20 15.16 -6.70
C PRO B 310 11.41 14.79 -5.24
N ILE B 311 11.26 15.76 -4.35
CA ILE B 311 11.38 15.47 -2.93
C ILE B 311 9.95 15.17 -2.52
N TYR B 312 9.74 14.05 -1.84
CA TYR B 312 8.41 13.68 -1.41
C TYR B 312 8.08 14.19 -0.02
N THR B 313 6.83 13.97 0.38
CA THR B 313 6.38 14.35 1.70
C THR B 313 5.02 13.71 1.92
N GLN B 314 4.42 13.98 3.07
CA GLN B 314 3.13 13.41 3.41
C GLN B 314 1.97 14.05 2.68
N PRO B 315 1.08 13.21 2.11
CA PRO B 315 -0.11 13.65 1.38
C PRO B 315 -1.05 14.22 2.45
N ARG B 316 -1.49 15.47 2.28
CA ARG B 316 -2.34 16.07 3.30
C ARG B 316 -3.72 16.49 2.83
N TYR B 317 -3.90 16.55 1.52
CA TYR B 317 -5.18 16.93 0.94
C TYR B 317 -5.71 18.26 1.51
N LEU B 318 -4.80 19.21 1.72
CA LEU B 318 -5.20 20.52 2.22
C LEU B 318 -5.76 21.34 1.07
N PRO B 319 -6.66 22.27 1.36
CA PRO B 319 -7.25 23.09 0.31
C PRO B 319 -6.26 24.11 -0.24
N PRO B 320 -6.60 24.73 -1.38
CA PRO B 320 -5.74 25.74 -2.00
C PRO B 320 -5.69 26.95 -1.08
N SER B 321 -4.53 27.58 -1.00
CA SER B 321 -4.32 28.75 -0.15
C SER B 321 -5.26 29.89 -0.49
N LYS B 322 -5.79 30.52 0.55
CA LYS B 322 -6.69 31.66 0.38
C LYS B 322 -5.96 32.97 0.62
N MET B 323 -6.17 33.93 -0.25
CA MET B 323 -5.54 35.23 -0.10
C MET B 323 -6.59 36.31 -0.20
N LEU B 324 -6.85 36.97 0.92
CA LEU B 324 -7.86 38.03 0.96
C LEU B 324 -7.38 39.29 0.24
N ASP B 325 -6.23 39.83 0.68
CA ASP B 325 -5.69 41.05 0.08
C ASP B 325 -4.18 41.07 0.37
N ALA B 326 -3.45 40.17 -0.30
CA ALA B 326 -2.02 40.04 -0.10
C ALA B 326 -1.11 40.55 -1.21
N ASP B 327 -0.05 41.23 -0.80
CA ASP B 327 0.95 41.74 -1.73
C ASP B 327 2.18 40.88 -1.44
N VAL B 328 2.41 39.92 -2.34
CA VAL B 328 3.50 38.98 -2.19
C VAL B 328 4.63 39.16 -3.22
N THR B 329 5.85 39.32 -2.71
CA THR B 329 7.02 39.53 -3.55
C THR B 329 8.12 38.57 -3.14
N ASP B 330 8.80 38.00 -4.13
CA ASP B 330 9.90 37.08 -3.90
C ASP B 330 9.59 36.02 -2.85
N SER B 331 8.38 35.48 -2.86
CA SER B 331 8.06 34.48 -1.84
C SER B 331 7.42 33.20 -2.36
N VAL B 332 7.47 32.17 -1.54
CA VAL B 332 6.84 30.91 -1.88
C VAL B 332 5.78 30.65 -0.82
N ILE B 333 4.63 30.14 -1.26
CA ILE B 333 3.54 29.88 -0.33
C ILE B 333 3.14 28.42 -0.28
N GLY B 334 3.23 27.87 0.93
CA GLY B 334 2.86 26.50 1.16
C GLY B 334 1.38 26.26 0.92
N GLU B 335 0.97 25.02 1.15
CA GLU B 335 -0.42 24.63 0.93
C GLU B 335 -1.41 24.89 2.07
N GLY B 336 -2.63 25.26 1.72
CA GLY B 336 -3.67 25.49 2.72
C GLY B 336 -3.47 26.66 3.66
N CYS B 337 -2.99 27.77 3.11
CA CYS B 337 -2.77 28.95 3.90
C CYS B 337 -4.01 29.83 3.85
N VAL B 338 -4.21 30.61 4.91
CA VAL B 338 -5.33 31.55 5.01
C VAL B 338 -4.67 32.90 5.29
N ILE B 339 -4.52 33.69 4.24
CA ILE B 339 -3.84 34.96 4.34
C ILE B 339 -4.81 36.12 4.13
N LYS B 340 -4.85 37.07 5.07
CA LYS B 340 -5.76 38.21 4.94
C LYS B 340 -5.12 39.37 4.19
N ASN B 341 -5.46 40.59 4.58
CA ASN B 341 -4.90 41.79 3.97
C ASN B 341 -3.54 42.03 4.62
N CYS B 342 -2.47 41.59 3.95
CA CYS B 342 -1.14 41.75 4.53
C CYS B 342 -0.06 41.93 3.47
N LYS B 343 1.19 41.97 3.92
CA LYS B 343 2.33 42.14 3.02
C LYS B 343 3.38 41.08 3.32
N ILE B 344 3.75 40.29 2.32
CA ILE B 344 4.75 39.24 2.52
C ILE B 344 5.93 39.46 1.56
N HIS B 345 7.14 39.55 2.12
CA HIS B 345 8.32 39.82 1.31
C HIS B 345 9.51 38.89 1.55
N HIS B 346 10.07 38.37 0.45
CA HIS B 346 11.24 37.51 0.54
C HIS B 346 11.08 36.50 1.68
N SER B 347 9.93 35.84 1.73
CA SER B 347 9.67 34.87 2.81
C SER B 347 9.14 33.52 2.34
N VAL B 348 9.18 32.56 3.26
CA VAL B 348 8.67 31.21 3.00
C VAL B 348 7.50 30.99 3.95
N VAL B 349 6.29 30.94 3.39
CA VAL B 349 5.07 30.75 4.18
C VAL B 349 4.70 29.28 4.32
N GLY B 350 4.91 28.72 5.51
CA GLY B 350 4.61 27.31 5.77
C GLY B 350 3.15 26.90 5.71
N LEU B 351 2.90 25.60 5.53
CA LEU B 351 1.55 25.06 5.41
C LEU B 351 0.63 25.39 6.59
N ARG B 352 -0.63 25.68 6.26
CA ARG B 352 -1.68 26.03 7.21
C ARG B 352 -1.43 27.36 7.91
N SER B 353 -0.57 28.20 7.34
CA SER B 353 -0.26 29.50 7.94
C SER B 353 -1.45 30.46 7.92
N CYS B 354 -1.70 31.10 9.06
CA CYS B 354 -2.77 32.08 9.17
C CYS B 354 -2.10 33.42 9.42
N ILE B 355 -2.34 34.36 8.51
CA ILE B 355 -1.74 35.67 8.59
C ILE B 355 -2.82 36.73 8.59
N SER B 356 -2.90 37.45 9.70
CA SER B 356 -3.90 38.49 9.89
C SER B 356 -3.64 39.84 9.22
N GLU B 357 -4.68 40.67 9.31
CA GLU B 357 -4.76 42.01 8.77
C GLU B 357 -3.58 42.93 9.14
N GLY B 358 -3.06 43.63 8.14
CA GLY B 358 -1.95 44.55 8.34
C GLY B 358 -0.61 43.94 8.71
N ALA B 359 -0.55 42.63 8.86
CA ALA B 359 0.71 42.01 9.21
C ALA B 359 1.72 42.28 8.08
N ILE B 360 2.99 42.32 8.44
CA ILE B 360 4.09 42.53 7.50
C ILE B 360 5.18 41.51 7.81
N ILE B 361 5.39 40.60 6.86
CA ILE B 361 6.37 39.51 7.00
C ILE B 361 7.51 39.76 6.02
N GLU B 362 8.72 39.93 6.55
CA GLU B 362 9.91 40.20 5.74
C GLU B 362 11.01 39.22 6.03
N ASP B 363 11.72 38.81 4.98
CA ASP B 363 12.85 37.90 5.10
C ASP B 363 12.66 36.86 6.21
N SER B 364 11.48 36.27 6.28
CA SER B 364 11.22 35.30 7.33
C SER B 364 10.82 33.91 6.85
N LEU B 365 10.86 32.98 7.78
CA LEU B 365 10.49 31.60 7.57
C LEU B 365 9.35 31.26 8.53
N LEU B 366 8.13 31.14 8.03
CA LEU B 366 6.99 30.82 8.89
C LEU B 366 6.72 29.31 8.78
N MET B 367 7.06 28.56 9.83
CA MET B 367 6.88 27.11 9.82
C MET B 367 5.43 26.68 9.58
N GLY B 368 4.48 27.54 9.92
CA GLY B 368 3.08 27.21 9.73
C GLY B 368 2.44 26.55 10.94
N ALA B 369 1.47 25.68 10.71
CA ALA B 369 0.78 25.02 11.81
C ALA B 369 0.46 23.56 11.49
N ASP B 370 0.17 22.79 12.54
CA ASP B 370 -0.14 21.38 12.42
C ASP B 370 -1.62 21.06 12.24
N TYR B 371 -2.47 22.07 12.43
CA TYR B 371 -3.92 21.88 12.29
C TYR B 371 -4.60 23.23 12.18
N TYR B 372 -5.91 23.22 11.98
CA TYR B 372 -6.64 24.47 11.89
C TYR B 372 -7.52 24.65 13.13
N GLU B 373 -7.53 25.87 13.66
CA GLU B 373 -8.41 26.14 14.80
C GLU B 373 -9.74 26.54 14.14
N THR B 374 -10.84 26.24 14.82
CA THR B 374 -12.17 26.55 14.30
C THR B 374 -12.60 27.91 14.79
N ASP B 375 -13.63 28.48 14.18
CA ASP B 375 -14.13 29.78 14.60
C ASP B 375 -14.56 29.69 16.07
N ALA B 376 -14.90 28.49 16.52
CA ALA B 376 -15.32 28.29 17.89
C ALA B 376 -14.09 28.18 18.79
N ASP B 377 -13.02 27.58 18.27
CA ASP B 377 -11.77 27.48 19.04
C ASP B 377 -11.32 28.91 19.33
N ARG B 378 -11.33 29.72 18.27
CA ARG B 378 -10.92 31.11 18.34
C ARG B 378 -11.82 31.98 19.24
N LYS B 379 -13.00 31.48 19.56
CA LYS B 379 -13.92 32.23 20.41
C LYS B 379 -13.54 32.03 21.88
N LEU B 380 -13.19 30.79 22.23
CA LEU B 380 -12.78 30.47 23.60
C LEU B 380 -11.47 31.17 23.95
N LEU B 381 -10.52 31.20 23.01
CA LEU B 381 -9.22 31.84 23.21
C LEU B 381 -9.37 33.31 23.60
N ALA B 382 -10.20 34.03 22.85
CA ALA B 382 -10.43 35.45 23.11
C ALA B 382 -11.07 35.68 24.49
N ALA B 383 -12.12 34.93 24.79
CA ALA B 383 -12.80 35.06 26.08
C ALA B 383 -11.85 34.82 27.23
N LYS B 384 -10.67 34.29 26.92
CA LYS B 384 -9.67 34.02 27.95
C LYS B 384 -8.43 34.88 27.77
N GLY B 385 -8.54 35.91 26.92
CA GLY B 385 -7.40 36.78 26.69
C GLY B 385 -6.20 36.12 26.04
N SER B 386 -6.37 34.91 25.49
CA SER B 386 -5.28 34.21 24.83
C SER B 386 -5.22 34.66 23.38
N VAL B 387 -4.24 34.18 22.62
CA VAL B 387 -4.17 34.57 21.23
C VAL B 387 -4.21 33.32 20.34
N PRO B 388 -4.85 33.43 19.16
CA PRO B 388 -4.96 32.31 18.22
C PRO B 388 -3.65 31.96 17.53
N ILE B 389 -3.58 30.73 17.02
CA ILE B 389 -2.40 30.30 16.28
C ILE B 389 -2.31 31.22 15.07
N GLY B 390 -1.10 31.64 14.72
CA GLY B 390 -0.93 32.51 13.56
C GLY B 390 -0.20 33.80 13.80
N ILE B 391 -0.13 34.64 12.77
CA ILE B 391 0.51 35.94 12.87
C ILE B 391 -0.62 36.92 13.16
N GLY B 392 -0.55 37.62 14.29
CA GLY B 392 -1.60 38.57 14.65
C GLY B 392 -1.70 39.82 13.79
N LYS B 393 -2.73 40.62 14.05
CA LYS B 393 -2.96 41.87 13.32
C LYS B 393 -1.82 42.86 13.50
N ASN B 394 -1.54 43.61 12.44
CA ASN B 394 -0.49 44.61 12.44
C ASN B 394 0.78 44.19 13.16
N CYS B 395 1.26 43.00 12.82
CA CYS B 395 2.49 42.49 13.38
C CYS B 395 3.58 42.77 12.36
N HIS B 396 4.83 42.80 12.82
CA HIS B 396 5.94 43.03 11.91
C HIS B 396 6.88 41.87 12.21
N ILE B 397 7.10 41.01 11.22
CA ILE B 397 8.01 39.88 11.40
C ILE B 397 9.21 40.10 10.45
N LYS B 398 10.40 40.17 11.01
CA LYS B 398 11.60 40.46 10.22
C LYS B 398 12.80 39.58 10.60
N ARG B 399 13.43 39.01 9.58
CA ARG B 399 14.58 38.12 9.77
C ARG B 399 14.32 37.13 10.91
N ALA B 400 13.22 36.39 10.81
CA ALA B 400 12.87 35.42 11.83
C ALA B 400 12.43 34.01 11.34
N ILE B 401 12.35 33.11 12.31
CA ILE B 401 11.92 31.75 12.08
C ILE B 401 10.79 31.56 13.09
N ILE B 402 9.54 31.58 12.61
CA ILE B 402 8.36 31.41 13.46
C ILE B 402 7.98 29.92 13.41
N ASP B 403 8.30 29.18 14.48
CA ASP B 403 8.01 27.75 14.50
C ASP B 403 6.51 27.40 14.52
N LYS B 404 6.21 26.11 14.39
CA LYS B 404 4.83 25.61 14.32
C LYS B 404 3.87 25.97 15.44
N ASN B 405 2.66 26.33 15.05
CA ASN B 405 1.59 26.64 15.99
C ASN B 405 1.85 27.83 16.91
N ALA B 406 2.70 28.74 16.49
CA ALA B 406 3.03 29.91 17.29
C ALA B 406 1.86 30.89 17.38
N ARG B 407 1.54 31.32 18.58
CA ARG B 407 0.46 32.28 18.76
C ARG B 407 1.04 33.68 18.89
N ILE B 408 1.06 34.41 17.78
CA ILE B 408 1.62 35.75 17.81
C ILE B 408 0.58 36.84 17.87
N GLY B 409 0.47 37.41 19.07
CA GLY B 409 -0.51 38.46 19.32
C GLY B 409 -0.40 39.67 18.42
N ASP B 410 -1.41 40.54 18.53
CA ASP B 410 -1.47 41.75 17.73
C ASP B 410 -0.37 42.77 18.09
N ASN B 411 0.02 43.57 17.11
CA ASN B 411 1.02 44.61 17.29
C ASN B 411 2.40 44.11 17.69
N VAL B 412 2.64 42.80 17.57
CA VAL B 412 3.96 42.28 17.90
C VAL B 412 4.92 42.67 16.78
N LYS B 413 6.13 43.05 17.15
CA LYS B 413 7.13 43.44 16.17
C LYS B 413 8.42 42.71 16.48
N ILE B 414 8.88 41.92 15.52
CA ILE B 414 10.11 41.17 15.69
C ILE B 414 11.17 41.73 14.74
N ILE B 415 11.71 42.89 15.10
CA ILE B 415 12.70 43.56 14.27
C ILE B 415 14.11 43.56 14.88
N ASN B 416 14.22 43.14 16.13
CA ASN B 416 15.52 43.09 16.82
C ASN B 416 16.32 44.35 16.52
N LYS B 417 15.74 45.49 16.90
CA LYS B 417 16.31 46.83 16.70
C LYS B 417 17.80 46.94 17.02
N ASP B 418 18.16 46.60 18.25
CA ASP B 418 19.55 46.68 18.69
C ASP B 418 20.48 45.71 17.94
N ASN B 419 19.89 44.78 17.19
CA ASN B 419 20.64 43.78 16.44
C ASN B 419 21.39 42.84 17.36
N VAL B 420 20.67 42.30 18.35
CA VAL B 420 21.24 41.35 19.30
C VAL B 420 21.52 40.06 18.52
N GLN B 421 22.68 39.45 18.75
CA GLN B 421 23.06 38.22 18.05
C GLN B 421 22.60 36.95 18.74
N GLU B 422 22.76 36.89 20.05
CA GLU B 422 22.36 35.71 20.79
C GLU B 422 21.61 36.06 22.06
N ALA B 423 20.69 35.20 22.44
CA ALA B 423 19.90 35.41 23.64
C ALA B 423 18.98 34.22 23.79
N ALA B 424 19.07 33.56 24.93
CA ALA B 424 18.23 32.41 25.22
C ALA B 424 17.09 32.93 26.09
N ARG B 425 15.89 32.94 25.53
CA ARG B 425 14.73 33.44 26.25
C ARG B 425 13.53 32.51 26.19
N GLU B 426 13.79 31.21 26.32
CA GLU B 426 12.75 30.19 26.29
C GLU B 426 11.45 30.59 27.00
N THR B 427 11.57 31.17 28.20
CA THR B 427 10.40 31.58 28.98
C THR B 427 9.58 32.69 28.30
N ASP B 428 10.20 33.47 27.42
CA ASP B 428 9.48 34.52 26.72
C ASP B 428 9.09 34.06 25.32
N GLY B 429 9.31 32.77 25.05
CA GLY B 429 8.95 32.20 23.76
C GLY B 429 9.92 32.27 22.61
N TYR B 430 11.12 32.81 22.81
CA TYR B 430 12.06 32.89 21.70
C TYR B 430 13.50 32.58 22.06
N PHE B 431 14.37 32.68 21.05
CA PHE B 431 15.78 32.40 21.21
C PHE B 431 16.41 33.11 20.01
N ILE B 432 17.48 33.84 20.23
CA ILE B 432 18.12 34.54 19.11
C ILE B 432 19.44 33.85 18.84
N LYS B 433 19.70 33.58 17.57
CA LYS B 433 20.95 32.94 17.19
C LYS B 433 21.42 33.52 15.87
N SER B 434 22.69 33.93 15.85
CA SER B 434 23.28 34.52 14.67
C SER B 434 22.44 35.72 14.23
N GLY B 435 21.77 36.34 15.20
CA GLY B 435 20.96 37.52 14.90
C GLY B 435 19.59 37.18 14.34
N ILE B 436 19.26 35.89 14.36
CA ILE B 436 17.98 35.42 13.85
C ILE B 436 17.09 35.11 15.04
N VAL B 437 15.88 35.67 15.04
CA VAL B 437 14.93 35.44 16.12
C VAL B 437 14.04 34.26 15.78
N THR B 438 14.13 33.21 16.58
CA THR B 438 13.29 32.05 16.36
C THR B 438 12.22 31.88 17.43
N VAL B 439 10.96 32.08 17.06
CA VAL B 439 9.88 31.87 18.02
C VAL B 439 9.71 30.36 18.16
N ILE B 440 9.70 29.87 19.39
CA ILE B 440 9.57 28.45 19.67
C ILE B 440 8.21 27.86 19.27
N LYS B 441 8.16 26.53 19.12
CA LYS B 441 6.93 25.85 18.74
C LYS B 441 5.86 26.01 19.84
N ASP B 442 4.61 26.19 19.42
CA ASP B 442 3.50 26.36 20.35
C ASP B 442 3.64 27.53 21.33
N ALA B 443 4.56 28.44 21.05
CA ALA B 443 4.75 29.58 21.94
C ALA B 443 3.72 30.69 21.74
N LEU B 444 3.39 31.36 22.83
CA LEU B 444 2.45 32.48 22.79
C LEU B 444 3.29 33.76 23.04
N ILE B 445 3.13 34.75 22.18
CA ILE B 445 3.85 36.00 22.34
C ILE B 445 2.79 37.09 22.39
N PRO B 446 2.49 37.58 23.60
CA PRO B 446 1.49 38.61 23.90
C PRO B 446 1.56 39.81 22.98
N SER B 447 0.40 40.42 22.73
CA SER B 447 0.37 41.59 21.87
C SER B 447 1.24 42.70 22.48
N GLY B 448 1.64 43.64 21.64
CA GLY B 448 2.48 44.73 22.08
C GLY B 448 3.95 44.39 22.29
N ILE B 449 4.27 43.11 22.40
CA ILE B 449 5.66 42.74 22.62
C ILE B 449 6.54 43.16 21.45
N ILE B 450 7.73 43.67 21.79
CA ILE B 450 8.67 44.09 20.77
C ILE B 450 9.93 43.29 21.01
N ILE B 451 10.37 42.56 20.00
CA ILE B 451 11.57 41.73 20.10
C ILE B 451 12.68 42.24 19.18
N THR C 11 -24.87 -1.62 17.58
CA THR C 11 -24.04 -0.60 18.28
C THR C 11 -22.54 -0.80 18.09
N CYS C 12 -21.83 0.32 17.96
CA CYS C 12 -20.39 0.31 17.76
C CYS C 12 -19.76 1.48 18.51
N LEU C 13 -18.43 1.45 18.63
CA LEU C 13 -17.70 2.50 19.33
C LEU C 13 -17.69 3.84 18.58
N ASP C 14 -17.75 4.91 19.35
CA ASP C 14 -17.71 6.27 18.82
C ASP C 14 -17.02 7.12 19.88
N PRO C 15 -15.80 7.61 19.56
CA PRO C 15 -15.09 7.42 18.30
C PRO C 15 -14.64 5.98 18.06
N ASP C 16 -14.54 5.59 16.79
CA ASP C 16 -14.13 4.24 16.44
C ASP C 16 -12.79 3.90 17.08
N ALA C 17 -12.55 2.61 17.29
CA ALA C 17 -11.30 2.14 17.91
C ALA C 17 -10.04 2.66 17.22
N SER C 18 -10.06 2.74 15.88
CA SER C 18 -8.88 3.18 15.15
C SER C 18 -8.25 4.48 15.59
N ARG C 19 -9.05 5.51 15.83
CA ARG C 19 -8.48 6.80 16.22
C ARG C 19 -8.52 7.10 17.72
N SER C 20 -9.17 6.22 18.49
CA SER C 20 -9.30 6.44 19.92
C SER C 20 -8.66 5.40 20.84
N VAL C 21 -8.31 4.23 20.29
CA VAL C 21 -7.69 3.18 21.07
C VAL C 21 -6.25 2.89 20.66
N LEU C 22 -5.39 2.68 21.64
CA LEU C 22 -4.00 2.36 21.37
C LEU C 22 -3.75 0.96 21.90
N GLY C 23 -3.17 0.11 21.07
CA GLY C 23 -2.88 -1.25 21.49
C GLY C 23 -1.47 -1.30 22.00
N ILE C 24 -1.28 -1.96 23.15
CA ILE C 24 0.04 -2.09 23.73
C ILE C 24 0.18 -3.54 24.13
N ILE C 25 1.08 -4.24 23.44
CA ILE C 25 1.31 -5.65 23.70
C ILE C 25 2.56 -5.90 24.52
N LEU C 26 2.39 -6.67 25.59
CA LEU C 26 3.50 -7.03 26.44
C LEU C 26 4.04 -8.29 25.78
N GLY C 27 4.95 -8.09 24.83
CA GLY C 27 5.53 -9.18 24.06
C GLY C 27 6.37 -10.16 24.85
N GLY C 28 6.87 -9.75 25.99
CA GLY C 28 7.67 -10.67 26.79
C GLY C 28 8.90 -10.01 27.38
N GLY C 29 9.52 -10.70 28.31
CA GLY C 29 10.72 -10.18 28.94
C GLY C 29 11.96 -10.86 28.38
N ALA C 30 12.65 -11.60 29.23
CA ALA C 30 13.86 -12.30 28.83
C ALA C 30 13.53 -13.70 28.30
N GLY C 31 12.25 -14.06 28.30
CA GLY C 31 11.83 -15.36 27.81
C GLY C 31 12.45 -16.58 28.45
N THR C 32 12.73 -16.52 29.75
CA THR C 32 13.35 -17.63 30.46
C THR C 32 12.49 -18.91 30.55
N ARG C 33 11.17 -18.74 30.57
CA ARG C 33 10.26 -19.87 30.68
C ARG C 33 10.04 -20.63 29.36
N LEU C 34 10.37 -19.98 28.24
CA LEU C 34 10.20 -20.59 26.94
C LEU C 34 11.53 -20.93 26.27
N TYR C 35 12.61 -20.95 27.05
CA TYR C 35 13.94 -21.27 26.54
C TYR C 35 13.92 -22.74 26.13
N PRO C 36 14.67 -23.14 25.10
CA PRO C 36 15.55 -22.35 24.23
C PRO C 36 14.93 -21.73 22.98
N LEU C 37 13.61 -21.75 22.88
CA LEU C 37 12.94 -21.18 21.71
C LEU C 37 13.16 -19.67 21.73
N THR C 38 13.58 -19.15 22.88
CA THR C 38 13.82 -17.71 23.03
C THR C 38 15.32 -17.40 23.05
N LYS C 39 16.14 -18.39 22.75
CA LYS C 39 17.57 -18.16 22.73
C LYS C 39 17.90 -17.23 21.56
N LYS C 40 18.19 -15.97 21.87
CA LYS C 40 18.53 -14.96 20.87
C LYS C 40 17.36 -14.71 19.96
N ARG C 41 16.17 -14.78 20.55
CA ARG C 41 14.95 -14.50 19.80
C ARG C 41 13.93 -14.01 20.78
N ALA C 42 13.52 -12.76 20.63
CA ALA C 42 12.50 -12.20 21.52
C ALA C 42 11.27 -13.09 21.43
N LYS C 43 10.56 -13.23 22.54
CA LYS C 43 9.38 -14.07 22.60
C LYS C 43 8.36 -13.89 21.46
N PRO C 44 8.04 -12.64 21.09
CA PRO C 44 7.07 -12.36 20.01
C PRO C 44 7.35 -13.04 18.68
N ALA C 45 8.63 -13.29 18.39
CA ALA C 45 9.04 -13.90 17.13
C ALA C 45 9.00 -15.41 17.14
N VAL C 46 8.81 -16.01 18.31
CA VAL C 46 8.78 -17.48 18.35
C VAL C 46 7.75 -18.02 17.36
N PRO C 47 8.14 -19.01 16.54
CA PRO C 47 7.33 -19.69 15.52
C PRO C 47 6.13 -20.40 16.16
N LEU C 48 5.01 -20.42 15.43
CA LEU C 48 3.77 -20.99 15.92
C LEU C 48 2.86 -21.52 14.80
N GLY C 49 2.22 -22.65 15.05
CA GLY C 49 1.30 -23.22 14.08
C GLY C 49 1.80 -23.41 12.66
N ALA C 50 3.05 -23.86 12.53
CA ALA C 50 3.64 -24.09 11.22
C ALA C 50 3.95 -22.83 10.42
N ASN C 51 2.98 -21.94 10.28
CA ASN C 51 3.19 -20.75 9.46
C ASN C 51 3.12 -19.39 10.16
N TYR C 52 3.08 -19.35 11.48
CA TYR C 52 2.96 -18.06 12.16
C TYR C 52 3.99 -17.80 13.25
N ARG C 53 3.83 -16.68 13.95
CA ARG C 53 4.72 -16.36 15.05
C ARG C 53 3.78 -15.89 16.17
N LEU C 54 4.22 -16.00 17.43
CA LEU C 54 3.41 -15.57 18.57
C LEU C 54 2.80 -14.18 18.40
N ILE C 55 3.61 -13.23 17.92
CA ILE C 55 3.15 -11.87 17.74
C ILE C 55 1.92 -11.75 16.85
N ASP C 56 1.76 -12.71 15.92
CA ASP C 56 0.61 -12.67 15.01
C ASP C 56 -0.76 -12.74 15.71
N ILE C 57 -0.84 -13.48 16.82
CA ILE C 57 -2.12 -13.59 17.52
C ILE C 57 -2.67 -12.23 18.01
N PRO C 58 -1.94 -11.53 18.91
CA PRO C 58 -2.47 -10.24 19.37
C PRO C 58 -2.62 -9.18 18.28
N VAL C 59 -1.65 -9.05 17.39
CA VAL C 59 -1.77 -8.07 16.33
C VAL C 59 -2.99 -8.34 15.43
N SER C 60 -3.24 -9.61 15.10
CA SER C 60 -4.38 -9.95 14.26
C SER C 60 -5.67 -9.67 15.05
N ASN C 61 -5.68 -10.04 16.32
CA ASN C 61 -6.86 -9.77 17.12
C ASN C 61 -7.06 -8.25 17.13
N CYS C 62 -5.98 -7.48 17.16
CA CYS C 62 -6.13 -6.03 17.15
C CYS C 62 -6.71 -5.57 15.82
N LEU C 63 -6.00 -5.86 14.73
CA LEU C 63 -6.42 -5.47 13.40
C LEU C 63 -7.85 -5.88 13.09
N ASN C 64 -8.21 -7.09 13.47
CA ASN C 64 -9.57 -7.53 13.20
C ASN C 64 -10.60 -6.84 14.11
N SER C 65 -10.12 -6.02 15.03
CA SER C 65 -10.98 -5.30 15.97
C SER C 65 -10.99 -3.81 15.66
N ASN C 66 -10.42 -3.47 14.51
CA ASN C 66 -10.35 -2.08 14.07
C ASN C 66 -9.32 -1.29 14.87
N ILE C 67 -8.39 -1.99 15.50
CA ILE C 67 -7.33 -1.33 16.26
C ILE C 67 -6.10 -1.37 15.38
N SER C 68 -5.68 -0.20 14.91
CA SER C 68 -4.54 -0.09 13.99
C SER C 68 -3.29 0.62 14.51
N LYS C 69 -3.35 1.18 15.72
CA LYS C 69 -2.17 1.84 16.32
C LYS C 69 -1.69 0.80 17.31
N ILE C 70 -0.53 0.22 17.07
CA ILE C 70 -0.04 -0.85 17.92
C ILE C 70 1.44 -0.80 18.26
N TYR C 71 1.76 -0.97 19.55
CA TYR C 71 3.14 -0.99 20.02
C TYR C 71 3.37 -2.36 20.61
N VAL C 72 4.58 -2.88 20.44
CA VAL C 72 4.91 -4.17 20.97
C VAL C 72 6.09 -4.01 21.90
N LEU C 73 5.87 -4.25 23.18
CA LEU C 73 6.93 -4.14 24.17
C LEU C 73 7.61 -5.48 24.36
N THR C 74 8.93 -5.47 24.35
CA THR C 74 9.68 -6.69 24.57
C THR C 74 11.01 -6.27 25.21
N GLN C 75 11.43 -6.97 26.27
CA GLN C 75 12.67 -6.59 26.95
C GLN C 75 13.87 -6.52 26.02
N PHE C 76 13.99 -7.46 25.09
CA PHE C 76 15.09 -7.37 24.13
C PHE C 76 14.52 -7.43 22.72
N ASN C 77 15.36 -7.10 21.74
CA ASN C 77 14.93 -7.06 20.36
C ASN C 77 15.50 -8.23 19.56
N SER C 78 15.09 -8.36 18.30
CA SER C 78 15.58 -9.44 17.42
C SER C 78 15.32 -9.09 15.97
N ALA C 79 16.28 -9.45 15.12
CA ALA C 79 16.20 -9.16 13.71
C ALA C 79 14.94 -9.74 13.06
N SER C 80 14.69 -11.02 13.28
CA SER C 80 13.53 -11.66 12.70
C SER C 80 12.21 -11.00 13.08
N LEU C 81 12.06 -10.59 14.33
CA LEU C 81 10.84 -9.93 14.76
C LEU C 81 10.63 -8.67 13.94
N ASN C 82 11.71 -7.92 13.74
CA ASN C 82 11.61 -6.69 12.98
C ASN C 82 11.27 -6.90 11.52
N ARG C 83 11.85 -7.92 10.91
CA ARG C 83 11.59 -8.23 9.51
C ARG C 83 10.15 -8.71 9.31
N HIS C 84 9.67 -9.56 10.20
CA HIS C 84 8.32 -10.11 10.12
C HIS C 84 7.26 -9.04 10.20
N LEU C 85 7.37 -8.13 11.17
CA LEU C 85 6.37 -7.09 11.29
C LEU C 85 6.45 -6.15 10.12
N SER C 86 7.66 -5.92 9.65
CA SER C 86 7.87 -5.03 8.53
C SER C 86 7.18 -5.54 7.26
N ARG C 87 7.34 -6.83 6.99
CA ARG C 87 6.75 -7.40 5.80
C ARG C 87 5.29 -7.82 5.93
N ALA C 88 4.90 -8.31 7.10
CA ALA C 88 3.52 -8.74 7.31
C ALA C 88 2.53 -7.62 7.62
N TYR C 89 3.05 -6.50 8.15
CA TYR C 89 2.15 -5.41 8.56
C TYR C 89 2.52 -3.99 8.18
N ALA C 90 3.82 -3.68 8.19
CA ALA C 90 4.30 -2.33 7.86
C ALA C 90 3.54 -1.68 6.71
N SER C 91 3.49 -2.35 5.57
CA SER C 91 2.80 -1.83 4.40
C SER C 91 1.27 -1.95 4.49
N GLU C 99 -5.45 3.22 8.74
CA GLU C 99 -4.24 2.45 9.05
C GLU C 99 -3.33 3.21 10.02
N GLY C 100 -2.58 2.45 10.81
CA GLY C 100 -1.67 3.02 11.77
C GLY C 100 -0.25 2.46 11.69
N PHE C 101 0.11 1.62 12.65
CA PHE C 101 1.46 1.07 12.71
C PHE C 101 1.58 -0.08 13.68
N VAL C 102 2.72 -0.77 13.63
CA VAL C 102 3.01 -1.87 14.54
C VAL C 102 4.50 -1.67 14.83
N GLU C 103 4.82 -1.10 15.99
CA GLU C 103 6.22 -0.85 16.34
C GLU C 103 6.72 -1.53 17.59
N VAL C 104 7.92 -2.08 17.49
CA VAL C 104 8.56 -2.73 18.62
C VAL C 104 9.24 -1.69 19.52
N LEU C 105 8.96 -1.75 20.81
CA LEU C 105 9.60 -0.85 21.76
C LEU C 105 10.35 -1.80 22.67
N ALA C 106 11.67 -1.87 22.48
CA ALA C 106 12.50 -2.76 23.28
C ALA C 106 13.10 -2.01 24.47
N ALA C 107 13.50 -2.76 25.49
CA ALA C 107 14.10 -2.20 26.70
C ALA C 107 15.61 -2.21 26.52
N GLN C 108 16.07 -3.11 25.67
CA GLN C 108 17.49 -3.25 25.38
C GLN C 108 17.66 -3.50 23.89
N GLN C 109 18.36 -2.61 23.19
CA GLN C 109 18.56 -2.77 21.76
C GLN C 109 19.65 -3.75 21.38
N SER C 110 19.53 -4.97 21.90
CA SER C 110 20.49 -6.04 21.62
C SER C 110 19.66 -7.31 21.48
N PRO C 111 20.11 -8.26 20.64
CA PRO C 111 19.37 -9.52 20.46
C PRO C 111 19.69 -10.52 21.57
N GLU C 112 20.66 -10.18 22.40
CA GLU C 112 21.09 -11.05 23.50
C GLU C 112 20.05 -11.09 24.61
N ASN C 113 19.76 -12.28 25.13
CA ASN C 113 18.81 -12.43 26.22
C ASN C 113 19.33 -11.64 27.42
N PRO C 114 18.54 -10.68 27.94
CA PRO C 114 19.00 -9.90 29.08
C PRO C 114 19.04 -10.74 30.37
N ASP C 115 20.12 -10.63 31.13
CA ASP C 115 20.25 -11.38 32.37
C ASP C 115 19.74 -10.62 33.59
N TRP C 116 19.16 -9.45 33.35
CA TRP C 116 18.60 -8.63 34.42
C TRP C 116 17.06 -8.67 34.30
N PHE C 117 16.36 -8.40 35.40
CA PHE C 117 14.90 -8.43 35.41
C PHE C 117 14.17 -7.12 35.10
N GLN C 118 13.04 -7.23 34.41
CA GLN C 118 12.22 -6.06 34.11
C GLN C 118 10.77 -6.50 34.18
N GLY C 119 9.98 -5.82 35.01
CA GLY C 119 8.56 -6.15 35.16
C GLY C 119 7.68 -5.48 34.13
N THR C 120 6.48 -6.02 33.91
CA THR C 120 5.55 -5.45 32.93
C THR C 120 5.14 -4.03 33.24
N ALA C 121 5.05 -3.68 34.53
CA ALA C 121 4.67 -2.33 34.91
C ALA C 121 5.81 -1.39 34.55
N ASP C 122 7.05 -1.86 34.73
CA ASP C 122 8.24 -1.07 34.41
C ASP C 122 8.34 -0.92 32.90
N ALA C 123 7.95 -1.97 32.19
CA ALA C 123 7.99 -1.97 30.74
C ALA C 123 7.18 -0.79 30.21
N VAL C 124 5.92 -0.75 30.61
CA VAL C 124 5.00 0.31 30.19
C VAL C 124 5.38 1.69 30.73
N ARG C 125 5.76 1.74 32.00
CA ARG C 125 6.12 3.00 32.63
C ARG C 125 7.24 3.69 31.87
N GLN C 126 8.20 2.92 31.38
CA GLN C 126 9.32 3.48 30.66
C GLN C 126 8.95 4.18 29.34
N TYR C 127 7.83 3.81 28.76
CA TYR C 127 7.39 4.42 27.50
C TYR C 127 6.09 5.16 27.64
N LEU C 128 5.69 5.46 28.87
CA LEU C 128 4.45 6.16 29.10
C LEU C 128 4.50 7.52 28.40
N TRP C 129 5.66 8.15 28.35
CA TRP C 129 5.79 9.43 27.68
C TRP C 129 5.42 9.33 26.20
N LEU C 130 5.70 8.17 25.60
CA LEU C 130 5.40 7.94 24.19
C LEU C 130 3.90 7.65 24.04
N PHE C 131 3.40 6.75 24.87
CA PHE C 131 1.98 6.43 24.82
C PHE C 131 1.20 7.74 24.98
N GLU C 132 1.59 8.53 25.99
CA GLU C 132 0.95 9.81 26.27
C GLU C 132 0.91 10.77 25.09
N GLU C 133 1.83 10.61 24.12
CA GLU C 133 1.86 11.48 22.95
C GLU C 133 0.72 11.19 21.98
N HIS C 134 0.05 10.08 22.19
CA HIS C 134 -1.04 9.70 21.32
C HIS C 134 -2.38 10.22 21.78
N THR C 135 -3.20 10.64 20.83
CA THR C 135 -4.50 11.16 21.14
C THR C 135 -5.54 10.04 21.13
N VAL C 136 -5.53 9.24 22.18
CA VAL C 136 -6.48 8.15 22.30
C VAL C 136 -7.22 8.27 23.60
N LEU C 137 -8.30 7.50 23.75
CA LEU C 137 -9.09 7.52 24.96
C LEU C 137 -8.63 6.44 25.93
N GLU C 138 -8.43 5.24 25.42
CA GLU C 138 -8.01 4.12 26.25
C GLU C 138 -6.83 3.35 25.67
N TYR C 139 -6.17 2.60 26.54
CA TYR C 139 -5.03 1.76 26.16
C TYR C 139 -5.50 0.32 26.30
N LEU C 140 -5.28 -0.47 25.27
CA LEU C 140 -5.63 -1.87 25.33
C LEU C 140 -4.31 -2.55 25.63
N ILE C 141 -4.25 -3.26 26.74
CA ILE C 141 -3.02 -3.95 27.13
C ILE C 141 -3.24 -5.44 26.92
N LEU C 142 -2.36 -6.08 26.16
CA LEU C 142 -2.49 -7.49 25.88
C LEU C 142 -1.21 -8.29 26.12
N ALA C 143 -1.37 -9.47 26.69
CA ALA C 143 -0.24 -10.36 26.90
C ALA C 143 0.14 -10.81 25.49
N GLY C 144 1.42 -11.12 25.26
CA GLY C 144 1.84 -11.53 23.93
C GLY C 144 2.16 -13.00 23.76
N ASP C 145 1.66 -13.84 24.66
CA ASP C 145 1.93 -15.28 24.60
C ASP C 145 0.72 -16.13 25.02
N HIS C 146 -0.45 -15.77 24.50
CA HIS C 146 -1.69 -16.51 24.78
C HIS C 146 -2.31 -16.79 23.42
N LEU C 147 -2.92 -17.97 23.28
CA LEU C 147 -3.51 -18.38 22.02
C LEU C 147 -5.03 -18.26 22.13
N TYR C 148 -5.63 -17.40 21.32
CA TYR C 148 -7.08 -17.21 21.36
C TYR C 148 -7.48 -16.17 20.33
N ARG C 149 -8.76 -16.18 19.99
CA ARG C 149 -9.33 -15.22 19.05
C ARG C 149 -10.30 -14.34 19.84
N MET C 150 -10.30 -13.03 19.57
CA MET C 150 -11.20 -12.13 20.29
C MET C 150 -11.44 -10.78 19.61
N ASP C 151 -12.69 -10.34 19.62
CA ASP C 151 -13.03 -9.04 19.07
C ASP C 151 -13.02 -8.08 20.26
N TYR C 152 -12.04 -7.20 20.30
CA TYR C 152 -11.90 -6.26 21.42
C TYR C 152 -12.88 -5.11 21.44
N GLU C 153 -13.73 -5.02 20.41
CA GLU C 153 -14.68 -3.93 20.31
C GLU C 153 -15.77 -3.96 21.40
N LYS C 154 -16.48 -5.07 21.53
CA LYS C 154 -17.52 -5.20 22.54
C LYS C 154 -16.90 -4.91 23.90
N PHE C 155 -15.77 -5.56 24.14
CA PHE C 155 -15.00 -5.42 25.38
C PHE C 155 -14.76 -3.94 25.69
N ILE C 156 -14.28 -3.20 24.71
CA ILE C 156 -14.03 -1.78 24.88
C ILE C 156 -15.34 -1.01 25.02
N GLN C 157 -16.38 -1.51 24.36
CA GLN C 157 -17.69 -0.88 24.41
C GLN C 157 -18.17 -0.92 25.86
N ALA C 158 -18.05 -2.10 26.48
CA ALA C 158 -18.46 -2.30 27.86
C ALA C 158 -17.70 -1.34 28.77
N HIS C 159 -16.41 -1.22 28.53
CA HIS C 159 -15.56 -0.34 29.33
C HIS C 159 -16.11 1.08 29.33
N ARG C 160 -16.62 1.52 28.19
CA ARG C 160 -17.14 2.87 28.07
C ARG C 160 -18.52 3.07 28.70
N GLU C 161 -19.42 2.13 28.47
CA GLU C 161 -20.77 2.24 29.00
C GLU C 161 -20.80 2.25 30.53
N THR C 162 -19.98 1.42 31.17
CA THR C 162 -19.96 1.35 32.61
C THR C 162 -19.07 2.43 33.20
N ASP C 163 -18.53 3.28 32.33
CA ASP C 163 -17.65 4.37 32.77
C ASP C 163 -16.51 3.82 33.63
N ALA C 164 -16.19 2.55 33.45
CA ALA C 164 -15.12 1.91 34.20
C ALA C 164 -13.77 2.63 34.01
N ASP C 165 -12.85 2.44 34.96
CA ASP C 165 -11.51 3.02 34.88
C ASP C 165 -10.62 1.95 34.26
N ILE C 166 -10.97 0.70 34.54
CA ILE C 166 -10.26 -0.48 34.04
C ILE C 166 -11.27 -1.60 33.83
N THR C 167 -11.10 -2.35 32.75
CA THR C 167 -11.98 -3.49 32.51
C THR C 167 -11.05 -4.68 32.33
N VAL C 168 -11.35 -5.76 33.01
CA VAL C 168 -10.53 -6.94 32.93
C VAL C 168 -11.33 -8.07 32.33
N ALA C 169 -10.82 -8.66 31.25
CA ALA C 169 -11.52 -9.79 30.66
C ALA C 169 -11.40 -10.89 31.72
N ALA C 170 -12.47 -11.63 31.96
CA ALA C 170 -12.45 -12.69 32.96
C ALA C 170 -12.64 -14.08 32.37
N LEU C 171 -11.90 -15.04 32.91
CA LEU C 171 -11.96 -16.40 32.43
C LEU C 171 -12.50 -17.37 33.47
N PRO C 172 -13.68 -17.95 33.22
CA PRO C 172 -14.24 -18.92 34.18
C PRO C 172 -13.55 -20.27 34.11
N MET C 173 -13.25 -20.84 35.27
CA MET C 173 -12.60 -22.14 35.31
C MET C 173 -13.02 -22.88 36.55
N ASP C 174 -12.73 -24.17 36.60
CA ASP C 174 -13.08 -24.98 37.76
C ASP C 174 -12.01 -24.87 38.85
N GLU C 175 -12.28 -25.56 39.95
CA GLU C 175 -11.41 -25.58 41.12
C GLU C 175 -10.02 -26.10 40.80
N LYS C 176 -9.95 -27.10 39.94
CA LYS C 176 -8.69 -27.71 39.54
C LYS C 176 -7.78 -26.69 38.85
N ARG C 177 -8.26 -26.10 37.76
CA ARG C 177 -7.49 -25.12 36.98
C ARG C 177 -7.24 -23.79 37.67
N ALA C 178 -8.18 -23.38 38.53
CA ALA C 178 -8.11 -22.10 39.24
C ALA C 178 -6.82 -21.75 40.00
N THR C 179 -6.24 -22.72 40.69
CA THR C 179 -5.02 -22.46 41.47
C THR C 179 -3.80 -21.91 40.73
N ALA C 180 -3.79 -21.97 39.40
CA ALA C 180 -2.63 -21.49 38.65
C ALA C 180 -2.74 -20.06 38.17
N PHE C 181 -3.88 -19.43 38.39
CA PHE C 181 -4.08 -18.07 37.94
C PHE C 181 -4.40 -17.10 39.06
N GLY C 182 -4.45 -15.81 38.73
CA GLY C 182 -4.82 -14.79 39.69
C GLY C 182 -6.33 -14.71 39.57
N LEU C 183 -7.05 -15.14 40.61
CA LEU C 183 -8.51 -15.11 40.59
C LEU C 183 -9.08 -13.77 41.01
N MET C 184 -10.32 -13.51 40.63
CA MET C 184 -10.97 -12.25 40.98
C MET C 184 -12.32 -12.47 41.63
N LYS C 185 -12.71 -11.55 42.52
CA LYS C 185 -14.00 -11.64 43.16
C LYS C 185 -14.81 -10.40 42.75
N ILE C 186 -16.07 -10.61 42.38
CA ILE C 186 -16.93 -9.51 41.97
C ILE C 186 -18.20 -9.46 42.81
N ASP C 187 -18.89 -8.33 42.80
CA ASP C 187 -20.12 -8.18 43.55
C ASP C 187 -21.25 -8.81 42.73
N GLU C 188 -22.48 -8.33 42.91
CA GLU C 188 -23.61 -8.90 42.16
C GLU C 188 -23.90 -8.07 40.91
N GLU C 189 -23.02 -7.10 40.64
CA GLU C 189 -23.15 -6.23 39.48
C GLU C 189 -21.91 -6.29 38.58
N GLY C 190 -21.12 -7.36 38.74
CA GLY C 190 -19.92 -7.53 37.93
C GLY C 190 -18.67 -6.75 38.28
N ARG C 191 -18.76 -5.82 39.22
CA ARG C 191 -17.57 -5.06 39.59
C ARG C 191 -16.61 -5.95 40.38
N ILE C 192 -15.32 -5.73 40.15
CA ILE C 192 -14.26 -6.50 40.80
C ILE C 192 -13.88 -5.82 42.12
N ILE C 193 -13.83 -6.60 43.19
CA ILE C 193 -13.50 -6.04 44.50
C ILE C 193 -12.28 -6.66 45.17
N GLU C 194 -11.84 -7.81 44.67
CA GLU C 194 -10.71 -8.50 45.26
C GLU C 194 -9.93 -9.40 44.30
N PHE C 195 -8.63 -9.57 44.58
CA PHE C 195 -7.75 -10.40 43.77
C PHE C 195 -7.02 -11.42 44.65
N ALA C 196 -6.70 -12.57 44.07
CA ALA C 196 -5.97 -13.60 44.80
C ALA C 196 -4.99 -14.25 43.80
N GLU C 197 -3.71 -13.94 43.95
CA GLU C 197 -2.68 -14.48 43.07
C GLU C 197 -2.41 -15.96 43.34
N LYS C 198 -2.84 -16.81 42.42
CA LYS C 198 -2.64 -18.25 42.53
C LYS C 198 -3.03 -18.83 43.89
N PRO C 199 -4.27 -18.57 44.32
CA PRO C 199 -4.75 -19.06 45.62
C PRO C 199 -4.86 -20.58 45.74
N GLN C 200 -4.89 -21.04 47.00
CA GLN C 200 -5.04 -22.45 47.32
C GLN C 200 -5.79 -22.58 48.63
N GLY C 201 -6.17 -23.82 48.97
CA GLY C 201 -6.87 -24.06 50.21
C GLY C 201 -7.95 -23.06 50.54
N GLU C 202 -7.84 -22.44 51.72
CA GLU C 202 -8.84 -21.48 52.16
C GLU C 202 -8.91 -20.22 51.33
N GLN C 203 -7.77 -19.72 50.86
CA GLN C 203 -7.77 -18.52 50.05
C GLN C 203 -8.55 -18.79 48.76
N LEU C 204 -8.35 -19.98 48.22
CA LEU C 204 -9.03 -20.39 46.99
C LEU C 204 -10.54 -20.44 47.21
N GLN C 205 -10.96 -21.12 48.27
CA GLN C 205 -12.38 -21.24 48.59
C GLN C 205 -13.06 -19.89 48.76
N ALA C 206 -12.35 -18.91 49.32
CA ALA C 206 -12.91 -17.60 49.53
C ALA C 206 -13.07 -16.78 48.24
N MET C 207 -12.78 -17.39 47.09
CA MET C 207 -12.88 -16.67 45.84
C MET C 207 -14.05 -17.08 44.97
N LYS C 208 -14.71 -18.20 45.29
CA LYS C 208 -15.85 -18.66 44.50
C LYS C 208 -16.88 -17.57 44.27
N VAL C 209 -17.40 -17.49 43.05
CA VAL C 209 -18.40 -16.49 42.70
C VAL C 209 -19.46 -17.11 41.81
N ASP C 210 -20.54 -16.38 41.62
CA ASP C 210 -21.63 -16.84 40.77
C ASP C 210 -21.36 -16.27 39.39
N THR C 211 -20.75 -17.08 38.52
CA THR C 211 -20.41 -16.65 37.18
C THR C 211 -21.60 -16.20 36.35
N THR C 212 -22.81 -16.61 36.75
CA THR C 212 -24.02 -16.23 36.02
C THR C 212 -24.10 -14.71 35.97
N ILE C 213 -23.58 -14.08 37.02
CA ILE C 213 -23.56 -12.63 37.13
C ILE C 213 -22.93 -12.00 35.90
N LEU C 214 -22.04 -12.74 35.25
CA LEU C 214 -21.33 -12.26 34.06
C LEU C 214 -22.07 -12.60 32.77
N GLY C 215 -22.96 -13.58 32.84
CA GLY C 215 -23.71 -13.98 31.66
C GLY C 215 -23.47 -15.43 31.30
N LEU C 216 -22.77 -16.14 32.18
CA LEU C 216 -22.49 -17.54 31.94
C LEU C 216 -23.75 -18.35 32.17
N ASP C 217 -23.81 -19.55 31.58
CA ASP C 217 -24.95 -20.42 31.72
C ASP C 217 -24.96 -20.98 33.14
N ASP C 218 -26.15 -21.13 33.70
CA ASP C 218 -26.28 -21.64 35.05
C ASP C 218 -25.58 -22.98 35.21
N LYS C 219 -25.82 -23.89 34.27
CA LYS C 219 -25.21 -25.22 34.30
C LYS C 219 -23.69 -25.15 34.30
N ARG C 220 -23.14 -24.30 33.44
CA ARG C 220 -21.69 -24.14 33.36
C ARG C 220 -21.16 -23.32 34.52
N ALA C 221 -21.97 -22.37 35.00
CA ALA C 221 -21.59 -21.51 36.12
C ALA C 221 -21.27 -22.31 37.39
N LYS C 222 -21.93 -23.44 37.55
CA LYS C 222 -21.71 -24.28 38.71
C LYS C 222 -20.48 -25.16 38.58
N GLU C 223 -20.11 -25.54 37.36
CA GLU C 223 -18.93 -26.38 37.19
C GLU C 223 -17.67 -25.52 37.22
N MET C 224 -17.85 -24.22 36.98
CA MET C 224 -16.76 -23.24 36.97
C MET C 224 -17.12 -22.04 37.85
N PRO C 225 -16.97 -22.18 39.18
CA PRO C 225 -17.26 -21.13 40.16
C PRO C 225 -16.18 -20.07 40.34
N PHE C 226 -15.11 -20.14 39.56
CA PHE C 226 -14.02 -19.16 39.67
C PHE C 226 -13.79 -18.37 38.40
N ILE C 227 -13.23 -17.18 38.53
CA ILE C 227 -12.92 -16.35 37.37
C ILE C 227 -11.52 -15.77 37.46
N ALA C 228 -10.70 -16.07 36.45
CA ALA C 228 -9.32 -15.61 36.44
C ALA C 228 -9.05 -14.43 35.55
N SER C 229 -7.98 -13.72 35.87
CA SER C 229 -7.55 -12.58 35.08
C SER C 229 -6.90 -13.23 33.84
N MET C 230 -6.96 -12.58 32.69
CA MET C 230 -6.39 -13.17 31.48
C MET C 230 -5.26 -12.38 30.89
N GLY C 231 -4.92 -11.25 31.48
CA GLY C 231 -3.84 -10.46 30.92
C GLY C 231 -4.36 -9.62 29.79
N ILE C 232 -5.65 -9.35 29.80
CA ILE C 232 -6.28 -8.50 28.79
C ILE C 232 -7.03 -7.41 29.55
N TYR C 233 -6.61 -6.16 29.36
CA TYR C 233 -7.24 -5.05 30.04
C TYR C 233 -7.40 -3.82 29.15
N VAL C 234 -8.35 -2.97 29.51
CA VAL C 234 -8.62 -1.71 28.82
C VAL C 234 -8.49 -0.67 29.91
N ILE C 235 -7.72 0.37 29.67
CA ILE C 235 -7.52 1.40 30.68
C ILE C 235 -7.64 2.79 30.10
N SER C 236 -8.45 3.63 30.74
CA SER C 236 -8.62 5.00 30.30
C SER C 236 -7.23 5.64 30.33
N LYS C 237 -6.95 6.46 29.33
CA LYS C 237 -5.64 7.08 29.23
C LYS C 237 -5.15 7.66 30.55
N ASP C 238 -5.94 8.56 31.13
CA ASP C 238 -5.57 9.21 32.39
C ASP C 238 -5.31 8.21 33.52
N VAL C 239 -6.25 7.29 33.73
CA VAL C 239 -6.12 6.29 34.79
C VAL C 239 -4.76 5.64 34.73
N MET C 240 -4.30 5.35 33.52
CA MET C 240 -3.01 4.72 33.28
C MET C 240 -1.87 5.55 33.84
N LEU C 241 -1.80 6.81 33.44
CA LEU C 241 -0.75 7.71 33.90
C LEU C 241 -0.79 7.84 35.42
N ASN C 242 -1.97 8.05 35.98
CA ASN C 242 -2.10 8.21 37.42
C ASN C 242 -1.51 7.02 38.16
N LEU C 243 -1.96 5.82 37.80
CA LEU C 243 -1.49 4.59 38.44
C LEU C 243 0.02 4.31 38.43
N LEU C 244 0.67 4.45 37.28
CA LEU C 244 2.11 4.13 37.18
C LEU C 244 3.06 5.28 37.53
N ARG C 245 2.55 6.49 37.50
CA ARG C 245 3.34 7.68 37.80
C ARG C 245 3.17 8.15 39.23
N ASP C 246 1.92 8.42 39.60
CA ASP C 246 1.58 8.94 40.92
C ASP C 246 1.24 7.90 41.99
N LYS C 247 0.22 7.08 41.75
CA LYS C 247 -0.21 6.09 42.73
C LYS C 247 0.77 4.94 43.02
N PHE C 248 1.37 4.36 41.99
CA PHE C 248 2.32 3.26 42.20
C PHE C 248 3.60 3.35 41.39
N PRO C 249 4.39 4.40 41.59
CA PRO C 249 5.65 4.58 40.86
C PRO C 249 6.65 3.45 41.08
N GLY C 250 6.45 2.68 42.14
CA GLY C 250 7.37 1.59 42.44
C GLY C 250 6.96 0.19 42.04
N ALA C 251 5.70 0.02 41.64
CA ALA C 251 5.21 -1.30 41.23
C ALA C 251 5.98 -1.84 40.02
N ASN C 252 6.26 -3.14 40.04
CA ASN C 252 6.98 -3.83 38.97
C ASN C 252 6.08 -4.62 38.03
N ASP C 253 5.12 -5.34 38.61
CA ASP C 253 4.19 -6.16 37.84
C ASP C 253 2.86 -5.45 37.59
N PHE C 254 2.42 -5.44 36.34
CA PHE C 254 1.20 -4.76 35.96
C PHE C 254 -0.10 -5.43 36.43
N GLY C 255 -0.35 -6.67 35.99
CA GLY C 255 -1.56 -7.36 36.38
C GLY C 255 -1.67 -7.84 37.82
N SER C 256 -0.54 -7.99 38.50
CA SER C 256 -0.57 -8.48 39.89
C SER C 256 -0.40 -7.43 40.99
N GLU C 257 0.14 -6.27 40.65
CA GLU C 257 0.34 -5.20 41.64
C GLU C 257 -0.49 -3.95 41.32
N VAL C 258 -0.37 -3.46 40.10
CA VAL C 258 -1.07 -2.25 39.69
C VAL C 258 -2.60 -2.36 39.60
N ILE C 259 -3.11 -3.42 38.99
CA ILE C 259 -4.55 -3.57 38.87
C ILE C 259 -5.20 -3.78 40.23
N PRO C 260 -4.61 -4.64 41.06
CA PRO C 260 -5.20 -4.87 42.38
C PRO C 260 -5.10 -3.55 43.17
N GLY C 261 -4.00 -2.84 42.95
CA GLY C 261 -3.80 -1.57 43.63
C GLY C 261 -4.97 -0.66 43.33
N ALA C 262 -5.25 -0.48 42.04
CA ALA C 262 -6.33 0.37 41.57
C ALA C 262 -7.65 -0.02 42.23
N THR C 263 -7.91 -1.32 42.31
CA THR C 263 -9.13 -1.80 42.92
C THR C 263 -9.12 -1.41 44.39
N SER C 264 -7.93 -1.47 44.98
CA SER C 264 -7.74 -1.14 46.38
C SER C 264 -8.03 0.34 46.64
N LEU C 265 -7.84 1.17 45.62
CA LEU C 265 -8.07 2.59 45.74
C LEU C 265 -9.50 3.01 45.42
N GLY C 266 -10.40 2.04 45.30
CA GLY C 266 -11.77 2.39 44.98
C GLY C 266 -11.98 2.76 43.52
N MET C 267 -11.00 2.50 42.65
CA MET C 267 -11.22 2.82 41.25
C MET C 267 -12.25 1.86 40.68
N ARG C 268 -12.92 2.30 39.63
CA ARG C 268 -13.95 1.52 38.97
C ARG C 268 -13.30 0.41 38.12
N VAL C 269 -13.12 -0.76 38.71
CA VAL C 269 -12.51 -1.89 38.00
C VAL C 269 -13.59 -2.92 37.77
N GLN C 270 -13.98 -3.06 36.51
CA GLN C 270 -15.04 -3.97 36.09
C GLN C 270 -14.57 -5.23 35.38
N ALA C 271 -15.36 -6.28 35.47
CA ALA C 271 -15.04 -7.55 34.82
C ALA C 271 -15.86 -7.68 33.55
N TYR C 272 -15.27 -8.36 32.56
CA TYR C 272 -15.93 -8.61 31.29
C TYR C 272 -15.73 -10.08 30.97
N LEU C 273 -16.81 -10.85 30.96
CA LEU C 273 -16.74 -12.28 30.70
C LEU C 273 -16.16 -12.62 29.34
N TYR C 274 -15.36 -13.68 29.33
CA TYR C 274 -14.74 -14.14 28.10
C TYR C 274 -15.14 -15.58 27.88
N ASP C 275 -15.77 -15.86 26.76
CA ASP C 275 -16.18 -17.21 26.45
C ASP C 275 -15.38 -17.73 25.26
N GLY C 276 -15.00 -18.99 25.31
CA GLY C 276 -14.25 -19.55 24.19
C GLY C 276 -12.87 -20.07 24.51
N TYR C 277 -12.20 -20.55 23.48
CA TYR C 277 -10.86 -21.10 23.62
C TYR C 277 -9.84 -20.07 24.10
N TRP C 278 -8.97 -20.49 25.01
CA TRP C 278 -7.91 -19.64 25.52
C TRP C 278 -6.88 -20.48 26.27
N GLU C 279 -5.65 -20.43 25.80
CA GLU C 279 -4.56 -21.18 26.40
C GLU C 279 -3.32 -20.33 26.57
N ASP C 280 -2.68 -20.43 27.71
CA ASP C 280 -1.45 -19.69 27.93
C ASP C 280 -0.39 -20.61 27.33
N ILE C 281 0.34 -20.13 26.33
CA ILE C 281 1.38 -20.93 25.71
C ILE C 281 2.74 -20.34 26.02
N GLY C 282 2.91 -19.91 27.27
CA GLY C 282 4.14 -19.28 27.73
C GLY C 282 5.19 -20.17 28.36
N THR C 283 4.97 -21.48 28.39
CA THR C 283 5.95 -22.42 28.95
C THR C 283 6.07 -23.48 27.88
N ILE C 284 7.15 -24.24 27.91
CA ILE C 284 7.35 -25.29 26.91
C ILE C 284 6.16 -26.25 26.79
N GLU C 285 5.83 -26.93 27.88
CA GLU C 285 4.75 -27.91 27.89
C GLU C 285 3.43 -27.40 27.33
N ALA C 286 2.99 -26.24 27.80
CA ALA C 286 1.74 -25.63 27.35
C ALA C 286 1.83 -25.26 25.87
N PHE C 287 2.96 -24.67 25.49
CA PHE C 287 3.22 -24.26 24.12
C PHE C 287 3.12 -25.50 23.24
N TYR C 288 3.83 -26.54 23.65
CA TYR C 288 3.86 -27.80 22.94
C TYR C 288 2.45 -28.34 22.74
N ASN C 289 1.73 -28.54 23.84
CA ASN C 289 0.36 -29.08 23.78
C ASN C 289 -0.61 -28.28 22.92
N ALA C 290 -0.51 -26.96 22.98
CA ALA C 290 -1.40 -26.10 22.22
C ALA C 290 -1.13 -26.20 20.72
N ASN C 291 0.14 -26.37 20.35
CA ASN C 291 0.49 -26.48 18.95
C ASN C 291 -0.05 -27.79 18.40
N LEU C 292 0.18 -28.89 19.11
CA LEU C 292 -0.30 -30.18 18.69
C LEU C 292 -1.82 -30.26 18.82
N GLY C 293 -2.42 -29.23 19.40
CA GLY C 293 -3.85 -29.20 19.58
C GLY C 293 -4.64 -28.91 18.30
N ILE C 294 -3.99 -28.37 17.28
CA ILE C 294 -4.72 -28.09 16.04
C ILE C 294 -4.80 -29.32 15.14
N THR C 295 -4.36 -30.46 15.66
CA THR C 295 -4.40 -31.70 14.89
C THR C 295 -5.49 -32.66 15.37
N LYS C 296 -6.48 -32.15 16.09
CA LYS C 296 -7.58 -33.00 16.58
C LYS C 296 -8.52 -33.45 15.47
N LYS C 297 -8.83 -34.75 15.43
CA LYS C 297 -9.71 -35.32 14.41
C LYS C 297 -11.11 -34.72 14.35
N PRO C 298 -11.79 -34.56 15.50
CA PRO C 298 -13.14 -33.98 15.45
C PRO C 298 -13.11 -32.52 14.98
N VAL C 299 -12.89 -31.59 15.91
CA VAL C 299 -12.82 -30.17 15.59
C VAL C 299 -11.81 -29.47 16.49
N PRO C 300 -10.80 -28.81 15.90
CA PRO C 300 -9.78 -28.10 16.69
C PRO C 300 -10.41 -26.95 17.47
N ASP C 301 -10.18 -26.94 18.78
CA ASP C 301 -10.74 -25.90 19.64
C ASP C 301 -10.36 -24.51 19.14
N PHE C 302 -9.16 -24.40 18.55
CA PHE C 302 -8.71 -23.13 18.00
C PHE C 302 -8.30 -23.29 16.55
N SER C 303 -8.77 -22.37 15.73
CA SER C 303 -8.45 -22.37 14.32
C SER C 303 -7.80 -21.04 13.97
N PHE C 304 -6.60 -21.09 13.38
CA PHE C 304 -5.89 -19.87 12.98
C PHE C 304 -6.70 -19.17 11.90
N TYR C 305 -7.42 -19.94 11.10
CA TYR C 305 -8.20 -19.31 10.05
C TYR C 305 -9.65 -19.06 10.46
N ASP C 306 -10.21 -17.96 9.97
CA ASP C 306 -11.58 -17.63 10.27
C ASP C 306 -12.13 -16.78 9.15
N ARG C 307 -13.39 -16.98 8.82
CA ARG C 307 -14.03 -16.24 7.75
C ARG C 307 -13.92 -14.73 7.97
N SER C 308 -14.21 -14.27 9.18
CA SER C 308 -14.17 -12.83 9.48
C SER C 308 -12.89 -12.30 10.13
N ALA C 309 -12.31 -13.03 11.08
CA ALA C 309 -11.10 -12.55 11.75
C ALA C 309 -10.00 -13.61 11.79
N PRO C 310 -9.31 -13.79 10.66
CA PRO C 310 -8.21 -14.77 10.56
C PRO C 310 -6.90 -14.24 11.14
N ILE C 311 -6.01 -15.16 11.50
CA ILE C 311 -4.71 -14.77 12.01
C ILE C 311 -3.88 -14.49 10.77
N TYR C 312 -3.30 -13.31 10.68
CA TYR C 312 -2.48 -12.98 9.52
C TYR C 312 -1.05 -13.38 9.78
N THR C 313 -0.22 -13.25 8.75
CA THR C 313 1.20 -13.56 8.85
C THR C 313 1.84 -13.04 7.56
N GLN C 314 3.16 -13.17 7.44
CA GLN C 314 3.80 -12.66 6.24
C GLN C 314 3.52 -13.53 5.02
N PRO C 315 3.13 -12.90 3.89
CA PRO C 315 2.85 -13.63 2.65
C PRO C 315 4.23 -14.00 2.11
N ARG C 316 4.51 -15.29 2.00
CA ARG C 316 5.83 -15.73 1.57
C ARG C 316 6.01 -16.30 0.16
N TYR C 317 4.91 -16.45 -0.56
CA TYR C 317 4.97 -16.98 -1.93
C TYR C 317 5.79 -18.26 -2.04
N LEU C 318 5.60 -19.18 -1.09
CA LEU C 318 6.27 -20.44 -1.12
C LEU C 318 5.40 -21.34 -2.00
N PRO C 319 6.00 -22.36 -2.61
CA PRO C 319 5.29 -23.30 -3.47
C PRO C 319 4.49 -24.37 -2.71
N PRO C 320 3.57 -25.06 -3.39
CA PRO C 320 2.76 -26.11 -2.74
C PRO C 320 3.71 -27.17 -2.21
N SER C 321 3.36 -27.78 -1.10
CA SER C 321 4.19 -28.80 -0.50
C SER C 321 4.26 -30.02 -1.41
N LYS C 322 5.43 -30.64 -1.46
CA LYS C 322 5.64 -31.81 -2.28
C LYS C 322 5.78 -33.03 -1.39
N MET C 323 5.06 -34.09 -1.72
CA MET C 323 5.13 -35.32 -0.93
C MET C 323 5.43 -36.48 -1.86
N LEU C 324 6.58 -37.11 -1.66
CA LEU C 324 7.00 -38.24 -2.47
C LEU C 324 6.24 -39.52 -2.10
N ASP C 325 6.40 -39.97 -0.86
CA ASP C 325 5.71 -41.17 -0.36
C ASP C 325 5.43 -40.99 1.14
N ALA C 326 4.52 -40.10 1.46
CA ALA C 326 4.22 -39.81 2.85
C ALA C 326 2.91 -40.36 3.46
N ASP C 327 3.04 -41.11 4.55
CA ASP C 327 1.88 -41.63 5.27
C ASP C 327 1.64 -40.60 6.38
N VAL C 328 0.60 -39.81 6.24
CA VAL C 328 0.34 -38.76 7.21
C VAL C 328 -0.90 -38.94 8.05
N THR C 329 -0.72 -39.01 9.37
CA THR C 329 -1.84 -39.19 10.28
C THR C 329 -1.94 -38.09 11.34
N ASP C 330 -3.12 -37.48 11.44
CA ASP C 330 -3.40 -36.41 12.41
C ASP C 330 -2.38 -35.31 12.44
N SER C 331 -2.04 -34.75 11.29
CA SER C 331 -1.04 -33.70 11.23
C SER C 331 -1.46 -32.54 10.34
N VAL C 332 -0.75 -31.43 10.50
CA VAL C 332 -0.97 -30.25 9.67
C VAL C 332 0.37 -30.06 8.98
N ILE C 333 0.34 -29.59 7.74
CA ILE C 333 1.57 -29.41 6.98
C ILE C 333 1.63 -27.96 6.52
N GLY C 334 2.73 -27.30 6.85
CA GLY C 334 2.90 -25.90 6.48
C GLY C 334 3.13 -25.74 4.98
N GLU C 335 3.48 -24.53 4.57
CA GLU C 335 3.72 -24.25 3.15
C GLU C 335 5.15 -24.49 2.69
N GLY C 336 5.29 -24.80 1.40
CA GLY C 336 6.61 -25.04 0.82
C GLY C 336 7.40 -26.19 1.38
N CYS C 337 6.75 -27.26 1.82
CA CYS C 337 7.49 -28.39 2.37
C CYS C 337 7.94 -29.34 1.27
N VAL C 338 8.96 -30.12 1.57
CA VAL C 338 9.53 -31.11 0.66
C VAL C 338 9.66 -32.39 1.47
N ILE C 339 8.75 -33.32 1.22
CA ILE C 339 8.74 -34.56 1.97
C ILE C 339 8.91 -35.81 1.10
N LYS C 340 9.82 -36.69 1.51
CA LYS C 340 10.10 -37.92 0.78
C LYS C 340 9.25 -39.11 1.24
N ASN C 341 9.91 -40.24 1.48
CA ASN C 341 9.25 -41.46 1.94
C ASN C 341 9.37 -41.50 3.45
N CYS C 342 8.31 -41.07 4.13
CA CYS C 342 8.34 -41.03 5.59
C CYS C 342 6.96 -41.19 6.21
N LYS C 343 6.95 -41.20 7.54
CA LYS C 343 5.73 -41.31 8.31
C LYS C 343 5.61 -40.12 9.24
N ILE C 344 4.50 -39.39 9.13
CA ILE C 344 4.27 -38.24 9.96
C ILE C 344 2.97 -38.44 10.75
N HIS C 345 3.11 -38.63 12.05
CA HIS C 345 1.97 -38.87 12.93
C HIS C 345 1.76 -37.85 14.06
N HIS C 346 0.54 -37.30 14.16
CA HIS C 346 0.21 -36.35 15.22
C HIS C 346 1.28 -35.25 15.38
N SER C 347 1.67 -34.64 14.27
CA SER C 347 2.70 -33.62 14.29
C SER C 347 2.34 -32.39 13.51
N VAL C 348 3.12 -31.34 13.72
CA VAL C 348 2.93 -30.07 13.04
C VAL C 348 4.21 -29.81 12.28
N VAL C 349 4.11 -29.72 10.96
CA VAL C 349 5.29 -29.50 10.13
C VAL C 349 5.36 -28.08 9.56
N GLY C 350 6.28 -27.29 10.12
CA GLY C 350 6.48 -25.91 9.72
C GLY C 350 6.96 -25.65 8.29
N LEU C 351 6.75 -24.43 7.84
CA LEU C 351 7.13 -24.02 6.49
C LEU C 351 8.57 -24.39 6.11
N ARG C 352 8.75 -24.70 4.82
CA ARG C 352 10.05 -25.06 4.27
C ARG C 352 10.65 -26.34 4.86
N SER C 353 9.86 -27.14 5.57
CA SER C 353 10.42 -28.35 6.14
C SER C 353 10.87 -29.37 5.09
N CYS C 354 11.98 -30.04 5.40
CA CYS C 354 12.53 -31.06 4.52
C CYS C 354 12.65 -32.32 5.37
N ILE C 355 11.96 -33.36 4.95
CA ILE C 355 11.99 -34.62 5.69
C ILE C 355 12.47 -35.69 4.71
N SER C 356 13.54 -36.37 5.07
CA SER C 356 14.14 -37.38 4.22
C SER C 356 13.55 -38.78 4.30
N GLU C 357 14.08 -39.65 3.44
CA GLU C 357 13.70 -41.04 3.30
C GLU C 357 13.75 -41.80 4.62
N GLY C 358 12.67 -42.52 4.91
CA GLY C 358 12.61 -43.33 6.11
C GLY C 358 12.44 -42.64 7.44
N ALA C 359 12.25 -41.32 7.45
CA ALA C 359 12.09 -40.61 8.70
C ALA C 359 10.72 -40.86 9.32
N ILE C 360 10.69 -41.02 10.63
CA ILE C 360 9.44 -41.22 11.33
C ILE C 360 9.33 -40.04 12.30
N ILE C 361 8.25 -39.28 12.16
CA ILE C 361 8.03 -38.12 12.98
C ILE C 361 6.74 -38.31 13.77
N GLU C 362 6.86 -38.45 15.08
CA GLU C 362 5.71 -38.66 15.94
C GLU C 362 5.58 -37.60 17.04
N ASP C 363 4.34 -37.18 17.29
CA ASP C 363 4.03 -36.20 18.34
C ASP C 363 5.11 -35.13 18.43
N SER C 364 5.43 -34.53 17.29
CA SER C 364 6.46 -33.51 17.27
C SER C 364 6.04 -32.24 16.56
N LEU C 365 6.73 -31.17 16.91
CA LEU C 365 6.49 -29.87 16.30
C LEU C 365 7.78 -29.49 15.61
N LEU C 366 7.73 -29.41 14.28
CA LEU C 366 8.88 -29.06 13.44
C LEU C 366 8.69 -27.64 12.99
N MET C 367 9.54 -26.74 13.47
CA MET C 367 9.41 -25.32 13.12
C MET C 367 9.71 -25.00 11.66
N GLY C 368 10.48 -25.85 10.98
CA GLY C 368 10.79 -25.57 9.60
C GLY C 368 12.12 -24.86 9.43
N ALA C 369 12.24 -24.08 8.38
CA ALA C 369 13.49 -23.39 8.12
C ALA C 369 13.24 -22.02 7.55
N ASP C 370 14.22 -21.14 7.65
CA ASP C 370 14.06 -19.78 7.13
C ASP C 370 14.40 -19.60 5.66
N TYR C 371 14.94 -20.64 5.04
CA TYR C 371 15.29 -20.58 3.62
C TYR C 371 15.52 -21.99 3.12
N TYR C 372 15.65 -22.16 1.81
CA TYR C 372 15.93 -23.47 1.27
C TYR C 372 17.40 -23.52 0.87
N GLU C 373 17.99 -24.70 0.90
CA GLU C 373 19.37 -24.88 0.48
C GLU C 373 19.29 -25.42 -0.96
N THR C 374 20.26 -25.10 -1.80
CA THR C 374 20.24 -25.61 -3.18
C THR C 374 21.07 -26.88 -3.26
N ASP C 375 20.95 -27.61 -4.36
CA ASP C 375 21.72 -28.82 -4.52
C ASP C 375 23.19 -28.46 -4.45
N ALA C 376 23.53 -27.28 -4.98
CA ALA C 376 24.91 -26.82 -4.94
C ALA C 376 25.33 -26.84 -3.48
N ASP C 377 24.50 -26.27 -2.62
CA ASP C 377 24.76 -26.21 -1.19
C ASP C 377 24.92 -27.59 -0.55
N ARG C 378 24.04 -28.51 -0.92
CA ARG C 378 24.10 -29.86 -0.36
C ARG C 378 25.35 -30.64 -0.71
N LYS C 379 25.91 -30.39 -1.90
CA LYS C 379 27.13 -31.09 -2.31
C LYS C 379 28.29 -30.59 -1.45
N LEU C 380 28.33 -29.28 -1.24
CA LEU C 380 29.39 -28.68 -0.43
C LEU C 380 29.28 -29.19 1.01
N LEU C 381 28.06 -29.34 1.50
CA LEU C 381 27.87 -29.86 2.86
C LEU C 381 28.31 -31.33 2.88
N ALA C 382 27.83 -32.11 1.91
CA ALA C 382 28.17 -33.52 1.85
C ALA C 382 29.68 -33.67 1.73
N ALA C 383 30.28 -32.84 0.87
CA ALA C 383 31.72 -32.87 0.65
C ALA C 383 32.52 -32.64 1.92
N LYS C 384 32.11 -31.67 2.74
CA LYS C 384 32.82 -31.37 3.99
C LYS C 384 32.31 -32.16 5.19
N GLY C 385 31.54 -33.21 4.92
CA GLY C 385 31.01 -34.04 6.00
C GLY C 385 30.03 -33.35 6.94
N SER C 386 29.36 -32.30 6.47
CA SER C 386 28.39 -31.59 7.29
C SER C 386 26.96 -32.11 7.03
N VAL C 387 25.97 -31.50 7.67
CA VAL C 387 24.58 -31.93 7.51
C VAL C 387 23.70 -30.84 6.94
N PRO C 388 22.82 -31.20 6.00
CA PRO C 388 21.91 -30.22 5.39
C PRO C 388 20.74 -29.93 6.31
N ILE C 389 20.13 -28.76 6.13
CA ILE C 389 18.96 -28.40 6.94
C ILE C 389 17.82 -29.39 6.70
N GLY C 390 17.18 -29.81 7.79
CA GLY C 390 16.07 -30.74 7.70
C GLY C 390 16.31 -32.01 8.50
N ILE C 391 15.37 -32.94 8.44
CA ILE C 391 15.50 -34.21 9.14
C ILE C 391 16.18 -35.20 8.18
N GLY C 392 17.14 -35.95 8.69
CA GLY C 392 17.86 -36.90 7.85
C GLY C 392 17.19 -38.24 7.63
N LYS C 393 17.85 -39.10 6.85
CA LYS C 393 17.33 -40.42 6.53
C LYS C 393 17.26 -41.29 7.77
N ASN C 394 16.20 -42.09 7.86
CA ASN C 394 16.04 -43.02 8.97
C ASN C 394 16.04 -42.33 10.35
N CYS C 395 15.57 -41.09 10.40
CA CYS C 395 15.50 -40.38 11.67
C CYS C 395 14.19 -40.70 12.36
N HIS C 396 14.24 -40.79 13.68
CA HIS C 396 13.07 -41.07 14.49
C HIS C 396 12.92 -39.88 15.43
N ILE C 397 11.94 -39.01 15.17
CA ILE C 397 11.70 -37.83 15.99
C ILE C 397 10.42 -38.03 16.82
N LYS C 398 10.55 -38.10 18.14
CA LYS C 398 9.38 -38.30 19.00
C LYS C 398 9.24 -37.29 20.16
N ARG C 399 8.03 -36.80 20.37
CA ARG C 399 7.74 -35.82 21.44
C ARG C 399 8.85 -34.76 21.51
N ALA C 400 9.05 -34.06 20.40
CA ALA C 400 10.09 -33.05 20.30
C ALA C 400 9.66 -31.77 19.59
N ILE C 401 10.41 -30.72 19.84
CA ILE C 401 10.21 -29.42 19.20
C ILE C 401 11.54 -29.20 18.49
N ILE C 402 11.52 -29.15 17.17
CA ILE C 402 12.76 -28.92 16.42
C ILE C 402 12.68 -27.49 15.95
N ASP C 403 13.59 -26.64 16.43
CA ASP C 403 13.53 -25.24 16.03
C ASP C 403 14.06 -25.04 14.62
N LYS C 404 13.94 -23.82 14.13
CA LYS C 404 14.36 -23.45 12.79
C LYS C 404 15.76 -23.84 12.33
N ASN C 405 15.83 -24.24 11.06
CA ASN C 405 17.08 -24.60 10.40
C ASN C 405 17.93 -25.65 11.10
N ALA C 406 17.31 -26.52 11.87
CA ALA C 406 18.07 -27.55 12.56
C ALA C 406 18.62 -28.48 11.50
N ARG C 407 19.77 -29.06 11.79
CA ARG C 407 20.46 -29.99 10.90
C ARG C 407 20.53 -31.35 11.58
N ILE C 408 19.55 -32.19 11.32
CA ILE C 408 19.52 -33.51 11.93
C ILE C 408 20.12 -34.54 10.98
N GLY C 409 21.24 -35.13 11.38
CA GLY C 409 21.88 -36.13 10.54
C GLY C 409 21.17 -37.46 10.53
N ASP C 410 21.48 -38.29 9.53
CA ASP C 410 20.88 -39.61 9.40
C ASP C 410 20.95 -40.50 10.65
N ASN C 411 19.94 -41.36 10.80
CA ASN C 411 19.87 -42.32 11.91
C ASN C 411 19.80 -41.70 13.30
N VAL C 412 19.50 -40.42 13.36
CA VAL C 412 19.40 -39.78 14.65
C VAL C 412 18.08 -40.21 15.29
N LYS C 413 18.12 -40.55 16.58
CA LYS C 413 16.92 -40.99 17.28
C LYS C 413 16.63 -40.06 18.46
N ILE C 414 15.63 -39.21 18.31
CA ILE C 414 15.24 -38.31 19.39
C ILE C 414 14.01 -38.95 20.05
N ILE C 415 14.27 -39.92 20.91
CA ILE C 415 13.25 -40.70 21.58
C ILE C 415 13.23 -40.60 23.11
N ASN C 416 14.36 -40.23 23.71
CA ASN C 416 14.45 -40.11 25.17
C ASN C 416 14.14 -41.47 25.80
N LYS C 417 15.09 -42.39 25.67
CA LYS C 417 14.94 -43.74 26.19
C LYS C 417 14.69 -43.77 27.71
N ASP C 418 15.51 -43.03 28.45
CA ASP C 418 15.42 -42.99 29.91
C ASP C 418 14.34 -42.07 30.48
N ASN C 419 13.40 -41.64 29.65
CA ASN C 419 12.30 -40.78 30.07
C ASN C 419 12.71 -39.60 30.97
N VAL C 420 13.88 -39.02 30.69
CA VAL C 420 14.36 -37.88 31.48
C VAL C 420 13.33 -36.77 31.32
N GLN C 421 12.98 -36.11 32.43
CA GLN C 421 11.98 -35.05 32.37
C GLN C 421 12.56 -33.67 32.14
N GLU C 422 13.71 -33.41 32.78
CA GLU C 422 14.37 -32.13 32.66
C GLU C 422 15.86 -32.34 32.42
N ALA C 423 16.45 -31.49 31.61
CA ALA C 423 17.88 -31.59 31.31
C ALA C 423 18.29 -30.41 30.44
N ALA C 424 19.40 -29.79 30.78
CA ALA C 424 19.89 -28.66 30.00
C ALA C 424 21.17 -29.11 29.35
N ARG C 425 21.25 -28.99 28.03
CA ARG C 425 22.45 -29.39 27.30
C ARG C 425 22.65 -28.54 26.05
N GLU C 426 22.74 -27.22 26.22
CA GLU C 426 22.91 -26.30 25.09
C GLU C 426 24.08 -26.67 24.17
N THR C 427 25.21 -27.02 24.76
CA THR C 427 26.38 -27.36 23.97
C THR C 427 26.10 -28.58 23.08
N ASP C 428 25.11 -29.38 23.45
CA ASP C 428 24.74 -30.55 22.66
C ASP C 428 23.65 -30.16 21.66
N GLY C 429 23.07 -28.99 21.87
CA GLY C 429 22.03 -28.49 20.96
C GLY C 429 20.59 -28.77 21.33
N TYR C 430 20.33 -29.07 22.60
CA TYR C 430 18.95 -29.35 22.99
C TYR C 430 18.72 -29.27 24.49
N PHE C 431 17.46 -29.05 24.85
CA PHE C 431 17.03 -28.99 26.23
C PHE C 431 15.89 -29.98 26.34
N ILE C 432 15.66 -30.51 27.53
CA ILE C 432 14.54 -31.41 27.72
C ILE C 432 13.73 -30.80 28.85
N LYS C 433 12.44 -30.63 28.62
CA LYS C 433 11.55 -30.04 29.62
C LYS C 433 10.21 -30.76 29.54
N SER C 434 9.75 -31.27 30.68
CA SER C 434 8.49 -31.99 30.73
C SER C 434 8.58 -33.20 29.80
N GLY C 435 9.78 -33.76 29.67
CA GLY C 435 9.95 -34.90 28.79
C GLY C 435 9.88 -34.52 27.32
N ILE C 436 9.93 -33.23 27.05
CA ILE C 436 9.90 -32.73 25.68
C ILE C 436 11.30 -32.27 25.25
N VAL C 437 11.85 -32.94 24.22
CA VAL C 437 13.17 -32.56 23.72
C VAL C 437 13.01 -31.37 22.79
N THR C 438 13.83 -30.34 22.99
CA THR C 438 13.75 -29.18 22.12
C THR C 438 15.12 -28.96 21.52
N VAL C 439 15.22 -29.12 20.19
CA VAL C 439 16.49 -28.92 19.51
C VAL C 439 16.60 -27.43 19.22
N ILE C 440 17.72 -26.83 19.59
CA ILE C 440 17.91 -25.39 19.40
C ILE C 440 18.06 -24.97 17.95
N LYS C 441 17.63 -23.74 17.65
CA LYS C 441 17.74 -23.19 16.31
C LYS C 441 19.17 -23.36 15.76
N ASP C 442 19.28 -23.68 14.47
CA ASP C 442 20.55 -23.90 13.77
C ASP C 442 21.42 -25.02 14.35
N ALA C 443 20.93 -25.73 15.36
CA ALA C 443 21.70 -26.79 15.96
C ALA C 443 22.04 -27.89 14.96
N LEU C 444 23.23 -28.45 15.13
CA LEU C 444 23.73 -29.52 14.28
C LEU C 444 23.80 -30.78 15.12
N ILE C 445 22.94 -31.73 14.84
CA ILE C 445 22.95 -32.98 15.57
C ILE C 445 23.49 -34.05 14.62
N PRO C 446 24.76 -34.45 14.82
CA PRO C 446 25.42 -35.47 13.98
C PRO C 446 24.69 -36.80 13.89
N SER C 447 24.92 -37.53 12.80
CA SER C 447 24.28 -38.82 12.55
C SER C 447 24.58 -39.92 13.57
N GLY C 448 23.59 -40.77 13.82
CA GLY C 448 23.76 -41.85 14.78
C GLY C 448 23.47 -41.45 16.22
N ILE C 449 23.49 -40.14 16.49
CA ILE C 449 23.25 -39.60 17.82
C ILE C 449 21.88 -39.99 18.39
N ILE C 450 21.89 -40.57 19.59
CA ILE C 450 20.64 -40.98 20.21
C ILE C 450 20.29 -40.14 21.43
N ILE C 451 19.21 -39.37 21.33
CA ILE C 451 18.76 -38.55 22.45
C ILE C 451 17.56 -39.22 23.14
N CYS D 12 21.43 -4.42 -17.43
CA CYS D 12 21.74 -2.96 -17.38
C CYS D 12 20.89 -2.13 -18.32
N LEU D 13 19.72 -1.70 -17.86
CA LEU D 13 18.84 -0.88 -18.68
C LEU D 13 18.93 0.56 -18.21
N ASP D 14 18.96 1.48 -19.16
CA ASP D 14 19.04 2.91 -18.86
C ASP D 14 18.47 3.72 -20.02
N PRO D 15 17.31 4.38 -19.80
CA PRO D 15 16.53 4.43 -18.55
C PRO D 15 16.00 3.08 -18.03
N ASP D 16 15.60 3.07 -16.77
CA ASP D 16 15.07 1.88 -16.10
C ASP D 16 13.83 1.33 -16.79
N ALA D 17 13.66 0.02 -16.68
CA ALA D 17 12.49 -0.64 -17.28
C ALA D 17 11.23 -0.17 -16.58
N SER D 18 11.24 -0.13 -15.26
CA SER D 18 10.07 0.30 -14.50
C SER D 18 9.58 1.68 -14.94
N ARG D 19 10.51 2.50 -15.39
CA ARG D 19 10.17 3.86 -15.83
C ARG D 19 9.90 3.98 -17.33
N SER D 20 10.65 3.21 -18.13
CA SER D 20 10.54 3.29 -19.58
C SER D 20 9.83 2.18 -20.34
N VAL D 21 9.28 1.19 -19.64
CA VAL D 21 8.59 0.10 -20.33
C VAL D 21 7.17 -0.20 -19.85
N LEU D 22 6.26 -0.31 -20.81
CA LEU D 22 4.86 -0.62 -20.52
C LEU D 22 4.59 -2.08 -20.88
N GLY D 23 4.12 -2.85 -19.91
CA GLY D 23 3.79 -4.25 -20.16
C GLY D 23 2.33 -4.37 -20.56
N ILE D 24 2.08 -5.12 -21.63
CA ILE D 24 0.73 -5.34 -22.15
C ILE D 24 0.53 -6.82 -22.37
N ILE D 25 -0.23 -7.44 -21.46
CA ILE D 25 -0.50 -8.86 -21.51
C ILE D 25 -1.79 -9.11 -22.26
N LEU D 26 -1.76 -10.01 -23.25
CA LEU D 26 -2.92 -10.32 -24.06
C LEU D 26 -3.56 -11.65 -23.71
N GLY D 27 -4.60 -11.61 -22.88
CA GLY D 27 -5.28 -12.83 -22.50
C GLY D 27 -6.69 -12.90 -23.08
N GLY D 28 -7.63 -13.41 -22.28
CA GLY D 28 -9.00 -13.52 -22.72
C GLY D 28 -9.08 -14.18 -24.07
N GLY D 29 -9.31 -13.37 -25.10
CA GLY D 29 -9.40 -13.86 -26.47
C GLY D 29 -10.13 -15.17 -26.73
N ALA D 30 -11.45 -15.09 -26.88
CA ALA D 30 -12.30 -16.26 -27.16
C ALA D 30 -12.28 -17.36 -26.10
N GLY D 31 -11.10 -17.93 -25.85
CA GLY D 31 -10.98 -18.99 -24.86
C GLY D 31 -11.96 -20.11 -25.08
N THR D 32 -11.79 -20.83 -26.19
CA THR D 32 -12.69 -21.94 -26.52
C THR D 32 -11.96 -23.28 -26.59
N ARG D 33 -10.64 -23.26 -26.39
CA ARG D 33 -9.86 -24.48 -26.41
C ARG D 33 -9.83 -25.08 -25.02
N LEU D 34 -9.83 -24.21 -24.02
CA LEU D 34 -9.81 -24.67 -22.64
C LEU D 34 -11.19 -24.86 -22.04
N TYR D 35 -12.20 -25.00 -22.89
CA TYR D 35 -13.57 -25.23 -22.44
C TYR D 35 -13.52 -26.60 -21.75
N PRO D 36 -14.25 -26.79 -20.64
CA PRO D 36 -15.13 -25.84 -19.95
C PRO D 36 -14.49 -25.01 -18.83
N LEU D 37 -13.16 -25.06 -18.70
CA LEU D 37 -12.48 -24.29 -17.64
C LEU D 37 -12.71 -22.80 -17.84
N THR D 38 -13.00 -22.41 -19.07
CA THR D 38 -13.25 -21.01 -19.38
C THR D 38 -14.75 -20.75 -19.58
N LYS D 39 -15.58 -21.71 -19.17
CA LYS D 39 -17.02 -21.58 -19.30
C LYS D 39 -17.51 -20.41 -18.47
N LYS D 40 -17.47 -20.59 -17.15
CA LYS D 40 -17.95 -19.58 -16.22
C LYS D 40 -16.85 -18.71 -15.59
N ARG D 41 -15.93 -18.21 -16.41
CA ARG D 41 -14.85 -17.36 -15.90
C ARG D 41 -14.01 -16.77 -17.02
N ALA D 42 -13.18 -15.78 -16.66
CA ALA D 42 -12.28 -15.13 -17.61
C ALA D 42 -11.05 -16.01 -17.75
N LYS D 43 -10.50 -16.06 -18.96
CA LYS D 43 -9.35 -16.90 -19.28
C LYS D 43 -8.07 -16.70 -18.45
N PRO D 44 -7.68 -15.44 -18.18
CA PRO D 44 -6.45 -15.25 -17.39
C PRO D 44 -6.64 -15.76 -15.96
N ALA D 45 -7.89 -15.93 -15.56
CA ALA D 45 -8.22 -16.38 -14.21
C ALA D 45 -8.27 -17.88 -14.02
N VAL D 46 -8.07 -18.65 -15.08
CA VAL D 46 -8.09 -20.11 -14.95
C VAL D 46 -7.04 -20.53 -13.93
N PRO D 47 -7.44 -21.34 -12.93
CA PRO D 47 -6.58 -21.88 -11.86
C PRO D 47 -5.37 -22.67 -12.40
N LEU D 48 -4.25 -22.57 -11.69
CA LEU D 48 -3.03 -23.24 -12.11
C LEU D 48 -2.15 -23.66 -10.95
N GLY D 49 -1.62 -24.88 -11.06
CA GLY D 49 -0.72 -25.44 -10.08
C GLY D 49 -1.04 -25.43 -8.60
N ALA D 50 -2.31 -25.65 -8.24
CA ALA D 50 -2.73 -25.67 -6.84
C ALA D 50 -3.00 -24.32 -6.19
N ASN D 51 -2.12 -23.33 -6.40
CA ASN D 51 -2.30 -22.02 -5.78
C ASN D 51 -2.26 -20.80 -6.70
N TYR D 52 -2.19 -21.00 -8.01
CA TYR D 52 -2.09 -19.85 -8.90
C TYR D 52 -3.20 -19.72 -9.94
N ARG D 53 -3.01 -18.79 -10.86
CA ARG D 53 -3.94 -18.57 -11.95
C ARG D 53 -3.05 -18.30 -13.15
N LEU D 54 -3.55 -18.53 -14.35
CA LEU D 54 -2.74 -18.32 -15.54
C LEU D 54 -2.04 -16.97 -15.55
N ILE D 55 -2.83 -15.92 -15.32
CA ILE D 55 -2.35 -14.56 -15.33
C ILE D 55 -1.11 -14.30 -14.48
N ASP D 56 -0.85 -15.13 -13.47
CA ASP D 56 0.29 -14.92 -12.61
C ASP D 56 1.64 -15.13 -13.27
N ILE D 57 1.69 -16.00 -14.28
CA ILE D 57 2.94 -16.25 -14.97
C ILE D 57 3.49 -14.99 -15.65
N PRO D 58 2.73 -14.37 -16.57
CA PRO D 58 3.24 -13.17 -17.23
C PRO D 58 3.39 -11.93 -16.32
N VAL D 59 2.44 -11.74 -15.41
CA VAL D 59 2.52 -10.63 -14.48
C VAL D 59 3.75 -10.77 -13.58
N SER D 60 4.01 -12.00 -13.13
CA SER D 60 5.15 -12.26 -12.26
C SER D 60 6.47 -12.10 -13.00
N ASN D 61 6.52 -12.54 -14.25
CA ASN D 61 7.75 -12.38 -15.03
C ASN D 61 8.01 -10.89 -15.26
N CYS D 62 6.96 -10.11 -15.48
CA CYS D 62 7.11 -8.67 -15.66
C CYS D 62 7.70 -8.04 -14.40
N LEU D 63 7.03 -8.26 -13.27
CA LEU D 63 7.45 -7.70 -11.99
C LEU D 63 8.89 -8.05 -11.62
N ASN D 64 9.29 -9.30 -11.85
CA ASN D 64 10.64 -9.73 -11.54
C ASN D 64 11.64 -9.21 -12.59
N SER D 65 11.11 -8.59 -13.64
CA SER D 65 11.92 -8.04 -14.71
C SER D 65 11.91 -6.50 -14.59
N ASN D 66 11.55 -6.03 -13.41
CA ASN D 66 11.50 -4.60 -13.11
C ASN D 66 10.44 -3.84 -13.91
N ILE D 67 9.51 -4.56 -14.54
CA ILE D 67 8.45 -3.90 -15.30
C ILE D 67 7.22 -3.75 -14.41
N SER D 68 7.05 -2.54 -13.86
CA SER D 68 5.96 -2.25 -12.94
C SER D 68 4.68 -1.64 -13.48
N LYS D 69 4.66 -1.27 -14.75
CA LYS D 69 3.46 -0.71 -15.37
C LYS D 69 2.90 -1.81 -16.26
N ILE D 70 1.76 -2.36 -15.86
CA ILE D 70 1.18 -3.48 -16.58
C ILE D 70 -0.31 -3.42 -16.90
N TYR D 71 -0.65 -3.65 -18.16
CA TYR D 71 -2.04 -3.68 -18.58
C TYR D 71 -2.34 -5.13 -18.94
N VAL D 72 -3.51 -5.63 -18.53
CA VAL D 72 -3.92 -7.00 -18.81
C VAL D 72 -5.17 -6.93 -19.67
N LEU D 73 -5.05 -7.31 -20.94
CA LEU D 73 -6.20 -7.28 -21.85
C LEU D 73 -6.98 -8.59 -21.78
N THR D 74 -8.30 -8.46 -21.62
CA THR D 74 -9.13 -9.65 -21.54
C THR D 74 -10.44 -9.39 -22.29
N GLN D 75 -11.19 -10.46 -22.56
CA GLN D 75 -12.43 -10.31 -23.30
C GLN D 75 -13.48 -9.46 -22.57
N PHE D 76 -13.67 -9.73 -21.27
CA PHE D 76 -14.66 -8.99 -20.48
C PHE D 76 -14.26 -8.87 -19.01
N ASN D 77 -14.85 -7.91 -18.32
CA ASN D 77 -14.56 -7.69 -16.92
C ASN D 77 -14.92 -8.87 -16.05
N SER D 78 -14.25 -8.96 -14.90
CA SER D 78 -14.50 -10.02 -13.95
C SER D 78 -14.04 -9.56 -12.58
N ALA D 79 -15.00 -9.33 -11.69
CA ALA D 79 -14.71 -8.89 -10.32
C ALA D 79 -13.70 -9.83 -9.68
N SER D 80 -13.87 -11.13 -9.95
CA SER D 80 -12.99 -12.16 -9.42
C SER D 80 -11.52 -11.96 -9.83
N LEU D 81 -11.29 -11.80 -11.12
CA LEU D 81 -9.94 -11.61 -11.66
C LEU D 81 -9.35 -10.32 -11.09
N ASN D 82 -10.17 -9.26 -11.05
CA ASN D 82 -9.72 -7.99 -10.51
C ASN D 82 -9.35 -8.16 -9.05
N ARG D 83 -10.20 -8.86 -8.31
CA ARG D 83 -9.94 -9.12 -6.92
C ARG D 83 -8.56 -9.78 -6.83
N HIS D 84 -8.34 -10.82 -7.64
CA HIS D 84 -7.05 -11.52 -7.63
C HIS D 84 -5.86 -10.60 -7.93
N LEU D 85 -5.98 -9.80 -8.98
CA LEU D 85 -4.90 -8.89 -9.35
C LEU D 85 -4.74 -7.76 -8.34
N SER D 86 -5.86 -7.23 -7.87
CA SER D 86 -5.86 -6.16 -6.87
C SER D 86 -5.14 -6.61 -5.61
N ARG D 87 -5.63 -7.69 -5.01
CA ARG D 87 -5.04 -8.21 -3.79
C ARG D 87 -3.60 -8.70 -3.93
N ALA D 88 -3.21 -9.11 -5.14
CA ALA D 88 -1.85 -9.63 -5.34
C ALA D 88 -0.78 -8.60 -5.74
N TYR D 89 -1.16 -7.54 -6.45
CA TYR D 89 -0.19 -6.55 -6.88
C TYR D 89 -0.66 -5.11 -6.65
N GLU D 99 2.92 5.73 -9.78
CA GLU D 99 4.04 4.88 -10.15
C GLU D 99 3.55 3.63 -10.89
N GLY D 100 3.75 2.47 -10.27
CA GLY D 100 3.34 1.22 -10.89
C GLY D 100 1.85 0.96 -10.82
N PHE D 101 1.42 -0.09 -11.51
CA PHE D 101 0.01 -0.51 -11.55
C PHE D 101 -0.15 -1.79 -12.37
N VAL D 102 -1.28 -2.47 -12.15
CA VAL D 102 -1.63 -3.69 -12.88
C VAL D 102 -3.12 -3.50 -13.12
N GLU D 103 -3.49 -3.04 -14.31
CA GLU D 103 -4.89 -2.80 -14.63
C GLU D 103 -5.44 -3.70 -15.75
N VAL D 104 -6.67 -4.19 -15.55
CA VAL D 104 -7.35 -5.04 -16.51
C VAL D 104 -8.12 -4.15 -17.47
N LEU D 105 -8.00 -4.47 -18.77
CA LEU D 105 -8.67 -3.71 -19.82
C LEU D 105 -9.60 -4.61 -20.64
N ALA D 106 -10.91 -4.50 -20.43
CA ALA D 106 -11.88 -5.33 -21.13
C ALA D 106 -12.15 -4.90 -22.56
N ALA D 107 -12.26 -5.88 -23.44
CA ALA D 107 -12.53 -5.64 -24.85
C ALA D 107 -14.02 -5.38 -25.08
N GLN D 108 -14.87 -6.10 -24.34
CA GLN D 108 -16.31 -5.96 -24.50
C GLN D 108 -16.99 -5.53 -23.20
N GLN D 109 -18.23 -5.07 -23.32
CA GLN D 109 -18.96 -4.63 -22.15
C GLN D 109 -19.87 -5.71 -21.59
N SER D 110 -19.69 -6.94 -22.06
CA SER D 110 -20.50 -8.07 -21.61
C SER D 110 -19.82 -9.41 -21.90
N PRO D 111 -20.15 -10.46 -21.12
CA PRO D 111 -19.56 -11.79 -21.32
C PRO D 111 -20.26 -12.59 -22.42
N GLU D 112 -21.28 -11.99 -23.03
CA GLU D 112 -22.03 -12.65 -24.10
C GLU D 112 -21.31 -12.49 -25.44
N GLN D 118 -10.76 -10.27 -30.23
CA GLN D 118 -10.52 -10.67 -31.62
C GLN D 118 -9.02 -10.77 -31.86
N GLY D 119 -8.57 -10.26 -33.02
CA GLY D 119 -7.16 -10.32 -33.32
C GLY D 119 -6.30 -9.71 -32.23
N THR D 120 -5.03 -10.11 -32.17
CA THR D 120 -4.12 -9.57 -31.16
C THR D 120 -3.83 -8.09 -31.34
N ALA D 121 -3.77 -7.64 -32.59
CA ALA D 121 -3.49 -6.25 -32.90
C ALA D 121 -4.75 -5.40 -32.72
N ASP D 122 -5.90 -6.02 -32.93
CA ASP D 122 -7.17 -5.34 -32.75
C ASP D 122 -7.31 -5.01 -31.26
N ALA D 123 -6.97 -6.00 -30.44
CA ALA D 123 -7.05 -5.86 -29.00
C ALA D 123 -6.20 -4.68 -28.56
N VAL D 124 -4.97 -4.62 -29.07
CA VAL D 124 -4.05 -3.56 -28.73
C VAL D 124 -4.51 -2.23 -29.32
N ARG D 125 -4.87 -2.25 -30.60
CA ARG D 125 -5.30 -1.01 -31.24
C ARG D 125 -6.39 -0.32 -30.44
N GLN D 126 -7.39 -1.09 -30.01
CA GLN D 126 -8.52 -0.56 -29.26
C GLN D 126 -8.15 0.39 -28.12
N TYR D 127 -7.03 0.14 -27.46
CA TYR D 127 -6.59 0.98 -26.36
C TYR D 127 -5.36 1.82 -26.66
N LEU D 128 -5.15 2.08 -27.94
CA LEU D 128 -4.01 2.88 -28.38
C LEU D 128 -4.05 4.22 -27.68
N TRP D 129 -5.26 4.78 -27.56
CA TRP D 129 -5.45 6.08 -26.91
C TRP D 129 -4.90 6.11 -25.50
N LEU D 130 -4.94 4.97 -24.83
CA LEU D 130 -4.45 4.88 -23.46
C LEU D 130 -2.95 4.59 -23.43
N PHE D 131 -2.52 3.54 -24.13
CA PHE D 131 -1.10 3.15 -24.18
C PHE D 131 -0.21 4.34 -24.58
N GLU D 132 -0.64 5.04 -25.62
CA GLU D 132 0.07 6.20 -26.15
C GLU D 132 0.43 7.26 -25.12
N GLU D 133 -0.47 7.49 -24.16
CA GLU D 133 -0.26 8.52 -23.14
C GLU D 133 0.89 8.26 -22.18
N HIS D 134 1.44 7.06 -22.19
CA HIS D 134 2.53 6.73 -21.29
C HIS D 134 3.85 7.11 -21.93
N THR D 135 4.74 7.70 -21.14
CA THR D 135 6.05 8.11 -21.63
C THR D 135 7.04 6.96 -21.49
N VAL D 136 6.94 6.00 -22.39
CA VAL D 136 7.82 4.84 -22.36
C VAL D 136 8.57 4.73 -23.69
N LEU D 137 9.73 4.09 -23.66
CA LEU D 137 10.49 3.91 -24.87
C LEU D 137 9.89 2.76 -25.65
N GLU D 138 9.47 1.72 -24.95
CA GLU D 138 8.90 0.55 -25.62
C GLU D 138 7.72 -0.11 -24.92
N TYR D 139 6.99 -0.88 -25.69
CA TYR D 139 5.86 -1.63 -25.18
C TYR D 139 6.27 -3.10 -25.23
N LEU D 140 6.03 -3.80 -24.13
CA LEU D 140 6.35 -5.23 -24.07
C LEU D 140 5.02 -5.93 -24.32
N ILE D 141 4.95 -6.69 -25.41
CA ILE D 141 3.73 -7.42 -25.80
C ILE D 141 3.84 -8.88 -25.42
N LEU D 142 3.03 -9.33 -24.45
CA LEU D 142 3.05 -10.73 -24.01
C LEU D 142 1.74 -11.40 -24.40
N ALA D 143 1.78 -12.29 -25.38
CA ALA D 143 0.56 -12.95 -25.83
C ALA D 143 0.60 -14.47 -25.79
N GLY D 144 -0.56 -15.06 -25.55
CA GLY D 144 -0.66 -16.51 -25.48
C GLY D 144 -0.52 -17.02 -24.06
N ASP D 145 -0.99 -18.24 -23.84
CA ASP D 145 -0.90 -18.87 -22.53
C ASP D 145 0.23 -19.89 -22.57
N HIS D 146 1.33 -19.55 -21.90
CA HIS D 146 2.48 -20.43 -21.85
C HIS D 146 3.17 -20.39 -20.49
N LEU D 147 3.70 -21.53 -20.10
CA LEU D 147 4.42 -21.66 -18.85
C LEU D 147 5.87 -21.34 -19.18
N TYR D 148 6.47 -20.43 -18.44
CA TYR D 148 7.86 -20.07 -18.68
C TYR D 148 8.29 -18.89 -17.83
N ARG D 149 9.54 -18.91 -17.44
CA ARG D 149 10.14 -17.84 -16.65
C ARG D 149 11.13 -17.17 -17.59
N MET D 150 11.09 -15.85 -17.65
CA MET D 150 11.99 -15.10 -18.51
C MET D 150 12.28 -13.74 -17.92
N ASP D 151 13.50 -13.25 -18.17
CA ASP D 151 13.91 -11.94 -17.70
C ASP D 151 13.85 -11.01 -18.91
N TYR D 152 12.77 -10.25 -18.99
CA TYR D 152 12.54 -9.35 -20.09
C TYR D 152 13.55 -8.20 -20.22
N GLU D 153 14.44 -8.08 -19.24
CA GLU D 153 15.43 -7.01 -19.27
C GLU D 153 16.54 -7.23 -20.31
N LYS D 154 16.96 -8.47 -20.49
CA LYS D 154 17.98 -8.78 -21.49
C LYS D 154 17.36 -8.67 -22.88
N PHE D 155 16.09 -9.03 -22.95
CA PHE D 155 15.32 -8.98 -24.19
C PHE D 155 15.12 -7.53 -24.61
N ILE D 156 14.94 -6.65 -23.64
CA ILE D 156 14.74 -5.24 -23.94
C ILE D 156 16.09 -4.58 -24.21
N GLN D 157 17.16 -5.17 -23.70
CA GLN D 157 18.50 -4.64 -23.93
C GLN D 157 18.89 -4.93 -25.38
N ALA D 158 18.68 -6.17 -25.81
CA ALA D 158 19.01 -6.56 -27.18
C ALA D 158 18.30 -5.63 -28.15
N HIS D 159 17.05 -5.34 -27.84
CA HIS D 159 16.21 -4.47 -28.67
C HIS D 159 16.78 -3.06 -28.76
N ARG D 160 17.33 -2.58 -27.65
CA ARG D 160 17.87 -1.25 -27.63
C ARG D 160 19.22 -1.18 -28.32
N GLU D 161 20.08 -2.15 -28.03
CA GLU D 161 21.42 -2.18 -28.61
C GLU D 161 21.44 -2.34 -30.12
N THR D 162 20.42 -2.99 -30.67
CA THR D 162 20.37 -3.19 -32.12
C THR D 162 19.55 -2.10 -32.79
N ASP D 163 19.18 -1.08 -32.03
CA ASP D 163 18.39 0.04 -32.52
C ASP D 163 17.26 -0.48 -33.42
N ALA D 164 16.62 -1.56 -32.96
CA ALA D 164 15.53 -2.17 -33.70
C ALA D 164 14.20 -1.43 -33.49
N ASP D 165 13.23 -1.71 -34.36
CA ASP D 165 11.91 -1.11 -34.27
C ASP D 165 11.03 -2.14 -33.55
N ILE D 166 11.36 -3.41 -33.78
CA ILE D 166 10.62 -4.52 -33.19
C ILE D 166 11.55 -5.69 -32.91
N THR D 167 11.56 -6.17 -31.67
CA THR D 167 12.37 -7.34 -31.34
C THR D 167 11.40 -8.49 -31.08
N VAL D 168 11.61 -9.59 -31.79
CA VAL D 168 10.75 -10.76 -31.69
C VAL D 168 11.42 -11.96 -31.03
N ALA D 169 10.92 -12.35 -29.86
CA ALA D 169 11.49 -13.49 -29.14
C ALA D 169 11.46 -14.70 -30.07
N ALA D 170 12.61 -15.37 -30.20
CA ALA D 170 12.74 -16.52 -31.07
C ALA D 170 13.07 -17.82 -30.34
N LEU D 171 12.26 -18.84 -30.61
CA LEU D 171 12.41 -20.15 -30.01
C LEU D 171 13.09 -21.11 -31.00
N PRO D 172 14.24 -21.68 -30.62
CA PRO D 172 14.94 -22.62 -31.52
C PRO D 172 14.15 -23.93 -31.69
N MET D 173 14.27 -24.57 -32.85
CA MET D 173 13.50 -25.78 -33.11
C MET D 173 14.10 -26.71 -34.18
N ASP D 174 13.77 -28.00 -34.07
CA ASP D 174 14.24 -28.99 -35.04
C ASP D 174 13.30 -28.95 -36.26
N GLU D 175 13.67 -29.65 -37.33
CA GLU D 175 12.87 -29.68 -38.55
C GLU D 175 11.51 -30.37 -38.35
N LYS D 176 11.44 -31.32 -37.43
CA LYS D 176 10.18 -32.03 -37.16
C LYS D 176 9.12 -31.04 -36.70
N ARG D 177 9.41 -30.35 -35.61
CA ARG D 177 8.48 -29.36 -35.06
C ARG D 177 8.43 -28.09 -35.91
N ALA D 178 9.59 -27.66 -36.41
CA ALA D 178 9.71 -26.44 -37.21
C ALA D 178 8.65 -26.26 -38.27
N THR D 179 8.43 -27.30 -39.06
CA THR D 179 7.45 -27.24 -40.14
C THR D 179 6.02 -27.01 -39.65
N ALA D 180 5.84 -27.03 -38.33
CA ALA D 180 4.52 -26.84 -37.73
C ALA D 180 4.25 -25.41 -37.25
N PHE D 181 5.29 -24.58 -37.17
CA PHE D 181 5.11 -23.22 -36.70
C PHE D 181 5.43 -22.15 -37.73
N GLY D 182 5.27 -20.90 -37.31
CA GLY D 182 5.57 -19.78 -38.18
C GLY D 182 7.05 -19.50 -37.99
N LEU D 183 7.85 -20.04 -38.91
CA LEU D 183 9.28 -19.87 -38.84
C LEU D 183 9.75 -18.52 -39.35
N MET D 184 10.97 -18.16 -38.98
CA MET D 184 11.56 -16.89 -39.39
C MET D 184 12.98 -17.14 -39.90
N LYS D 185 13.40 -16.31 -40.84
CA LYS D 185 14.74 -16.43 -41.36
C LYS D 185 15.46 -15.15 -41.03
N ILE D 186 16.61 -15.28 -40.38
CA ILE D 186 17.40 -14.11 -40.03
C ILE D 186 18.55 -13.99 -41.01
N ASP D 187 19.46 -13.07 -40.73
CA ASP D 187 20.63 -12.87 -41.58
C ASP D 187 21.82 -12.88 -40.64
N GLU D 188 23.02 -12.72 -41.18
CA GLU D 188 24.24 -12.73 -40.38
C GLU D 188 24.10 -11.82 -39.15
N GLU D 189 23.22 -10.83 -39.26
CA GLU D 189 23.01 -9.85 -38.20
C GLU D 189 21.85 -10.22 -37.29
N GLY D 190 21.19 -11.33 -37.57
CA GLY D 190 20.08 -11.74 -36.75
C GLY D 190 18.78 -11.03 -37.13
N ARG D 191 18.90 -10.02 -37.99
CA ARG D 191 17.74 -9.28 -38.43
C ARG D 191 16.84 -10.18 -39.27
N ILE D 192 15.61 -10.35 -38.82
CA ILE D 192 14.65 -11.19 -39.53
C ILE D 192 14.36 -10.56 -40.87
N ILE D 193 14.39 -11.38 -41.92
CA ILE D 193 14.14 -10.90 -43.28
C ILE D 193 13.00 -11.64 -43.96
N GLU D 194 12.56 -12.75 -43.37
CA GLU D 194 11.46 -13.51 -43.96
C GLU D 194 10.66 -14.30 -42.92
N PHE D 195 9.40 -14.57 -43.23
CA PHE D 195 8.52 -15.33 -42.36
C PHE D 195 7.81 -16.35 -43.25
N ALA D 196 7.27 -17.42 -42.64
CA ALA D 196 6.56 -18.45 -43.40
C ALA D 196 5.76 -19.37 -42.48
N GLU D 197 4.44 -19.38 -42.66
CA GLU D 197 3.56 -20.22 -41.85
C GLU D 197 3.64 -21.69 -42.24
N LYS D 198 4.07 -22.53 -41.29
CA LYS D 198 4.20 -23.97 -41.50
C LYS D 198 4.72 -24.34 -42.90
N PRO D 199 5.90 -23.82 -43.29
CA PRO D 199 6.48 -24.12 -44.60
C PRO D 199 6.99 -25.56 -44.73
N GLN D 200 7.16 -26.02 -45.97
CA GLN D 200 7.62 -27.36 -46.25
C GLN D 200 8.50 -27.38 -47.51
N GLY D 201 8.94 -28.57 -47.91
CA GLY D 201 9.75 -28.72 -49.11
C GLY D 201 10.92 -27.76 -49.26
N GLU D 202 11.10 -27.23 -50.47
CA GLU D 202 12.20 -26.31 -50.75
C GLU D 202 12.01 -25.00 -49.98
N GLN D 203 10.84 -24.83 -49.39
CA GLN D 203 10.55 -23.62 -48.64
C GLN D 203 10.97 -23.76 -47.17
N LEU D 204 10.66 -24.91 -46.56
CA LEU D 204 11.04 -25.16 -45.19
C LEU D 204 12.56 -25.10 -45.10
N GLN D 205 13.22 -25.78 -46.04
CA GLN D 205 14.67 -25.83 -46.12
C GLN D 205 15.26 -24.45 -46.35
N ALA D 206 14.46 -23.56 -46.94
CA ALA D 206 14.89 -22.19 -47.23
C ALA D 206 14.89 -21.31 -45.98
N MET D 207 14.06 -21.67 -45.00
CA MET D 207 13.99 -20.90 -43.76
C MET D 207 15.15 -21.24 -42.85
N LYS D 208 15.58 -22.50 -42.92
CA LYS D 208 16.71 -22.99 -42.11
C LYS D 208 17.77 -21.90 -41.94
N VAL D 209 18.11 -21.60 -40.69
CA VAL D 209 19.10 -20.58 -40.39
C VAL D 209 20.18 -21.15 -39.49
N ASP D 210 21.15 -20.30 -39.14
CA ASP D 210 22.25 -20.69 -38.27
C ASP D 210 21.99 -20.07 -36.91
N THR D 211 21.40 -20.84 -35.99
CA THR D 211 21.09 -20.34 -34.66
C THR D 211 22.29 -19.87 -33.87
N THR D 212 23.49 -20.28 -34.29
CA THR D 212 24.70 -19.86 -33.62
C THR D 212 24.76 -18.33 -33.67
N ILE D 213 24.16 -17.77 -34.70
CA ILE D 213 24.12 -16.30 -34.87
C ILE D 213 23.37 -15.64 -33.72
N LEU D 214 22.28 -16.28 -33.28
CA LEU D 214 21.47 -15.73 -32.20
C LEU D 214 22.04 -16.04 -30.83
N GLY D 215 23.04 -16.90 -30.77
CA GLY D 215 23.67 -17.22 -29.49
C GLY D 215 23.79 -18.67 -29.10
N LEU D 216 23.25 -19.58 -29.90
CA LEU D 216 23.34 -21.00 -29.57
C LEU D 216 24.70 -21.59 -29.93
N ASP D 217 25.06 -22.68 -29.26
CA ASP D 217 26.32 -23.35 -29.54
C ASP D 217 26.10 -24.31 -30.71
N ASP D 218 27.11 -24.42 -31.57
CA ASP D 218 27.04 -25.28 -32.75
C ASP D 218 26.23 -26.56 -32.52
N LYS D 219 26.52 -27.26 -31.42
CA LYS D 219 25.81 -28.50 -31.08
C LYS D 219 24.30 -28.34 -31.20
N ARG D 220 23.74 -27.51 -30.32
CA ARG D 220 22.30 -27.27 -30.31
C ARG D 220 21.85 -26.59 -31.59
N ALA D 221 22.63 -25.63 -32.06
CA ALA D 221 22.30 -24.91 -33.28
C ALA D 221 22.08 -25.85 -34.46
N LYS D 222 22.82 -26.95 -34.49
CA LYS D 222 22.70 -27.90 -35.58
C LYS D 222 21.47 -28.79 -35.37
N GLU D 223 21.20 -29.13 -34.12
CA GLU D 223 20.04 -29.96 -33.77
C GLU D 223 18.75 -29.19 -34.02
N MET D 224 18.84 -27.86 -33.93
CA MET D 224 17.69 -26.98 -34.14
C MET D 224 18.08 -25.80 -35.04
N PRO D 225 18.09 -26.03 -36.37
CA PRO D 225 18.43 -25.05 -37.40
C PRO D 225 17.26 -24.14 -37.81
N PHE D 226 16.19 -24.17 -37.02
CA PHE D 226 15.00 -23.35 -37.28
C PHE D 226 14.59 -22.53 -36.04
N ILE D 227 14.18 -21.29 -36.28
CA ILE D 227 13.74 -20.38 -35.22
C ILE D 227 12.27 -19.99 -35.44
N ALA D 228 11.50 -19.97 -34.36
CA ALA D 228 10.09 -19.62 -34.46
C ALA D 228 9.67 -18.45 -33.58
N SER D 229 8.58 -17.79 -33.96
CA SER D 229 8.06 -16.67 -33.18
C SER D 229 7.40 -17.25 -31.93
N MET D 230 7.45 -16.51 -30.83
CA MET D 230 6.85 -16.96 -29.58
C MET D 230 5.60 -16.16 -29.20
N GLY D 231 5.46 -14.97 -29.77
CA GLY D 231 4.31 -14.15 -29.45
C GLY D 231 4.70 -13.11 -28.43
N ILE D 232 6.01 -12.99 -28.24
CA ILE D 232 6.60 -12.03 -27.31
C ILE D 232 7.37 -10.99 -28.15
N TYR D 233 6.97 -9.72 -28.07
CA TYR D 233 7.65 -8.68 -28.85
C TYR D 233 7.95 -7.42 -28.04
N VAL D 234 9.02 -6.72 -28.41
CA VAL D 234 9.37 -5.45 -27.77
C VAL D 234 9.28 -4.44 -28.90
N ILE D 235 8.25 -3.60 -28.90
CA ILE D 235 8.09 -2.60 -29.94
C ILE D 235 8.33 -1.20 -29.40
N SER D 236 9.02 -0.37 -30.19
CA SER D 236 9.29 0.99 -29.77
C SER D 236 7.96 1.70 -29.76
N LYS D 237 7.82 2.69 -28.88
CA LYS D 237 6.58 3.42 -28.76
C LYS D 237 6.07 3.98 -30.10
N ASP D 238 6.79 4.94 -30.66
CA ASP D 238 6.38 5.55 -31.92
C ASP D 238 6.08 4.53 -33.03
N VAL D 239 6.85 3.44 -33.06
CA VAL D 239 6.68 2.40 -34.07
C VAL D 239 5.31 1.72 -33.99
N MET D 240 4.96 1.23 -32.81
CA MET D 240 3.68 0.53 -32.65
C MET D 240 2.49 1.46 -32.84
N LEU D 241 2.68 2.74 -32.54
CA LEU D 241 1.62 3.73 -32.71
C LEU D 241 1.41 3.96 -34.21
N ASN D 242 2.53 4.03 -34.92
CA ASN D 242 2.56 4.25 -36.37
C ASN D 242 2.11 3.00 -37.13
N LEU D 243 2.63 1.85 -36.73
CA LEU D 243 2.30 0.57 -37.36
C LEU D 243 0.82 0.22 -37.31
N LEU D 244 0.25 0.36 -36.12
CA LEU D 244 -1.14 0.01 -35.88
C LEU D 244 -2.15 1.05 -36.33
N ARG D 245 -1.75 2.31 -36.30
CA ARG D 245 -2.66 3.40 -36.67
C ARG D 245 -2.59 3.79 -38.14
N ASP D 246 -1.39 4.01 -38.66
CA ASP D 246 -1.23 4.42 -40.05
C ASP D 246 -0.94 3.25 -41.00
N LYS D 247 0.26 2.67 -40.86
CA LYS D 247 0.69 1.56 -41.71
C LYS D 247 -0.32 0.43 -41.96
N PHE D 248 -0.73 -0.30 -40.92
CA PHE D 248 -1.68 -1.39 -41.08
C PHE D 248 -2.91 -1.27 -40.18
N PRO D 249 -3.80 -0.31 -40.48
CA PRO D 249 -5.01 -0.09 -39.68
C PRO D 249 -6.02 -1.24 -39.77
N GLY D 250 -5.86 -2.11 -40.75
CA GLY D 250 -6.80 -3.21 -40.92
C GLY D 250 -6.25 -4.56 -40.49
N ALA D 251 -4.98 -4.56 -40.08
CA ALA D 251 -4.33 -5.80 -39.63
C ALA D 251 -5.05 -6.33 -38.38
N ASN D 252 -5.26 -7.64 -38.34
CA ASN D 252 -5.95 -8.24 -37.19
C ASN D 252 -5.00 -8.88 -36.18
N ASP D 253 -3.98 -9.58 -36.65
CA ASP D 253 -3.00 -10.22 -35.78
C ASP D 253 -1.62 -9.59 -35.89
N PHE D 254 -0.89 -9.57 -34.78
CA PHE D 254 0.45 -8.98 -34.74
C PHE D 254 1.47 -9.77 -35.55
N GLY D 255 1.67 -11.03 -35.16
CA GLY D 255 2.64 -11.88 -35.82
C GLY D 255 2.37 -12.26 -37.27
N SER D 256 1.10 -12.45 -37.62
CA SER D 256 0.73 -12.84 -38.97
C SER D 256 0.73 -11.68 -39.96
N GLU D 257 0.61 -10.46 -39.46
CA GLU D 257 0.55 -9.31 -40.35
C GLU D 257 1.45 -8.11 -40.03
N VAL D 258 1.16 -7.41 -38.94
CA VAL D 258 1.93 -6.24 -38.56
C VAL D 258 3.44 -6.46 -38.48
N ILE D 259 3.87 -7.53 -37.81
CA ILE D 259 5.29 -7.82 -37.68
C ILE D 259 5.93 -8.09 -39.04
N PRO D 260 5.36 -9.02 -39.83
CA PRO D 260 5.93 -9.32 -41.15
C PRO D 260 5.89 -8.06 -42.00
N GLY D 261 4.72 -7.43 -42.00
CA GLY D 261 4.52 -6.21 -42.78
C GLY D 261 5.53 -5.10 -42.52
N ALA D 262 5.94 -4.93 -41.27
CA ALA D 262 6.90 -3.89 -40.94
C ALA D 262 8.30 -4.25 -41.44
N THR D 263 8.51 -5.54 -41.71
CA THR D 263 9.80 -6.01 -42.21
C THR D 263 9.89 -5.73 -43.71
N SER D 264 8.79 -5.95 -44.40
CA SER D 264 8.72 -5.73 -45.85
C SER D 264 8.82 -4.24 -46.14
N LEU D 265 8.53 -3.41 -45.13
CA LEU D 265 8.65 -1.96 -45.30
C LEU D 265 10.04 -1.56 -44.87
N GLY D 266 10.90 -2.56 -44.70
CA GLY D 266 12.28 -2.33 -44.32
C GLY D 266 12.57 -1.79 -42.94
N MET D 267 11.79 -2.21 -41.94
CA MET D 267 12.01 -1.77 -40.57
C MET D 267 12.93 -2.76 -39.88
N ARG D 268 13.76 -2.27 -38.96
CA ARG D 268 14.69 -3.11 -38.23
C ARG D 268 13.97 -4.09 -37.29
N VAL D 269 13.63 -5.25 -37.83
CA VAL D 269 12.95 -6.30 -37.06
C VAL D 269 13.98 -7.34 -36.64
N GLN D 270 14.43 -7.23 -35.38
CA GLN D 270 15.44 -8.12 -34.82
C GLN D 270 14.86 -9.33 -34.09
N ALA D 271 15.68 -10.35 -33.91
CA ALA D 271 15.24 -11.56 -33.22
C ALA D 271 16.07 -11.79 -31.97
N TYR D 272 15.42 -12.28 -30.92
CA TYR D 272 16.08 -12.56 -29.65
C TYR D 272 15.91 -14.04 -29.35
N LEU D 273 17.02 -14.73 -29.11
CA LEU D 273 16.98 -16.15 -28.86
C LEU D 273 16.52 -16.48 -27.45
N TYR D 274 15.45 -17.26 -27.37
CA TYR D 274 14.92 -17.69 -26.10
C TYR D 274 15.39 -19.12 -25.88
N ASP D 275 16.14 -19.34 -24.81
CA ASP D 275 16.63 -20.68 -24.52
C ASP D 275 16.30 -21.10 -23.10
N GLY D 276 15.08 -21.59 -22.92
CA GLY D 276 14.64 -22.04 -21.61
C GLY D 276 13.33 -22.81 -21.69
N TYR D 277 12.83 -23.22 -20.53
CA TYR D 277 11.58 -23.99 -20.45
C TYR D 277 10.45 -23.20 -21.11
N TRP D 278 9.66 -23.86 -21.94
CA TRP D 278 8.54 -23.20 -22.60
C TRP D 278 7.44 -24.20 -22.92
N GLU D 279 6.42 -24.29 -22.07
CA GLU D 279 5.35 -25.23 -22.35
C GLU D 279 4.01 -24.59 -22.61
N ASP D 280 3.41 -25.00 -23.73
CA ASP D 280 2.11 -24.49 -24.11
C ASP D 280 1.09 -25.18 -23.22
N ILE D 281 0.03 -24.45 -22.88
CA ILE D 281 -1.03 -24.99 -22.05
C ILE D 281 -2.38 -24.52 -22.58
N GLY D 282 -2.46 -24.34 -23.90
CA GLY D 282 -3.68 -23.90 -24.53
C GLY D 282 -4.80 -24.92 -24.66
N THR D 283 -4.44 -26.21 -24.65
CA THR D 283 -5.43 -27.27 -24.76
C THR D 283 -5.59 -28.05 -23.47
N ILE D 284 -6.76 -28.64 -23.24
CA ILE D 284 -6.98 -29.39 -22.02
C ILE D 284 -5.88 -30.42 -21.80
N GLU D 285 -5.50 -31.14 -22.85
CA GLU D 285 -4.47 -32.14 -22.68
C GLU D 285 -3.11 -31.56 -22.30
N ALA D 286 -2.75 -30.41 -22.87
CA ALA D 286 -1.45 -29.80 -22.58
C ALA D 286 -1.49 -29.11 -21.22
N PHE D 287 -2.66 -28.58 -20.87
CA PHE D 287 -2.86 -27.89 -19.59
C PHE D 287 -2.78 -28.96 -18.49
N TYR D 288 -3.40 -30.10 -18.76
CA TYR D 288 -3.42 -31.20 -17.82
C TYR D 288 -2.00 -31.66 -17.56
N ASN D 289 -1.29 -32.03 -18.61
CA ASN D 289 0.08 -32.51 -18.46
C ASN D 289 1.02 -31.53 -17.79
N ALA D 290 0.85 -30.24 -18.04
CA ALA D 290 1.72 -29.23 -17.43
C ALA D 290 1.55 -29.14 -15.92
N ASN D 291 0.31 -29.20 -15.46
CA ASN D 291 0.00 -29.14 -14.04
C ASN D 291 0.53 -30.36 -13.32
N LEU D 292 0.29 -31.54 -13.88
CA LEU D 292 0.79 -32.76 -13.26
C LEU D 292 2.31 -32.83 -13.39
N GLY D 293 2.86 -31.98 -14.23
CA GLY D 293 4.30 -31.97 -14.42
C GLY D 293 5.09 -31.44 -13.22
N ILE D 294 4.42 -30.76 -12.30
CA ILE D 294 5.14 -30.24 -11.14
C ILE D 294 5.46 -31.37 -10.16
N THR D 295 5.00 -32.58 -10.49
CA THR D 295 5.27 -33.74 -9.65
C THR D 295 6.35 -34.60 -10.33
N LYS D 296 6.93 -34.07 -11.39
CA LYS D 296 7.98 -34.77 -12.13
C LYS D 296 9.10 -35.13 -11.16
N LYS D 297 9.70 -36.29 -11.39
CA LYS D 297 10.78 -36.82 -10.55
C LYS D 297 11.88 -35.79 -10.23
N PRO D 298 12.96 -36.20 -9.51
CA PRO D 298 14.02 -35.25 -9.17
C PRO D 298 13.68 -33.75 -9.23
N VAL D 299 13.83 -33.14 -10.41
CA VAL D 299 13.52 -31.73 -10.57
C VAL D 299 12.54 -31.49 -11.72
N PRO D 300 11.36 -30.95 -11.41
CA PRO D 300 10.40 -30.70 -12.49
C PRO D 300 10.96 -29.65 -13.44
N ASP D 301 10.49 -29.66 -14.68
CA ASP D 301 10.96 -28.71 -15.69
C ASP D 301 10.67 -27.27 -15.29
N PHE D 302 9.57 -27.06 -14.59
CA PHE D 302 9.21 -25.72 -14.15
C PHE D 302 8.78 -25.69 -12.69
N SER D 303 9.43 -24.83 -11.92
CA SER D 303 9.11 -24.67 -10.51
C SER D 303 8.48 -23.29 -10.38
N PHE D 304 7.36 -23.20 -9.65
CA PHE D 304 6.69 -21.92 -9.48
C PHE D 304 7.47 -21.00 -8.54
N TYR D 305 8.22 -21.60 -7.62
CA TYR D 305 9.03 -20.82 -6.70
C TYR D 305 10.43 -20.70 -7.26
N ASP D 306 11.12 -19.65 -6.83
CA ASP D 306 12.49 -19.39 -7.25
C ASP D 306 13.00 -18.33 -6.32
N ARG D 307 14.21 -18.51 -5.79
CA ARG D 307 14.78 -17.53 -4.88
C ARG D 307 14.74 -16.12 -5.48
N SER D 308 15.08 -16.00 -6.76
CA SER D 308 15.10 -14.70 -7.43
C SER D 308 13.79 -14.27 -8.10
N ALA D 309 13.19 -15.15 -8.89
CA ALA D 309 11.94 -14.82 -9.59
C ALA D 309 10.75 -15.71 -9.27
N PRO D 310 10.23 -15.62 -8.04
CA PRO D 310 9.09 -16.45 -7.65
C PRO D 310 7.84 -16.05 -8.42
N ILE D 311 6.90 -16.99 -8.56
CA ILE D 311 5.64 -16.70 -9.22
C ILE D 311 4.78 -16.12 -8.11
N TYR D 312 4.27 -14.92 -8.29
CA TYR D 312 3.46 -14.30 -7.25
C TYR D 312 2.02 -14.72 -7.28
N THR D 313 1.28 -14.36 -6.24
CA THR D 313 -0.13 -14.70 -6.20
C THR D 313 -0.79 -14.06 -4.97
N GLN D 314 -2.11 -14.18 -4.91
CA GLN D 314 -2.88 -13.57 -3.83
C GLN D 314 -2.63 -14.17 -2.45
N PRO D 315 -2.36 -13.30 -1.45
CA PRO D 315 -2.12 -13.75 -0.08
C PRO D 315 -3.51 -14.05 0.51
N ARG D 316 -3.74 -15.29 0.93
CA ARG D 316 -5.05 -15.64 1.42
C ARG D 316 -5.15 -15.95 2.91
N TYR D 317 -4.00 -16.14 3.55
CA TYR D 317 -3.97 -16.46 4.97
C TYR D 317 -4.77 -17.71 5.28
N LEU D 318 -4.60 -18.71 4.42
CA LEU D 318 -5.27 -19.97 4.59
C LEU D 318 -4.45 -20.75 5.59
N PRO D 319 -5.10 -21.60 6.39
CA PRO D 319 -4.40 -22.39 7.39
C PRO D 319 -3.59 -23.52 6.79
N PRO D 320 -2.68 -24.08 7.59
CA PRO D 320 -1.84 -25.19 7.12
C PRO D 320 -2.80 -26.32 6.74
N SER D 321 -2.41 -27.17 5.79
CA SER D 321 -3.26 -28.28 5.37
C SER D 321 -3.35 -29.38 6.42
N LYS D 322 -4.53 -29.96 6.58
CA LYS D 322 -4.73 -31.02 7.54
C LYS D 322 -4.97 -32.35 6.83
N MET D 323 -4.43 -33.41 7.41
CA MET D 323 -4.58 -34.75 6.84
C MET D 323 -4.79 -35.66 8.03
N LEU D 324 -5.95 -36.30 8.09
CA LEU D 324 -6.22 -37.20 9.19
C LEU D 324 -5.51 -38.52 9.02
N ASP D 325 -5.51 -39.05 7.81
CA ASP D 325 -4.86 -40.33 7.53
C ASP D 325 -4.64 -40.51 6.03
N ALA D 326 -3.70 -39.74 5.49
CA ALA D 326 -3.44 -39.77 4.06
C ALA D 326 -2.18 -40.46 3.59
N ASP D 327 -2.33 -41.27 2.54
CA ASP D 327 -1.19 -41.96 1.92
C ASP D 327 -1.00 -41.17 0.64
N VAL D 328 0.04 -40.34 0.62
CA VAL D 328 0.30 -39.48 -0.53
C VAL D 328 1.58 -39.89 -1.23
N THR D 329 1.50 -40.03 -2.55
CA THR D 329 2.67 -40.38 -3.36
C THR D 329 2.68 -39.50 -4.58
N ASP D 330 3.86 -39.04 -4.97
CA ASP D 330 4.05 -38.19 -6.15
C ASP D 330 3.04 -37.09 -6.33
N SER D 331 2.74 -36.30 -5.31
CA SER D 331 1.74 -35.25 -5.48
C SER D 331 2.06 -33.94 -4.77
N VAL D 332 1.38 -32.85 -5.11
CA VAL D 332 1.63 -31.61 -4.39
C VAL D 332 0.33 -31.18 -3.74
N ILE D 333 0.42 -30.64 -2.54
CA ILE D 333 -0.76 -30.19 -1.82
C ILE D 333 -0.74 -28.69 -1.55
N GLY D 334 -1.78 -28.03 -2.02
CA GLY D 334 -1.91 -26.60 -1.86
C GLY D 334 -2.28 -26.16 -0.45
N GLU D 335 -2.70 -24.90 -0.36
CA GLU D 335 -3.05 -24.28 0.92
C GLU D 335 -4.42 -24.60 1.54
N GLY D 336 -4.43 -24.69 2.87
CA GLY D 336 -5.65 -24.92 3.61
C GLY D 336 -6.58 -26.01 3.16
N CYS D 337 -6.01 -27.17 2.86
CA CYS D 337 -6.76 -28.33 2.44
C CYS D 337 -7.17 -29.13 3.67
N VAL D 338 -8.36 -29.74 3.61
CA VAL D 338 -8.83 -30.59 4.71
C VAL D 338 -9.00 -32.00 4.16
N ILE D 339 -8.10 -32.89 4.55
CA ILE D 339 -8.08 -34.25 4.07
C ILE D 339 -8.21 -35.29 5.18
N LYS D 340 -9.21 -36.16 5.05
CA LYS D 340 -9.47 -37.22 6.03
C LYS D 340 -8.61 -38.43 5.69
N ASN D 341 -9.17 -39.63 5.78
CA ASN D 341 -8.38 -40.82 5.44
C ASN D 341 -8.60 -41.08 3.97
N CYS D 342 -7.51 -41.22 3.21
CA CYS D 342 -7.62 -41.43 1.78
C CYS D 342 -6.26 -41.63 1.11
N LYS D 343 -6.32 -41.87 -0.20
CA LYS D 343 -5.12 -42.08 -1.00
C LYS D 343 -5.13 -41.03 -2.08
N ILE D 344 -3.97 -40.41 -2.29
CA ILE D 344 -3.79 -39.36 -3.29
C ILE D 344 -2.54 -39.80 -4.03
N HIS D 345 -2.63 -39.92 -5.35
CA HIS D 345 -1.48 -40.39 -6.11
C HIS D 345 -1.28 -39.59 -7.37
N HIS D 346 -0.03 -39.21 -7.62
CA HIS D 346 0.33 -38.45 -8.80
C HIS D 346 -0.70 -37.36 -9.10
N SER D 347 -1.08 -36.61 -8.06
CA SER D 347 -2.08 -35.57 -8.25
C SER D 347 -1.70 -34.20 -7.70
N VAL D 348 -2.44 -33.17 -8.13
CA VAL D 348 -2.23 -31.81 -7.65
C VAL D 348 -3.50 -31.40 -6.94
N VAL D 349 -3.41 -31.25 -5.63
CA VAL D 349 -4.56 -30.89 -4.80
C VAL D 349 -4.57 -29.38 -4.53
N GLY D 350 -5.54 -28.70 -5.13
CA GLY D 350 -5.67 -27.27 -5.01
C GLY D 350 -6.15 -26.74 -3.68
N LEU D 351 -5.99 -25.43 -3.50
CA LEU D 351 -6.35 -24.74 -2.28
C LEU D 351 -7.78 -24.95 -1.82
N ARG D 352 -7.93 -25.05 -0.50
CA ARG D 352 -9.21 -25.25 0.17
C ARG D 352 -9.94 -26.52 -0.26
N SER D 353 -9.23 -27.50 -0.83
CA SER D 353 -9.92 -28.70 -1.25
C SER D 353 -10.20 -29.67 -0.09
N CYS D 354 -11.46 -30.05 0.05
CA CYS D 354 -11.88 -30.98 1.10
C CYS D 354 -12.04 -32.36 0.46
N ILE D 355 -11.46 -33.36 1.11
CA ILE D 355 -11.52 -34.74 0.61
C ILE D 355 -12.03 -35.63 1.75
N SER D 356 -13.19 -36.25 1.52
CA SER D 356 -13.77 -37.10 2.55
C SER D 356 -13.16 -38.48 2.68
N GLU D 357 -13.61 -39.16 3.73
CA GLU D 357 -13.21 -40.50 4.08
C GLU D 357 -13.28 -41.51 2.93
N GLY D 358 -12.26 -42.36 2.83
CA GLY D 358 -12.24 -43.38 1.81
C GLY D 358 -11.91 -42.97 0.39
N ALA D 359 -11.86 -41.67 0.11
CA ALA D 359 -11.55 -41.19 -1.23
C ALA D 359 -10.22 -41.69 -1.79
N ILE D 360 -10.18 -41.91 -3.11
CA ILE D 360 -8.97 -42.38 -3.75
C ILE D 360 -8.83 -41.45 -4.94
N ILE D 361 -7.71 -40.75 -4.99
CA ILE D 361 -7.47 -39.79 -6.06
C ILE D 361 -6.18 -40.09 -6.80
N GLU D 362 -6.31 -40.33 -8.10
CA GLU D 362 -5.16 -40.67 -8.93
C GLU D 362 -5.08 -39.87 -10.20
N ASP D 363 -3.87 -39.40 -10.53
CA ASP D 363 -3.61 -38.66 -11.75
C ASP D 363 -4.64 -37.59 -12.06
N SER D 364 -5.01 -36.80 -11.06
CA SER D 364 -6.00 -35.78 -11.28
C SER D 364 -5.53 -34.43 -10.79
N LEU D 365 -6.22 -33.39 -11.27
CA LEU D 365 -5.94 -32.02 -10.90
C LEU D 365 -7.15 -31.48 -10.14
N LEU D 366 -7.04 -31.39 -8.83
CA LEU D 366 -8.14 -30.87 -8.05
C LEU D 366 -7.87 -29.36 -7.88
N MET D 367 -8.71 -28.54 -8.47
CA MET D 367 -8.49 -27.09 -8.39
C MET D 367 -8.94 -26.45 -7.09
N GLY D 368 -9.56 -27.23 -6.21
CA GLY D 368 -9.99 -26.70 -4.92
C GLY D 368 -11.29 -25.93 -4.86
N ALA D 369 -11.36 -24.96 -3.96
CA ALA D 369 -12.57 -24.16 -3.76
C ALA D 369 -12.31 -22.69 -3.48
N ASP D 370 -13.31 -21.87 -3.73
CA ASP D 370 -13.19 -20.43 -3.51
C ASP D 370 -13.49 -20.07 -2.06
N TYR D 371 -13.97 -21.04 -1.28
CA TYR D 371 -14.31 -20.80 0.12
C TYR D 371 -14.59 -22.09 0.86
N TYR D 372 -14.76 -22.00 2.18
CA TYR D 372 -15.07 -23.18 2.99
C TYR D 372 -16.56 -23.18 3.40
N GLU D 373 -17.10 -24.37 3.63
CA GLU D 373 -18.48 -24.48 4.08
C GLU D 373 -18.43 -24.82 5.57
N THR D 374 -19.34 -24.25 6.35
CA THR D 374 -19.38 -24.54 7.79
C THR D 374 -20.28 -25.77 7.98
N ASP D 375 -20.19 -26.42 9.14
CA ASP D 375 -21.02 -27.58 9.41
C ASP D 375 -22.49 -27.14 9.38
N ALA D 376 -22.70 -25.84 9.47
CA ALA D 376 -24.04 -25.28 9.44
C ALA D 376 -24.63 -25.43 8.04
N ASP D 377 -23.91 -24.93 7.03
CA ASP D 377 -24.38 -25.04 5.65
C ASP D 377 -24.34 -26.50 5.24
N ARG D 378 -23.44 -27.25 5.87
CA ARG D 378 -23.25 -28.67 5.58
C ARG D 378 -24.47 -29.49 5.99
N LYS D 379 -24.72 -29.56 7.29
CA LYS D 379 -25.86 -30.30 7.82
C LYS D 379 -27.17 -29.60 7.50
N LEU D 380 -27.20 -28.93 6.36
CA LEU D 380 -28.37 -28.21 5.89
C LEU D 380 -28.55 -28.61 4.44
N LEU D 381 -27.47 -29.13 3.86
CA LEU D 381 -27.47 -29.59 2.48
C LEU D 381 -27.87 -31.06 2.51
N ALA D 382 -27.24 -31.79 3.44
CA ALA D 382 -27.53 -33.20 3.61
C ALA D 382 -29.02 -33.35 3.88
N ALA D 383 -29.54 -32.47 4.74
CA ALA D 383 -30.95 -32.49 5.11
C ALA D 383 -31.79 -31.80 4.04
N LYS D 384 -31.17 -31.51 2.89
CA LYS D 384 -31.88 -30.85 1.79
C LYS D 384 -31.68 -31.66 0.50
N GLY D 385 -31.07 -32.83 0.64
CA GLY D 385 -30.82 -33.69 -0.51
C GLY D 385 -29.73 -33.14 -1.42
N SER D 386 -28.83 -32.34 -0.86
CA SER D 386 -27.74 -31.77 -1.64
C SER D 386 -26.40 -32.37 -1.25
N VAL D 387 -25.33 -31.82 -1.81
CA VAL D 387 -23.98 -32.32 -1.56
C VAL D 387 -23.00 -31.20 -1.20
N PRO D 388 -22.21 -31.40 -0.13
CA PRO D 388 -21.24 -30.38 0.27
C PRO D 388 -20.07 -30.33 -0.72
N ILE D 389 -19.43 -29.17 -0.80
CA ILE D 389 -18.29 -28.99 -1.70
C ILE D 389 -17.16 -29.93 -1.32
N GLY D 390 -16.52 -30.50 -2.33
CA GLY D 390 -15.42 -31.42 -2.10
C GLY D 390 -15.63 -32.82 -2.66
N ILE D 391 -14.65 -33.69 -2.45
CA ILE D 391 -14.72 -35.07 -2.91
C ILE D 391 -15.38 -35.89 -1.80
N GLY D 392 -16.45 -36.59 -2.16
CA GLY D 392 -17.19 -37.38 -1.19
C GLY D 392 -16.53 -38.63 -0.66
N LYS D 393 -17.25 -39.34 0.19
CA LYS D 393 -16.77 -40.57 0.80
C LYS D 393 -16.63 -41.70 -0.21
N ASN D 394 -15.55 -42.45 -0.06
CA ASN D 394 -15.23 -43.57 -0.93
C ASN D 394 -15.38 -43.28 -2.41
N CYS D 395 -14.94 -42.10 -2.83
CA CYS D 395 -14.98 -41.74 -4.25
C CYS D 395 -13.69 -42.23 -4.86
N HIS D 396 -13.63 -42.20 -6.19
CA HIS D 396 -12.45 -42.64 -6.90
C HIS D 396 -12.36 -41.65 -8.05
N ILE D 397 -11.22 -40.97 -8.16
CA ILE D 397 -11.06 -40.01 -9.23
C ILE D 397 -9.72 -40.28 -9.90
N LYS D 398 -9.78 -40.57 -11.20
CA LYS D 398 -8.60 -40.88 -12.00
C LYS D 398 -8.64 -40.10 -13.30
N ARG D 399 -7.47 -39.66 -13.77
CA ARG D 399 -7.36 -38.91 -15.01
C ARG D 399 -8.46 -37.86 -15.16
N ALA D 400 -8.64 -37.04 -14.12
CA ALA D 400 -9.67 -36.01 -14.16
C ALA D 400 -9.21 -34.63 -13.67
N ILE D 401 -9.90 -33.60 -14.12
CA ILE D 401 -9.66 -32.22 -13.72
C ILE D 401 -10.93 -31.80 -12.98
N ILE D 402 -10.84 -31.56 -11.68
CA ILE D 402 -12.01 -31.17 -10.91
C ILE D 402 -12.05 -29.66 -10.67
N ASP D 403 -12.78 -28.92 -11.49
CA ASP D 403 -12.82 -27.48 -11.31
C ASP D 403 -13.33 -27.03 -9.94
N LYS D 404 -13.19 -25.74 -9.67
CA LYS D 404 -13.56 -25.10 -8.40
C LYS D 404 -14.97 -25.34 -7.87
N ASN D 405 -15.08 -25.58 -6.57
CA ASN D 405 -16.36 -25.75 -5.92
C ASN D 405 -17.22 -26.91 -6.39
N ALA D 406 -16.62 -27.91 -7.03
CA ALA D 406 -17.38 -29.07 -7.47
C ALA D 406 -17.93 -29.81 -6.26
N ARG D 407 -19.22 -30.13 -6.31
CA ARG D 407 -19.87 -30.86 -5.22
C ARG D 407 -19.99 -32.32 -5.64
N ILE D 408 -19.05 -33.15 -5.22
CA ILE D 408 -19.08 -34.54 -5.61
C ILE D 408 -19.60 -35.45 -4.52
N GLY D 409 -20.76 -36.05 -4.77
CA GLY D 409 -21.40 -36.93 -3.81
C GLY D 409 -20.63 -38.18 -3.47
N ASP D 410 -21.04 -38.85 -2.39
CA ASP D 410 -20.39 -40.06 -1.95
C ASP D 410 -20.48 -41.16 -3.01
N ASN D 411 -19.47 -42.03 -3.03
CA ASN D 411 -19.40 -43.16 -3.95
C ASN D 411 -19.23 -42.86 -5.43
N VAL D 412 -19.18 -41.60 -5.81
CA VAL D 412 -18.98 -41.28 -7.22
C VAL D 412 -17.69 -41.92 -7.68
N LYS D 413 -17.69 -42.43 -8.89
CA LYS D 413 -16.52 -43.06 -9.47
C LYS D 413 -16.32 -42.40 -10.82
N ILE D 414 -15.16 -41.80 -11.03
CA ILE D 414 -14.86 -41.14 -12.29
C ILE D 414 -13.65 -41.85 -12.88
N ILE D 415 -13.90 -42.99 -13.53
CA ILE D 415 -12.81 -43.78 -14.09
C ILE D 415 -12.77 -43.79 -15.60
N ASN D 416 -13.89 -43.47 -16.25
CA ASN D 416 -13.97 -43.49 -17.70
C ASN D 416 -13.44 -44.85 -18.16
N LYS D 417 -14.08 -45.90 -17.66
CA LYS D 417 -13.69 -47.28 -17.98
C LYS D 417 -13.68 -47.60 -19.47
N ASP D 418 -14.51 -46.91 -20.24
CA ASP D 418 -14.59 -47.13 -21.69
C ASP D 418 -13.56 -46.34 -22.49
N ASN D 419 -12.71 -45.61 -21.78
CA ASN D 419 -11.68 -44.81 -22.42
C ASN D 419 -12.23 -43.90 -23.52
N VAL D 420 -13.46 -43.43 -23.30
CA VAL D 420 -14.12 -42.52 -24.23
C VAL D 420 -13.19 -41.33 -24.34
N GLN D 421 -13.00 -40.82 -25.54
CA GLN D 421 -12.10 -39.69 -25.72
C GLN D 421 -12.77 -38.32 -25.64
N GLU D 422 -13.99 -38.23 -26.16
CA GLU D 422 -14.71 -36.96 -26.16
C GLU D 422 -16.17 -37.12 -25.75
N ALA D 423 -16.71 -36.13 -25.03
CA ALA D 423 -18.11 -36.17 -24.57
C ALA D 423 -18.59 -34.86 -23.96
N ALA D 424 -19.55 -34.24 -24.62
CA ALA D 424 -20.12 -32.99 -24.13
C ALA D 424 -21.30 -33.34 -23.24
N ARG D 425 -21.05 -33.47 -21.94
CA ARG D 425 -22.10 -33.80 -20.99
C ARG D 425 -22.40 -32.64 -20.05
N GLU D 426 -22.36 -31.43 -20.59
CA GLU D 426 -22.60 -30.22 -19.80
C GLU D 426 -23.73 -30.37 -18.79
N THR D 427 -24.93 -30.67 -19.27
CA THR D 427 -26.10 -30.82 -18.41
C THR D 427 -25.86 -31.73 -17.20
N ASP D 428 -24.89 -32.62 -17.29
CA ASP D 428 -24.59 -33.52 -16.17
C ASP D 428 -23.38 -33.05 -15.35
N GLY D 429 -22.94 -31.82 -15.60
CA GLY D 429 -21.81 -31.27 -14.86
C GLY D 429 -20.41 -31.62 -15.32
N TYR D 430 -20.26 -32.20 -16.50
CA TYR D 430 -18.92 -32.53 -16.95
C TYR D 430 -18.73 -32.56 -18.45
N PHE D 431 -17.50 -32.80 -18.86
CA PHE D 431 -17.13 -32.79 -20.26
C PHE D 431 -15.88 -33.68 -20.35
N ILE D 432 -15.78 -34.47 -21.40
CA ILE D 432 -14.60 -35.32 -21.53
C ILE D 432 -13.80 -34.88 -22.75
N LYS D 433 -12.50 -34.66 -22.55
CA LYS D 433 -11.63 -34.20 -23.63
C LYS D 433 -10.30 -34.96 -23.56
N SER D 434 -9.84 -35.41 -24.73
CA SER D 434 -8.60 -36.17 -24.86
C SER D 434 -8.51 -37.32 -23.84
N GLY D 435 -9.68 -37.83 -23.47
CA GLY D 435 -9.72 -38.94 -22.53
C GLY D 435 -9.78 -38.46 -21.09
N ILE D 436 -9.63 -37.14 -20.91
CA ILE D 436 -9.63 -36.51 -19.60
C ILE D 436 -11.00 -36.01 -19.24
N VAL D 437 -11.49 -36.40 -18.07
CA VAL D 437 -12.79 -35.95 -17.63
C VAL D 437 -12.58 -34.64 -16.88
N THR D 438 -13.39 -33.64 -17.19
CA THR D 438 -13.30 -32.35 -16.54
C THR D 438 -14.65 -31.97 -15.96
N VAL D 439 -14.71 -31.92 -14.63
CA VAL D 439 -15.94 -31.57 -13.92
C VAL D 439 -16.02 -30.06 -13.85
N ILE D 440 -17.09 -29.52 -14.41
CA ILE D 440 -17.34 -28.08 -14.47
C ILE D 440 -17.39 -27.39 -13.10
N LYS D 441 -16.93 -26.14 -13.06
CA LYS D 441 -16.93 -25.34 -11.85
C LYS D 441 -18.35 -25.28 -11.27
N ASP D 442 -18.47 -25.53 -9.97
CA ASP D 442 -19.77 -25.49 -9.30
C ASP D 442 -20.70 -26.66 -9.63
N ALA D 443 -20.28 -27.56 -10.52
CA ALA D 443 -21.11 -28.69 -10.90
C ALA D 443 -21.47 -29.60 -9.73
N LEU D 444 -22.64 -30.22 -9.79
CA LEU D 444 -23.08 -31.13 -8.74
C LEU D 444 -23.23 -32.54 -9.31
N ILE D 445 -22.32 -33.44 -8.92
CA ILE D 445 -22.37 -34.83 -9.38
C ILE D 445 -23.04 -35.65 -8.28
N PRO D 446 -24.32 -36.02 -8.48
CA PRO D 446 -25.07 -36.80 -7.48
C PRO D 446 -24.34 -38.07 -7.05
N SER D 447 -24.51 -38.45 -5.79
CA SER D 447 -23.85 -39.64 -5.27
C SER D 447 -24.26 -40.92 -6.00
N GLY D 448 -23.29 -41.80 -6.19
CA GLY D 448 -23.55 -43.05 -6.86
C GLY D 448 -23.18 -42.99 -8.32
N ILE D 449 -23.22 -41.80 -8.89
CA ILE D 449 -22.89 -41.63 -10.31
C ILE D 449 -21.54 -42.24 -10.64
N ILE D 450 -21.43 -42.77 -11.87
CA ILE D 450 -20.20 -43.38 -12.34
C ILE D 450 -19.89 -42.76 -13.70
N ILE D 451 -18.62 -42.51 -13.96
CA ILE D 451 -18.17 -41.90 -15.22
C ILE D 451 -16.81 -42.50 -15.61
#